data_5W7B
#
_entry.id   5W7B
#
_cell.length_a   109.522
_cell.length_b   138.806
_cell.length_c   89.530
_cell.angle_alpha   90.00
_cell.angle_beta   90.00
_cell.angle_gamma   90.00
#
_symmetry.space_group_name_H-M   'P 21 21 2'
#
loop_
_entity.id
_entity.type
_entity.pdbx_description
1 polymer 'Acyloxyacyl hydrolase small subunit'
2 polymer 'Acyloxyacyl hydrolase large subunit'
3 branched alpha-L-fucopyranose-(1-6)-2-acetamido-2-deoxy-beta-D-glucopyranose
4 branched '3-deoxy-alpha-D-manno-oct-2-ulopyranosonic acid-(2-6)-2-amino-2-deoxy-beta-D-glucopyranose-(1-6)-2-amino-2-deoxy-alpha-D-glucopyranose'
5 branched 2-acetamido-2-deoxy-beta-D-glucopyranose-(1-4)-[alpha-L-fucopyranose-(1-6)]2-acetamido-2-deoxy-beta-D-glucopyranose
6 branched 2-acetamido-2-deoxy-beta-D-glucopyranose-(1-4)-2-acetamido-2-deoxy-beta-D-glucopyranose
7 non-polymer DI(HYDROXYETHYL)ETHER
8 non-polymer 'TRIETHYLENE GLYCOL'
9 non-polymer '3-HYDROXY-TETRADECANOIC ACID'
10 non-polymer 'MYRISTIC ACID'
11 non-polymer 'CALCIUM ION'
12 non-polymer 'SULFATE ION'
13 non-polymer '2-(N-MORPHOLINO)-ETHANESULFONIC ACID'
14 non-polymer 'PENTAETHYLENE GLYCOL'
15 non-polymer 'PHOSPHATE ION'
16 water water
#
loop_
_entity_poly.entity_id
_entity_poly.type
_entity_poly.pdbx_seq_one_letter_code
_entity_poly.pdbx_strand_id
1 'polypeptide(L)'
;DRHHHHHHKLSRAHDNQPGTIRSDHYTCVGCVLVVSVIEQLAQVHNSTVQASMERLCSYLPEEWVLKTACYMMVHVFGAD
IIKLFDKDVNADVVCHTLEFCKQEPGQPLCHLYPLPKESWKFTLEKARHIVKQSPIMKYTR
;
A,B
2 'polypeptide(L)'
;SGAGICSLPFLAKICQKIKLAIKNSVPIKDVDSDKYSIFPTLRGYHWRGRDCNDSDKTVYPGRRPDNWDAHRDSNCNGIW
GVDPKDGIPYEKKFCEGSQPRGIILLGDAAGAHFHIPPEWLTVSQMSVNSFLNLPTAVTNELDWPQLSGTTGFLDSASKI
KENSIYLRLRKRNRCNHRDYQNISKNGASSRNVKSLIESLSRNQLLDHPAIVIYAMIGNDVCNGRKTDPVSAMTTPEQLY
ANVLKMLEALNSHLPTGSHVILYGLAHGAFLWDTLHSRYHPLGQLNKDVTYTQLYSFLGCLQVSPCPGWMSANETLRALT
SERAQQLSETLRKIAASKKFTNFNLFYLDFAFQEVVEEWQKMGGQPWELIEAVDGFHPNEVALLLFADQLWEKVQRQWPD
VLGKENPFNPQIEEVFGDQGGH
;
C,D
#
loop_
_chem_comp.id
_chem_comp.type
_chem_comp.name
_chem_comp.formula
1PE non-polymer 'PENTAETHYLENE GLYCOL' 'C10 H22 O6'
CA non-polymer 'CALCIUM ION' 'Ca 2'
FTT non-polymer '3-HYDROXY-TETRADECANOIC ACID' 'C14 H28 O3'
FUC L-saccharide, alpha linking alpha-L-fucopyranose 'C6 H12 O5'
GCS D-saccharide, beta linking 2-amino-2-deoxy-beta-D-glucopyranose 'C6 H13 N O5'
KDO D-saccharide, alpha linking '3-deoxy-alpha-D-manno-oct-2-ulopyranosonic acid' 'C8 H14 O8'
MES non-polymer '2-(N-MORPHOLINO)-ETHANESULFONIC ACID' 'C6 H13 N O4 S'
MYR non-polymer 'MYRISTIC ACID' 'C14 H28 O2'
NAG D-saccharide, beta linking 2-acetamido-2-deoxy-beta-D-glucopyranose 'C8 H15 N O6'
PA1 D-saccharide, alpha linking 2-amino-2-deoxy-alpha-D-glucopyranose 'C6 H13 N O5'
PEG non-polymer DI(HYDROXYETHYL)ETHER 'C4 H10 O3'
PGE non-polymer 'TRIETHYLENE GLYCOL' 'C6 H14 O4'
PO4 non-polymer 'PHOSPHATE ION' 'O4 P -3'
SO4 non-polymer 'SULFATE ION' 'O4 S -2'
#
# COMPACT_ATOMS: atom_id res chain seq x y z
N ASP A 24 -16.94 19.43 -7.88
CA ASP A 24 -17.98 20.30 -7.34
C ASP A 24 -19.33 19.61 -7.44
N HIS A 25 -19.73 19.32 -8.67
CA HIS A 25 -20.85 18.43 -8.90
C HIS A 25 -20.46 16.97 -8.70
N TYR A 26 -19.17 16.66 -8.69
CA TYR A 26 -18.68 15.33 -8.30
C TYR A 26 -18.49 15.20 -6.80
N THR A 27 -18.01 16.25 -6.14
CA THR A 27 -17.82 16.16 -4.70
C THR A 27 -19.16 16.08 -3.98
N CYS A 28 -20.19 16.75 -4.51
CA CYS A 28 -21.51 16.58 -3.93
C CYS A 28 -21.94 15.13 -3.97
N VAL A 29 -21.83 14.49 -5.14
CA VAL A 29 -22.23 13.10 -5.26
C VAL A 29 -21.42 12.22 -4.31
N GLY A 30 -20.10 12.41 -4.32
CA GLY A 30 -19.25 11.56 -3.49
C GLY A 30 -19.55 11.73 -2.03
N CYS A 31 -19.82 12.96 -1.60
CA CYS A 31 -20.13 13.22 -0.21
C CYS A 31 -21.43 12.55 0.20
N VAL A 32 -22.47 12.67 -0.64
CA VAL A 32 -23.76 12.06 -0.32
C VAL A 32 -23.63 10.55 -0.25
N LEU A 33 -22.86 9.96 -1.16
CA LEU A 33 -22.63 8.52 -1.13
C LEU A 33 -21.98 8.12 0.19
N VAL A 34 -20.85 8.75 0.53
CA VAL A 34 -20.08 8.37 1.70
C VAL A 34 -20.89 8.61 2.98
N VAL A 35 -21.51 9.79 3.08
CA VAL A 35 -22.29 10.09 4.29
C VAL A 35 -23.48 9.16 4.39
N SER A 36 -24.09 8.80 3.27
CA SER A 36 -25.21 7.87 3.30
C SER A 36 -24.80 6.56 3.94
N VAL A 37 -23.66 6.03 3.51
CA VAL A 37 -23.18 4.75 4.03
C VAL A 37 -22.89 4.88 5.52
N ILE A 38 -22.21 5.96 5.92
CA ILE A 38 -21.89 6.16 7.33
C ILE A 38 -23.18 6.21 8.16
N GLU A 39 -24.16 6.99 7.71
CA GLU A 39 -25.38 7.15 8.48
C GLU A 39 -26.17 5.85 8.54
N GLN A 40 -26.30 5.16 7.41
CA GLN A 40 -27.07 3.93 7.40
C GLN A 40 -26.35 2.83 8.16
N LEU A 41 -25.02 2.85 8.14
CA LEU A 41 -24.26 1.88 8.92
C LEU A 41 -24.42 2.14 10.40
N ALA A 42 -24.52 3.40 10.80
CA ALA A 42 -24.82 3.73 12.19
C ALA A 42 -26.20 3.24 12.56
N GLN A 43 -27.18 3.48 11.69
CA GLN A 43 -28.55 3.08 11.98
C GLN A 43 -28.68 1.58 12.24
N VAL A 44 -28.09 0.75 11.39
CA VAL A 44 -28.28 -0.69 11.54
C VAL A 44 -27.56 -1.23 12.77
N HIS A 45 -26.57 -0.51 13.29
CA HIS A 45 -25.89 -0.92 14.52
C HIS A 45 -26.31 -0.10 15.73
N ASN A 46 -27.30 0.77 15.59
CA ASN A 46 -27.70 1.60 16.72
C ASN A 46 -26.50 2.37 17.27
N SER A 47 -25.59 2.76 16.39
CA SER A 47 -24.32 3.29 16.86
C SER A 47 -24.21 4.77 16.57
N THR A 48 -23.19 5.37 17.15
CA THR A 48 -22.85 6.74 16.81
C THR A 48 -22.21 6.77 15.43
N VAL A 49 -22.07 8.00 14.92
CA VAL A 49 -21.42 8.20 13.64
C VAL A 49 -19.92 7.96 13.77
N GLN A 50 -19.33 8.30 14.92
CA GLN A 50 -17.92 7.97 15.14
C GLN A 50 -17.69 6.47 15.05
N ALA A 51 -18.57 5.68 15.68
CA ALA A 51 -18.41 4.24 15.68
C ALA A 51 -18.59 3.66 14.28
N SER A 52 -19.54 4.19 13.50
CA SER A 52 -19.76 3.64 12.17
C SER A 52 -18.63 4.05 11.23
N MET A 53 -18.12 5.27 11.35
CA MET A 53 -16.95 5.67 10.58
C MET A 53 -15.80 4.70 10.84
N GLU A 54 -15.50 4.41 12.10
CA GLU A 54 -14.44 3.47 12.41
C GLU A 54 -14.78 2.09 11.86
N ARG A 55 -16.05 1.69 11.95
CA ARG A 55 -16.47 0.42 11.38
C ARG A 55 -16.22 0.39 9.88
N LEU A 56 -16.51 1.50 9.20
CA LEU A 56 -16.31 1.55 7.75
C LEU A 56 -14.84 1.37 7.41
N CYS A 57 -13.95 2.13 8.05
CA CYS A 57 -12.52 1.94 7.83
C CYS A 57 -12.13 0.48 8.06
N SER A 58 -12.64 -0.10 9.14
CA SER A 58 -12.43 -1.51 9.44
C SER A 58 -12.68 -2.41 8.24
N TYR A 59 -13.62 -2.03 7.37
CA TYR A 59 -13.99 -2.88 6.24
C TYR A 59 -13.11 -2.65 5.02
N LEU A 60 -12.36 -1.55 4.96
CA LEU A 60 -11.53 -1.30 3.81
C LEU A 60 -10.37 -2.28 3.78
N PRO A 61 -9.76 -2.47 2.62
CA PRO A 61 -8.60 -3.36 2.52
C PRO A 61 -7.32 -2.67 2.96
N GLU A 62 -6.37 -3.49 3.38
CA GLU A 62 -5.08 -2.98 3.81
C GLU A 62 -4.35 -2.30 2.66
N GLU A 63 -4.48 -2.86 1.46
CA GLU A 63 -3.81 -2.35 0.27
C GLU A 63 -4.01 -0.85 0.14
N TRP A 64 -3.05 -0.19 -0.52
CA TRP A 64 -3.16 1.21 -0.92
C TRP A 64 -3.19 2.16 0.27
N VAL A 65 -2.90 1.67 1.48
CA VAL A 65 -2.94 2.50 2.68
C VAL A 65 -4.33 3.11 2.80
N LEU A 66 -5.33 2.41 2.26
CA LEU A 66 -6.69 2.90 2.40
C LEU A 66 -7.15 2.89 3.84
N LYS A 67 -7.02 1.74 4.50
CA LYS A 67 -7.51 1.62 5.88
C LYS A 67 -6.75 2.56 6.80
N THR A 68 -5.44 2.72 6.60
CA THR A 68 -4.67 3.65 7.41
C THR A 68 -5.10 5.09 7.14
N ALA A 69 -5.16 5.48 5.87
CA ALA A 69 -5.63 6.82 5.53
C ALA A 69 -7.03 7.04 6.11
N CYS A 70 -7.91 6.06 5.92
CA CYS A 70 -9.25 6.14 6.50
C CYS A 70 -9.18 6.44 8.00
N TYR A 71 -8.60 5.50 8.77
CA TYR A 71 -8.51 5.70 10.21
C TYR A 71 -7.90 7.06 10.55
N MET A 72 -6.81 7.42 9.87
CA MET A 72 -6.20 8.73 10.10
C MET A 72 -7.22 9.84 9.89
N MET A 73 -7.96 9.77 8.78
CA MET A 73 -8.95 10.80 8.47
C MET A 73 -10.01 10.90 9.55
N VAL A 74 -10.48 9.75 10.05
CA VAL A 74 -11.60 9.72 10.97
C VAL A 74 -11.20 10.32 12.32
N HIS A 75 -10.04 9.92 12.82
CA HIS A 75 -9.59 10.40 14.12
C HIS A 75 -9.27 11.90 14.07
N VAL A 76 -8.59 12.34 13.02
CA VAL A 76 -8.08 13.71 12.99
C VAL A 76 -9.22 14.72 12.80
N PHE A 77 -10.14 14.45 11.88
CA PHE A 77 -11.20 15.41 11.56
C PHE A 77 -12.59 15.00 12.03
N GLY A 78 -12.85 13.71 12.21
CA GLY A 78 -14.19 13.25 12.54
C GLY A 78 -14.92 14.10 13.55
N ALA A 79 -14.39 14.20 14.77
CA ALA A 79 -15.09 14.89 15.84
C ALA A 79 -15.35 16.36 15.48
N ASP A 80 -14.36 17.03 14.88
CA ASP A 80 -14.58 18.41 14.46
C ASP A 80 -15.76 18.51 13.51
N ILE A 81 -15.96 17.48 12.68
CA ILE A 81 -17.08 17.50 11.75
C ILE A 81 -18.39 17.22 12.46
N ILE A 82 -18.40 16.24 13.36
CA ILE A 82 -19.65 15.89 14.04
C ILE A 82 -20.11 17.03 14.94
N LYS A 83 -19.16 17.77 15.53
CA LYS A 83 -19.49 18.87 16.43
C LYS A 83 -20.16 20.03 15.73
N LEU A 84 -20.13 20.08 14.40
CA LEU A 84 -20.89 21.07 13.65
C LEU A 84 -22.39 20.82 13.71
N PHE A 85 -22.81 19.68 14.23
CA PHE A 85 -24.21 19.24 14.15
C PHE A 85 -24.75 18.96 15.54
N ASP A 86 -25.66 19.82 15.99
CA ASP A 86 -26.43 19.58 17.20
C ASP A 86 -27.77 18.90 16.91
N LYS A 87 -27.93 18.34 15.71
CA LYS A 87 -29.19 17.74 15.30
C LYS A 87 -28.89 16.56 14.39
N ASP A 88 -29.85 15.63 14.31
CA ASP A 88 -29.75 14.49 13.41
C ASP A 88 -30.33 14.88 12.05
N VAL A 89 -29.48 14.89 11.02
CA VAL A 89 -29.86 15.35 9.69
C VAL A 89 -29.33 14.36 8.65
N ASN A 90 -29.98 14.35 7.49
CA ASN A 90 -29.65 13.36 6.47
C ASN A 90 -28.38 13.78 5.71
N ALA A 91 -28.04 12.99 4.69
CA ALA A 91 -26.76 13.18 4.02
C ALA A 91 -26.74 14.43 3.16
N ASP A 92 -27.90 14.83 2.62
CA ASP A 92 -27.97 16.06 1.86
C ASP A 92 -27.62 17.27 2.73
N VAL A 93 -28.15 17.30 3.95
CA VAL A 93 -27.88 18.41 4.87
C VAL A 93 -26.40 18.43 5.26
N VAL A 94 -25.88 17.27 5.68
CA VAL A 94 -24.47 17.18 6.07
C VAL A 94 -23.59 17.72 4.96
N CYS A 95 -23.82 17.25 3.73
CA CYS A 95 -22.93 17.58 2.63
C CYS A 95 -23.06 19.03 2.19
N HIS A 96 -24.23 19.64 2.36
CA HIS A 96 -24.35 21.06 2.09
C HIS A 96 -23.68 21.88 3.17
N THR A 97 -23.81 21.45 4.42
CA THR A 97 -23.17 22.14 5.53
C THR A 97 -21.65 22.13 5.39
N LEU A 98 -21.08 20.98 5.05
CA LEU A 98 -19.63 20.90 4.82
C LEU A 98 -19.20 21.52 3.52
N GLU A 99 -20.12 22.16 2.80
CA GLU A 99 -19.82 22.82 1.53
C GLU A 99 -19.27 21.84 0.50
N PHE A 100 -19.65 20.56 0.60
CA PHE A 100 -19.40 19.62 -0.48
C PHE A 100 -20.48 19.70 -1.54
N CYS A 101 -21.69 20.08 -1.15
CA CYS A 101 -22.76 20.40 -2.07
C CYS A 101 -23.01 21.90 -1.91
N LYS A 102 -22.65 22.66 -2.93
CA LYS A 102 -22.86 24.10 -2.95
C LYS A 102 -24.05 24.40 -3.84
N GLN A 103 -24.78 25.46 -3.49
CA GLN A 103 -25.89 25.92 -4.32
C GLN A 103 -25.30 26.89 -5.35
N GLU A 104 -25.09 26.38 -6.55
CA GLU A 104 -24.41 27.12 -7.58
C GLU A 104 -25.33 28.21 -8.12
N PRO A 105 -24.79 29.39 -8.45
CA PRO A 105 -25.62 30.43 -9.06
C PRO A 105 -26.39 29.88 -10.26
N GLY A 106 -27.70 30.14 -10.27
CA GLY A 106 -28.53 29.77 -11.39
C GLY A 106 -28.93 28.31 -11.46
N GLN A 107 -28.54 27.49 -10.50
CA GLN A 107 -28.91 26.09 -10.54
C GLN A 107 -29.78 25.72 -9.35
N PRO A 108 -30.68 24.76 -9.49
CA PRO A 108 -31.58 24.41 -8.39
C PRO A 108 -30.84 23.65 -7.31
N LEU A 109 -31.45 23.64 -6.12
CA LEU A 109 -30.88 22.90 -5.01
C LEU A 109 -31.02 21.41 -5.26
N CYS A 110 -29.95 20.67 -5.04
CA CYS A 110 -29.89 19.26 -5.35
C CYS A 110 -29.97 18.45 -4.08
N HIS A 111 -30.70 17.35 -4.11
CA HIS A 111 -30.82 16.50 -2.94
C HIS A 111 -31.26 15.11 -3.39
N LEU A 112 -30.73 14.10 -2.72
CA LEU A 112 -31.08 12.72 -3.05
C LEU A 112 -32.23 12.20 -2.20
N TYR A 113 -32.32 12.62 -0.95
CA TYR A 113 -33.28 12.05 -0.02
C TYR A 113 -34.49 12.97 0.14
N PRO A 114 -35.59 12.45 0.70
CA PRO A 114 -36.79 13.26 0.85
C PRO A 114 -36.57 14.45 1.77
N LEU A 115 -37.26 15.55 1.46
CA LEU A 115 -37.20 16.74 2.28
C LEU A 115 -38.24 16.66 3.39
N PRO A 116 -37.89 16.96 4.63
CA PRO A 116 -38.91 17.12 5.67
C PRO A 116 -39.86 18.27 5.33
N LYS A 117 -41.16 17.96 5.33
CA LYS A 117 -42.23 18.94 5.08
C LYS A 117 -42.36 19.31 3.60
N CYS B 6 -5.25 18.97 -7.11
CA CYS B 6 -4.43 18.94 -8.31
C CYS B 6 -3.96 20.32 -8.73
N SER B 7 -4.36 21.35 -7.98
CA SER B 7 -3.99 22.70 -8.35
C SER B 7 -2.58 23.07 -7.88
N LEU B 8 -2.07 22.42 -6.85
CA LEU B 8 -0.70 22.67 -6.42
C LEU B 8 0.25 22.39 -7.59
N PRO B 9 1.30 23.20 -7.76
CA PRO B 9 2.13 23.09 -8.97
C PRO B 9 2.87 21.77 -9.12
N PHE B 10 3.54 21.29 -8.06
CA PHE B 10 4.22 20.01 -8.15
C PHE B 10 3.22 18.86 -8.28
N LEU B 11 2.09 18.96 -7.58
CA LEU B 11 1.09 17.90 -7.63
C LEU B 11 0.35 17.88 -8.96
N ALA B 12 0.24 19.04 -9.61
CA ALA B 12 -0.50 19.11 -10.88
C ALA B 12 0.22 18.37 -11.99
N LYS B 13 1.56 18.47 -12.04
CA LYS B 13 2.31 17.74 -13.06
C LYS B 13 2.06 16.24 -12.96
N ILE B 14 1.73 15.75 -11.77
CA ILE B 14 1.36 14.36 -11.60
C ILE B 14 -0.05 14.09 -12.11
N CYS B 15 -0.99 15.01 -11.83
CA CYS B 15 -2.37 14.83 -12.27
C CYS B 15 -2.46 14.81 -13.79
N GLN B 16 -1.75 15.71 -14.47
CA GLN B 16 -1.76 15.71 -15.93
C GLN B 16 -1.23 14.41 -16.49
N LYS B 17 -0.20 13.84 -15.86
CA LYS B 17 0.39 12.61 -16.35
C LYS B 17 -0.58 11.44 -16.23
N ILE B 18 -1.33 11.37 -15.14
CA ILE B 18 -2.29 10.29 -14.96
C ILE B 18 -3.33 10.31 -16.05
N LYS B 19 -4.06 11.42 -16.14
CA LYS B 19 -5.08 11.57 -17.16
C LYS B 19 -4.53 11.15 -18.52
N LEU B 20 -3.25 11.41 -18.79
CA LEU B 20 -2.68 11.04 -20.09
C LEU B 20 -2.64 9.53 -20.28
N ALA B 21 -2.44 8.76 -19.20
CA ALA B 21 -2.38 7.30 -19.31
C ALA B 21 -3.76 6.72 -19.58
N ILE B 22 -4.74 7.16 -18.78
CA ILE B 22 -6.15 6.83 -19.01
C ILE B 22 -6.49 6.98 -20.49
N LYS B 23 -6.34 8.20 -20.99
CA LYS B 23 -6.91 8.56 -22.28
C LYS B 23 -6.27 7.78 -23.42
N ASN B 24 -5.01 7.39 -23.28
CA ASN B 24 -4.37 6.62 -24.33
C ASN B 24 -4.83 5.16 -24.35
N SER B 25 -5.40 4.67 -23.24
CA SER B 25 -6.08 3.38 -23.22
C SER B 25 -5.14 2.24 -23.62
N VAL B 26 -3.89 2.34 -23.22
CA VAL B 26 -2.93 1.26 -23.43
C VAL B 26 -2.33 0.91 -22.08
N PRO B 27 -1.83 -0.31 -21.93
CA PRO B 27 -1.33 -0.74 -20.61
C PRO B 27 -0.17 0.12 -20.16
N ILE B 28 -0.18 0.45 -18.87
CA ILE B 28 0.92 1.13 -18.23
C ILE B 28 2.11 0.19 -18.06
N LYS B 29 1.84 -1.10 -17.80
CA LYS B 29 2.88 -2.11 -17.65
C LYS B 29 3.03 -2.82 -18.99
N ASP B 30 3.99 -2.37 -19.79
CA ASP B 30 4.16 -2.84 -21.16
C ASP B 30 5.56 -2.53 -21.63
N VAL B 31 6.53 -3.35 -21.22
CA VAL B 31 7.94 -3.00 -21.41
C VAL B 31 8.29 -2.92 -22.89
N ASP B 32 7.76 -3.85 -23.70
CA ASP B 32 8.07 -3.85 -25.13
C ASP B 32 7.10 -3.00 -25.94
N SER B 33 6.13 -2.35 -25.29
CA SER B 33 5.25 -1.39 -25.94
C SER B 33 4.41 -2.01 -27.07
N ASP B 34 4.04 -3.29 -26.96
CA ASP B 34 3.16 -3.87 -27.97
C ASP B 34 1.68 -3.80 -27.56
N LYS B 35 1.36 -3.07 -26.50
CA LYS B 35 0.01 -2.84 -26.00
C LYS B 35 -0.59 -4.04 -25.28
N TYR B 36 0.17 -5.11 -25.08
CA TYR B 36 -0.26 -6.24 -24.27
C TYR B 36 0.62 -6.32 -23.02
N SER B 37 0.03 -6.79 -21.92
CA SER B 37 0.62 -6.65 -20.59
C SER B 37 0.76 -8.01 -19.91
N ILE B 38 1.59 -8.04 -18.87
CA ILE B 38 1.64 -9.19 -17.96
C ILE B 38 0.88 -8.93 -16.65
N PHE B 39 0.46 -7.77 -16.42
CA PHE B 39 -0.25 -7.25 -15.27
C PHE B 39 -1.73 -7.06 -15.58
N PRO B 40 -2.71 -7.32 -14.69
CA PRO B 40 -4.12 -7.39 -15.13
C PRO B 40 -4.79 -6.06 -15.37
N THR B 41 -4.66 -5.11 -14.45
CA THR B 41 -5.43 -3.88 -14.54
C THR B 41 -4.62 -2.81 -15.26
N LEU B 42 -5.02 -1.55 -15.10
CA LEU B 42 -4.40 -0.45 -15.81
C LEU B 42 -4.25 -0.79 -17.29
N ARG B 43 -5.38 -1.20 -17.89
CA ARG B 43 -5.48 -1.54 -19.29
C ARG B 43 -4.65 -2.78 -19.65
N GLY B 44 -4.39 -3.63 -18.66
CA GLY B 44 -3.61 -4.85 -18.84
C GLY B 44 -4.43 -6.02 -19.33
N TYR B 45 -4.07 -7.22 -18.87
CA TYR B 45 -4.63 -8.40 -19.51
C TYR B 45 -6.06 -8.72 -19.07
N HIS B 46 -6.64 -7.95 -18.14
CA HIS B 46 -8.10 -7.97 -18.03
C HIS B 46 -8.75 -7.45 -19.30
N TRP B 47 -8.03 -6.65 -20.08
CA TRP B 47 -8.54 -5.97 -21.26
C TRP B 47 -8.14 -6.65 -22.57
N ARG B 48 -6.93 -7.21 -22.64
CA ARG B 48 -6.46 -7.92 -23.82
C ARG B 48 -5.70 -9.16 -23.37
N GLY B 49 -5.48 -10.08 -24.30
CA GLY B 49 -4.69 -11.27 -24.02
C GLY B 49 -3.38 -10.96 -23.31
N ARG B 50 -3.02 -11.81 -22.35
CA ARG B 50 -1.80 -11.60 -21.59
C ARG B 50 -0.58 -11.76 -22.49
N ASP B 51 0.38 -10.84 -22.35
CA ASP B 51 1.60 -10.89 -23.13
C ASP B 51 2.46 -12.04 -22.63
N CYS B 52 2.66 -13.05 -23.47
CA CYS B 52 3.48 -14.18 -23.08
C CYS B 52 4.97 -13.87 -23.16
N ASN B 53 5.36 -12.72 -23.74
CA ASN B 53 6.73 -12.24 -23.62
C ASN B 53 6.71 -10.72 -23.72
N ASP B 54 6.83 -10.05 -22.58
CA ASP B 54 6.82 -8.61 -22.51
C ASP B 54 8.19 -7.99 -22.81
N SER B 55 9.16 -8.81 -23.23
CA SER B 55 10.47 -8.35 -23.68
C SER B 55 10.63 -8.46 -25.20
N ASP B 56 9.53 -8.58 -25.93
CA ASP B 56 9.62 -8.80 -27.37
C ASP B 56 8.33 -8.33 -28.03
N LYS B 57 8.42 -7.20 -28.71
CA LYS B 57 7.31 -6.60 -29.45
C LYS B 57 6.83 -7.46 -30.62
N THR B 58 7.57 -8.51 -30.98
CA THR B 58 7.12 -9.42 -32.03
C THR B 58 6.49 -10.68 -31.45
N VAL B 59 6.17 -10.66 -30.15
CA VAL B 59 5.44 -11.74 -29.49
C VAL B 59 4.24 -11.09 -28.81
N TYR B 60 3.05 -11.42 -29.28
CA TYR B 60 1.82 -10.87 -28.73
C TYR B 60 0.64 -11.66 -29.28
N PRO B 61 -0.52 -11.59 -28.62
CA PRO B 61 -1.69 -12.34 -29.07
C PRO B 61 -2.19 -11.89 -30.43
N GLY B 62 -2.61 -12.86 -31.24
CA GLY B 62 -3.23 -12.57 -32.53
C GLY B 62 -2.28 -12.59 -33.70
N ARG B 63 -0.98 -12.72 -33.46
CA ARG B 63 -0.01 -12.69 -34.54
C ARG B 63 -0.07 -13.99 -35.34
N ARG B 64 0.22 -13.88 -36.64
CA ARG B 64 0.51 -15.07 -37.42
C ARG B 64 1.84 -15.65 -36.94
N PRO B 65 1.92 -16.97 -36.75
CA PRO B 65 3.10 -17.55 -36.08
C PRO B 65 4.29 -17.65 -37.01
N ASP B 66 5.30 -16.82 -36.77
CA ASP B 66 6.55 -16.90 -37.52
C ASP B 66 7.11 -18.31 -37.47
N ASN B 67 7.45 -18.85 -38.65
CA ASN B 67 8.02 -20.18 -38.73
C ASN B 67 7.08 -21.21 -38.09
N TRP B 68 5.79 -20.93 -38.13
CA TRP B 68 4.78 -21.81 -37.55
C TRP B 68 5.06 -22.08 -36.07
N ASP B 69 5.77 -21.15 -35.43
CA ASP B 69 6.07 -21.25 -34.00
C ASP B 69 6.82 -22.53 -33.67
N ALA B 70 7.66 -22.98 -34.62
CA ALA B 70 8.48 -24.16 -34.38
C ALA B 70 9.37 -23.98 -33.16
N HIS B 71 9.91 -22.77 -32.99
CA HIS B 71 10.89 -22.48 -31.95
C HIS B 71 10.32 -21.81 -30.71
N ARG B 72 9.26 -21.01 -30.85
CA ARG B 72 8.67 -20.34 -29.71
C ARG B 72 7.23 -19.95 -30.05
N ASP B 73 6.50 -19.53 -29.01
CA ASP B 73 5.08 -19.21 -29.14
C ASP B 73 4.95 -17.71 -29.40
N SER B 74 4.97 -17.33 -30.67
CA SER B 74 5.01 -15.93 -31.02
C SER B 74 3.64 -15.25 -30.89
N ASN B 75 2.54 -16.02 -30.86
CA ASN B 75 1.22 -15.42 -30.76
C ASN B 75 0.49 -15.82 -29.49
N CYS B 76 1.20 -16.36 -28.50
CA CYS B 76 0.70 -16.54 -27.14
C CYS B 76 -0.54 -17.44 -27.05
N ASN B 77 -0.81 -18.26 -28.06
CA ASN B 77 -1.94 -19.17 -27.94
C ASN B 77 -1.55 -20.51 -27.34
N GLY B 78 -0.33 -20.62 -26.80
CA GLY B 78 0.10 -21.82 -26.13
C GLY B 78 0.46 -22.96 -27.05
N ILE B 79 0.35 -22.77 -28.35
CA ILE B 79 0.69 -23.80 -29.33
C ILE B 79 2.03 -23.44 -29.94
N TRP B 80 2.98 -24.38 -29.88
CA TRP B 80 4.32 -24.12 -30.39
C TRP B 80 5.08 -25.42 -30.41
N GLY B 81 6.28 -25.38 -31.00
CA GLY B 81 7.15 -26.53 -31.04
C GLY B 81 6.95 -27.38 -32.26
N VAL B 82 7.70 -28.48 -32.29
CA VAL B 82 7.72 -29.40 -33.41
C VAL B 82 7.33 -30.78 -32.88
N ASP B 83 6.57 -31.52 -33.67
CA ASP B 83 6.29 -32.90 -33.32
C ASP B 83 7.51 -33.74 -33.68
N PRO B 84 8.24 -34.26 -32.70
CA PRO B 84 9.42 -35.08 -33.04
C PRO B 84 9.09 -36.24 -33.94
N LYS B 85 7.84 -36.69 -33.94
CA LYS B 85 7.47 -37.85 -34.74
C LYS B 85 7.66 -37.60 -36.24
N ASP B 86 7.23 -36.43 -36.73
CA ASP B 86 7.23 -36.17 -38.16
C ASP B 86 7.92 -34.86 -38.55
N GLY B 87 8.50 -34.14 -37.60
CA GLY B 87 9.20 -32.91 -37.91
C GLY B 87 8.32 -31.74 -38.31
N ILE B 88 7.03 -31.82 -38.04
CA ILE B 88 6.07 -30.79 -38.48
C ILE B 88 5.73 -29.91 -37.28
N PRO B 89 5.80 -28.58 -37.42
CA PRO B 89 5.43 -27.71 -36.30
C PRO B 89 3.99 -27.94 -35.88
N TYR B 90 3.77 -27.91 -34.56
CA TYR B 90 2.45 -28.22 -34.03
C TYR B 90 1.40 -27.24 -34.52
N GLU B 91 1.76 -25.95 -34.61
CA GLU B 91 0.76 -24.97 -35.00
C GLU B 91 0.40 -25.07 -36.47
N LYS B 92 1.29 -25.62 -37.30
CA LYS B 92 0.93 -25.89 -38.69
C LYS B 92 -0.01 -27.09 -38.77
N LYS B 93 0.36 -28.18 -38.11
CA LYS B 93 -0.47 -29.37 -38.05
C LYS B 93 -1.89 -29.04 -37.59
N PHE B 94 -2.01 -28.29 -36.51
CA PHE B 94 -3.27 -28.12 -35.80
C PHE B 94 -4.04 -26.87 -36.16
N CYS B 95 -3.41 -25.87 -36.77
CA CYS B 95 -4.08 -24.61 -37.06
C CYS B 95 -4.08 -24.21 -38.52
N GLU B 96 -3.12 -24.69 -39.33
CA GLU B 96 -3.12 -24.33 -40.73
C GLU B 96 -4.46 -24.66 -41.37
N GLY B 97 -5.06 -23.65 -42.01
CA GLY B 97 -6.35 -23.83 -42.64
C GLY B 97 -7.55 -23.69 -41.73
N SER B 98 -7.34 -23.49 -40.42
CA SER B 98 -8.44 -23.35 -39.49
C SER B 98 -8.98 -21.92 -39.44
N GLN B 99 -8.33 -21.00 -40.14
CA GLN B 99 -8.73 -19.60 -40.17
C GLN B 99 -8.98 -19.06 -38.77
N PRO B 100 -7.95 -18.89 -37.95
CA PRO B 100 -8.15 -18.24 -36.66
C PRO B 100 -8.51 -16.78 -36.85
N ARG B 101 -9.10 -16.21 -35.81
CA ARG B 101 -9.45 -14.80 -35.85
C ARG B 101 -9.54 -14.31 -34.42
N GLY B 102 -9.25 -13.03 -34.24
CA GLY B 102 -9.41 -12.40 -32.94
C GLY B 102 -10.76 -11.73 -32.81
N ILE B 103 -11.08 -11.33 -31.58
CA ILE B 103 -12.27 -10.54 -31.31
C ILE B 103 -11.82 -9.21 -30.75
N ILE B 104 -12.34 -8.13 -31.32
CA ILE B 104 -12.02 -6.77 -30.89
C ILE B 104 -13.33 -6.04 -30.66
N LEU B 105 -13.47 -5.41 -29.49
CA LEU B 105 -14.64 -4.62 -29.16
C LEU B 105 -14.26 -3.15 -29.12
N LEU B 106 -14.89 -2.36 -29.99
CA LEU B 106 -14.86 -0.90 -29.91
C LEU B 106 -16.17 -0.49 -29.26
N GLY B 107 -16.12 -0.23 -27.96
CA GLY B 107 -17.34 -0.09 -27.20
C GLY B 107 -17.27 1.01 -26.17
N ASP B 108 -18.30 1.07 -25.35
CA ASP B 108 -18.44 2.10 -24.35
C ASP B 108 -18.45 1.47 -22.96
N ALA B 109 -19.07 2.14 -21.99
CA ALA B 109 -19.07 1.60 -20.63
C ALA B 109 -19.76 0.24 -20.57
N ALA B 110 -20.80 0.04 -21.39
CA ALA B 110 -21.44 -1.27 -21.41
C ALA B 110 -20.50 -2.34 -21.95
N GLY B 111 -19.73 -2.01 -23.00
CA GLY B 111 -18.79 -2.96 -23.56
C GLY B 111 -17.63 -3.26 -22.63
N ALA B 112 -17.16 -2.26 -21.89
CA ALA B 112 -16.18 -2.46 -20.83
C ALA B 112 -16.79 -3.12 -19.60
N HIS B 113 -18.12 -3.17 -19.52
CA HIS B 113 -18.84 -3.74 -18.37
C HIS B 113 -18.57 -2.94 -17.10
N PHE B 114 -18.98 -1.67 -17.14
CA PHE B 114 -18.97 -0.81 -15.97
C PHE B 114 -19.89 -1.37 -14.88
N HIS B 115 -19.38 -1.42 -13.65
CA HIS B 115 -20.15 -2.01 -12.55
C HIS B 115 -19.61 -1.49 -11.22
N ILE B 116 -20.46 -0.81 -10.46
CA ILE B 116 -20.17 -0.47 -9.07
C ILE B 116 -20.84 -1.53 -8.19
N PRO B 117 -20.09 -2.33 -7.44
CA PRO B 117 -20.70 -3.35 -6.60
C PRO B 117 -21.73 -2.74 -5.66
N PRO B 118 -22.98 -3.19 -5.69
CA PRO B 118 -23.94 -2.70 -4.69
C PRO B 118 -23.53 -3.04 -3.27
N GLU B 119 -22.64 -4.02 -3.09
CA GLU B 119 -22.11 -4.34 -1.77
C GLU B 119 -21.34 -3.18 -1.15
N TRP B 120 -20.81 -2.25 -1.96
CA TRP B 120 -20.12 -1.09 -1.42
C TRP B 120 -21.09 -0.08 -0.80
N LEU B 121 -22.39 -0.22 -1.03
CA LEU B 121 -23.36 0.80 -0.67
C LEU B 121 -24.54 0.25 0.11
N THR B 122 -24.56 -1.04 0.41
CA THR B 122 -25.70 -1.71 1.01
C THR B 122 -25.26 -2.20 2.39
N VAL B 123 -25.55 -1.42 3.42
CA VAL B 123 -24.99 -1.69 4.75
C VAL B 123 -25.54 -2.99 5.32
N SER B 124 -26.75 -3.37 4.92
CA SER B 124 -27.40 -4.53 5.52
C SER B 124 -26.57 -5.79 5.37
N GLN B 125 -25.69 -5.84 4.37
CA GLN B 125 -24.87 -7.01 4.11
C GLN B 125 -23.38 -6.68 4.11
N MET B 126 -23.02 -5.46 4.49
CA MET B 126 -21.64 -5.01 4.35
C MET B 126 -20.73 -5.74 5.35
N SER B 127 -19.51 -6.00 4.93
CA SER B 127 -18.57 -6.74 5.77
C SER B 127 -17.14 -6.48 5.32
N VAL B 128 -16.21 -7.09 6.04
CA VAL B 128 -14.80 -7.00 5.72
C VAL B 128 -14.52 -7.43 4.29
N ASN B 129 -15.38 -8.29 3.74
CA ASN B 129 -15.17 -8.81 2.39
C ASN B 129 -15.75 -7.91 1.29
N SER B 130 -16.51 -6.86 1.65
CA SER B 130 -17.25 -6.12 0.65
C SER B 130 -16.33 -5.27 -0.23
N PHE B 131 -15.15 -4.89 0.27
CA PHE B 131 -14.28 -3.94 -0.41
C PHE B 131 -12.98 -4.56 -0.92
N LEU B 132 -12.85 -5.88 -0.86
CA LEU B 132 -11.62 -6.52 -1.30
C LEU B 132 -11.34 -6.26 -2.77
N ASN B 133 -12.38 -6.06 -3.57
CA ASN B 133 -12.25 -5.84 -5.00
C ASN B 133 -12.08 -4.38 -5.38
N LEU B 134 -12.04 -3.47 -4.40
CA LEU B 134 -12.02 -2.05 -4.70
C LEU B 134 -10.77 -1.64 -5.48
N PRO B 135 -9.55 -2.06 -5.12
CA PRO B 135 -8.39 -1.64 -5.91
C PRO B 135 -8.37 -2.17 -7.33
N THR B 136 -8.82 -3.40 -7.54
CA THR B 136 -8.97 -3.91 -8.90
C THR B 136 -9.95 -3.06 -9.68
N ALA B 137 -11.14 -2.82 -9.12
CA ALA B 137 -12.17 -2.06 -9.82
C ALA B 137 -11.68 -0.68 -10.19
N VAL B 138 -11.01 0.01 -9.25
CA VAL B 138 -10.60 1.39 -9.51
C VAL B 138 -9.52 1.45 -10.58
N THR B 139 -8.53 0.57 -10.51
CA THR B 139 -7.49 0.59 -11.53
C THR B 139 -7.95 0.01 -12.85
N ASN B 140 -9.18 -0.51 -12.92
CA ASN B 140 -9.85 -0.84 -14.17
C ASN B 140 -10.89 0.19 -14.55
N GLU B 141 -10.82 1.40 -14.00
CA GLU B 141 -11.73 2.48 -14.38
C GLU B 141 -13.18 2.11 -14.06
N LEU B 142 -13.37 1.27 -13.03
CA LEU B 142 -14.67 0.74 -12.60
C LEU B 142 -15.31 -0.17 -13.64
N ASP B 143 -14.53 -0.62 -14.61
CA ASP B 143 -14.99 -1.60 -15.58
C ASP B 143 -14.51 -3.00 -15.20
N TRP B 144 -15.16 -4.00 -15.77
CA TRP B 144 -14.83 -5.40 -15.51
C TRP B 144 -14.77 -6.15 -16.84
N PRO B 145 -13.87 -5.75 -17.73
CA PRO B 145 -13.82 -6.41 -19.05
C PRO B 145 -13.57 -7.89 -18.97
N GLN B 146 -12.84 -8.34 -17.96
CA GLN B 146 -12.54 -9.75 -17.79
C GLN B 146 -13.80 -10.58 -17.50
N LEU B 147 -14.92 -9.93 -17.19
CA LEU B 147 -16.21 -10.58 -16.98
C LEU B 147 -17.26 -10.13 -17.96
N SER B 148 -16.86 -9.49 -19.06
CA SER B 148 -17.81 -8.86 -19.98
C SER B 148 -18.33 -9.88 -21.00
N GLY B 149 -19.36 -9.44 -21.73
CA GLY B 149 -20.03 -10.35 -22.64
C GLY B 149 -19.27 -10.61 -23.92
N THR B 150 -18.41 -9.68 -24.34
CA THR B 150 -17.65 -9.89 -25.56
C THR B 150 -16.26 -10.46 -25.30
N THR B 151 -15.55 -9.97 -24.29
CA THR B 151 -14.16 -10.33 -24.07
C THR B 151 -13.91 -10.98 -22.71
N GLY B 152 -14.95 -11.30 -21.96
CA GLY B 152 -14.75 -11.92 -20.66
C GLY B 152 -14.09 -13.28 -20.79
N PHE B 153 -13.26 -13.61 -19.80
CA PHE B 153 -12.62 -14.91 -19.75
C PHE B 153 -12.59 -15.54 -18.38
N LEU B 154 -13.18 -14.91 -17.36
CA LEU B 154 -13.18 -15.44 -16.00
C LEU B 154 -14.57 -15.97 -15.61
N ASP B 155 -14.58 -16.70 -14.50
CA ASP B 155 -15.79 -17.36 -14.00
C ASP B 155 -16.93 -16.38 -13.76
N SER B 156 -17.99 -16.49 -14.57
CA SER B 156 -19.11 -15.57 -14.48
C SER B 156 -19.72 -15.59 -13.09
N ALA B 157 -19.88 -14.40 -12.51
CA ALA B 157 -20.49 -14.23 -11.19
C ALA B 157 -21.77 -15.05 -11.04
N GLU B 162 -24.15 -19.12 -20.18
CA GLU B 162 -24.11 -18.15 -21.26
C GLU B 162 -22.73 -17.49 -21.25
N ASN B 163 -21.80 -17.82 -22.17
CA ASN B 163 -20.52 -17.19 -21.99
C ASN B 163 -20.07 -16.43 -23.22
N SER B 164 -18.95 -15.73 -23.07
CA SER B 164 -18.56 -14.57 -23.85
C SER B 164 -18.26 -14.92 -25.31
N ILE B 165 -18.26 -13.89 -26.15
CA ILE B 165 -17.89 -14.05 -27.55
C ILE B 165 -16.49 -14.63 -27.65
N TYR B 166 -15.55 -14.11 -26.85
CA TYR B 166 -14.18 -14.59 -26.93
C TYR B 166 -14.11 -16.07 -26.57
N LEU B 167 -14.74 -16.48 -25.46
CA LEU B 167 -14.64 -17.88 -25.05
C LEU B 167 -15.34 -18.79 -26.05
N ARG B 168 -16.41 -18.32 -26.69
CA ARG B 168 -17.04 -19.10 -27.75
C ARG B 168 -16.12 -19.22 -28.97
N LEU B 169 -15.40 -18.16 -29.31
CA LEU B 169 -14.43 -18.25 -30.40
C LEU B 169 -13.29 -19.18 -30.04
N ARG B 170 -12.80 -19.08 -28.81
CA ARG B 170 -11.78 -20.00 -28.35
C ARG B 170 -12.28 -21.43 -28.40
N LYS B 171 -13.54 -21.66 -28.00
CA LYS B 171 -14.08 -23.01 -28.05
C LYS B 171 -14.22 -23.50 -29.47
N ARG B 172 -14.55 -22.61 -30.41
CA ARG B 172 -14.70 -23.05 -31.79
C ARG B 172 -13.35 -23.42 -32.39
N ASN B 173 -12.31 -22.66 -32.06
CA ASN B 173 -10.98 -22.94 -32.58
C ASN B 173 -9.98 -22.56 -31.49
N ARG B 174 -9.38 -23.58 -30.87
CA ARG B 174 -8.45 -23.33 -29.78
CA ARG B 174 -8.45 -23.34 -29.78
C ARG B 174 -7.27 -22.47 -30.19
N CYS B 175 -6.98 -22.36 -31.50
CA CYS B 175 -5.86 -21.52 -31.90
C CYS B 175 -6.12 -20.05 -31.59
N ASN B 176 -7.35 -19.68 -31.25
CA ASN B 176 -7.71 -18.31 -30.90
C ASN B 176 -7.41 -17.96 -29.46
N HIS B 177 -6.87 -18.89 -28.67
CA HIS B 177 -6.53 -18.64 -27.27
C HIS B 177 -5.80 -17.31 -27.10
N ARG B 178 -6.33 -16.47 -26.20
CA ARG B 178 -5.83 -15.15 -25.79
C ARG B 178 -6.02 -14.03 -26.82
N ASP B 179 -6.63 -14.30 -27.98
CA ASP B 179 -6.78 -13.25 -28.99
C ASP B 179 -8.08 -12.47 -28.77
N TYR B 180 -8.08 -11.69 -27.70
CA TYR B 180 -9.19 -10.79 -27.38
C TYR B 180 -8.62 -9.41 -27.11
N GLN B 181 -9.41 -8.38 -27.45
CA GLN B 181 -9.06 -7.01 -27.14
C GLN B 181 -10.34 -6.24 -26.86
N ASN B 182 -10.45 -5.71 -25.65
CA ASN B 182 -11.55 -4.84 -25.30
C ASN B 182 -11.01 -3.41 -25.34
N ILE B 183 -11.32 -2.70 -26.42
CA ILE B 183 -10.87 -1.34 -26.65
C ILE B 183 -12.02 -0.39 -26.33
N SER B 184 -12.67 -0.62 -25.21
CA SER B 184 -13.81 0.20 -24.83
C SER B 184 -13.40 1.24 -23.79
N LYS B 185 -14.10 2.36 -23.81
CA LYS B 185 -13.90 3.41 -22.82
C LYS B 185 -15.27 3.92 -22.37
N ASN B 186 -15.38 4.18 -21.07
CA ASN B 186 -16.67 4.55 -20.49
C ASN B 186 -17.39 5.62 -21.32
N GLY B 187 -16.68 6.66 -21.72
CA GLY B 187 -17.32 7.78 -22.39
C GLY B 187 -17.30 7.73 -23.91
N ALA B 188 -17.08 6.56 -24.50
CA ALA B 188 -16.84 6.50 -25.93
C ALA B 188 -18.13 6.63 -26.72
N SER B 189 -18.01 7.23 -27.90
CA SER B 189 -19.11 7.40 -28.84
C SER B 189 -18.49 7.54 -30.22
N SER B 190 -19.34 7.74 -31.22
CA SER B 190 -18.81 8.01 -32.56
C SER B 190 -17.99 9.28 -32.59
N ARG B 191 -18.24 10.20 -31.66
CA ARG B 191 -17.54 11.48 -31.65
C ARG B 191 -16.08 11.33 -31.29
N ASN B 192 -15.68 10.25 -30.63
CA ASN B 192 -14.31 10.08 -30.17
C ASN B 192 -13.74 8.70 -30.44
N VAL B 193 -14.39 7.88 -31.26
CA VAL B 193 -13.88 6.54 -31.50
C VAL B 193 -12.54 6.57 -32.23
N LYS B 194 -12.12 7.72 -32.76
CA LYS B 194 -10.83 7.81 -33.44
C LYS B 194 -9.68 7.54 -32.48
N SER B 195 -9.78 8.03 -31.24
CA SER B 195 -8.72 7.77 -30.28
C SER B 195 -8.63 6.28 -29.95
N LEU B 196 -9.77 5.58 -29.96
CA LEU B 196 -9.77 4.14 -29.71
C LEU B 196 -9.10 3.39 -30.85
N ILE B 197 -9.37 3.79 -32.09
CA ILE B 197 -8.74 3.12 -33.23
C ILE B 197 -7.23 3.10 -33.04
N GLU B 198 -6.69 4.15 -32.44
CA GLU B 198 -5.24 4.25 -32.29
C GLU B 198 -4.72 3.32 -31.19
N SER B 199 -5.55 2.98 -30.20
CA SER B 199 -5.12 2.07 -29.15
C SER B 199 -5.28 0.62 -29.55
N LEU B 200 -5.96 0.36 -30.66
CA LEU B 200 -6.12 -0.98 -31.18
C LEU B 200 -4.77 -1.56 -31.60
N SER B 201 -4.63 -2.88 -31.46
CA SER B 201 -3.42 -3.57 -31.94
C SER B 201 -3.82 -4.56 -33.02
N ARG B 202 -3.42 -4.27 -34.25
CA ARG B 202 -3.50 -5.25 -35.32
C ARG B 202 -2.66 -4.78 -36.49
N ASN B 203 -1.81 -5.66 -37.00
CA ASN B 203 -1.00 -5.36 -38.16
C ASN B 203 -1.62 -6.05 -39.37
N GLN B 204 -1.95 -5.25 -40.38
CA GLN B 204 -2.70 -5.74 -41.53
C GLN B 204 -2.02 -6.90 -42.22
N LEU B 205 -0.70 -7.03 -42.11
CA LEU B 205 0.05 -8.05 -42.84
C LEU B 205 0.60 -9.16 -41.97
N LEU B 206 0.82 -8.90 -40.69
CA LEU B 206 1.49 -9.86 -39.83
C LEU B 206 0.57 -10.56 -38.84
N ASP B 207 -0.69 -10.15 -38.76
CA ASP B 207 -1.61 -10.70 -37.76
C ASP B 207 -2.76 -11.45 -38.41
N HIS B 208 -3.41 -12.26 -37.58
CA HIS B 208 -4.64 -12.91 -37.98
C HIS B 208 -5.74 -11.87 -38.20
N PRO B 209 -6.72 -12.17 -39.05
CA PRO B 209 -7.90 -11.32 -39.16
C PRO B 209 -8.63 -11.24 -37.83
N ALA B 210 -9.61 -10.35 -37.77
CA ALA B 210 -10.33 -10.10 -36.54
C ALA B 210 -11.80 -9.86 -36.85
N ILE B 211 -12.63 -10.20 -35.87
CA ILE B 211 -13.99 -9.68 -35.80
C ILE B 211 -13.95 -8.42 -34.95
N VAL B 212 -14.44 -7.33 -35.49
CA VAL B 212 -14.52 -6.06 -34.77
C VAL B 212 -15.99 -5.75 -34.58
N ILE B 213 -16.40 -5.62 -33.32
CA ILE B 213 -17.75 -5.19 -32.99
C ILE B 213 -17.68 -3.74 -32.56
N TYR B 214 -18.38 -2.87 -33.32
CA TYR B 214 -18.52 -1.47 -32.97
C TYR B 214 -19.89 -1.34 -32.29
N ALA B 215 -19.87 -1.09 -30.98
CA ALA B 215 -21.08 -1.12 -30.17
C ALA B 215 -21.06 0.10 -29.25
N MET B 216 -21.35 1.26 -29.82
CA MET B 216 -21.53 2.49 -29.05
C MET B 216 -23.03 2.63 -28.83
N ILE B 217 -23.51 2.07 -27.72
CA ILE B 217 -24.94 1.85 -27.61
C ILE B 217 -25.69 3.01 -26.95
N GLY B 218 -24.99 4.04 -26.48
CA GLY B 218 -25.72 5.12 -25.85
C GLY B 218 -25.14 6.53 -25.87
N ASN B 219 -23.82 6.68 -25.92
CA ASN B 219 -23.26 7.99 -25.63
C ASN B 219 -23.53 9.01 -26.72
N ASP B 220 -23.83 8.58 -27.95
CA ASP B 220 -24.19 9.55 -28.98
C ASP B 220 -25.51 10.25 -28.68
N VAL B 221 -26.38 9.65 -27.87
CA VAL B 221 -27.61 10.32 -27.45
C VAL B 221 -27.62 10.68 -25.97
N CYS B 222 -26.57 10.37 -25.22
CA CYS B 222 -26.60 10.55 -23.78
C CYS B 222 -25.72 11.69 -23.28
N ASN B 223 -25.34 12.64 -24.14
CA ASN B 223 -24.66 13.83 -23.68
C ASN B 223 -25.71 14.92 -23.45
N GLY B 224 -25.29 16.19 -23.45
CA GLY B 224 -26.21 17.27 -23.15
C GLY B 224 -26.44 17.52 -21.68
N ARG B 225 -25.43 17.29 -20.83
CA ARG B 225 -25.59 17.39 -19.38
C ARG B 225 -25.83 18.81 -18.90
N LYS B 226 -25.61 19.82 -19.73
CA LYS B 226 -25.74 21.21 -19.30
C LYS B 226 -26.61 22.05 -20.21
N THR B 227 -27.26 21.47 -21.22
CA THR B 227 -28.03 22.22 -22.19
C THR B 227 -29.26 21.38 -22.58
N ASP B 228 -30.01 21.83 -23.58
CA ASP B 228 -31.07 20.98 -24.09
C ASP B 228 -30.41 19.72 -24.62
N PRO B 229 -30.67 18.55 -24.03
CA PRO B 229 -29.99 17.35 -24.51
C PRO B 229 -30.20 17.08 -25.98
N VAL B 230 -31.40 17.35 -26.50
CA VAL B 230 -31.67 17.06 -27.91
C VAL B 230 -30.69 17.82 -28.79
N SER B 231 -30.38 19.07 -28.44
CA SER B 231 -29.46 19.84 -29.26
C SER B 231 -28.03 19.33 -29.16
N ALA B 232 -27.70 18.56 -28.12
CA ALA B 232 -26.36 18.04 -27.96
C ALA B 232 -26.14 16.70 -28.66
N MET B 233 -27.20 15.93 -28.90
CA MET B 233 -27.03 14.60 -29.45
C MET B 233 -26.39 14.65 -30.84
N THR B 234 -25.56 13.63 -31.11
CA THR B 234 -24.99 13.46 -32.42
C THR B 234 -26.10 13.39 -33.46
N THR B 235 -25.90 14.10 -34.56
CA THR B 235 -26.87 14.05 -35.65
C THR B 235 -26.55 12.89 -36.58
N PRO B 236 -27.52 12.45 -37.36
CA PRO B 236 -27.24 11.38 -38.33
C PRO B 236 -26.11 11.72 -39.29
N GLU B 237 -25.99 12.99 -39.71
CA GLU B 237 -24.91 13.37 -40.63
C GLU B 237 -23.55 13.29 -39.95
N GLN B 238 -23.46 13.73 -38.70
CA GLN B 238 -22.21 13.65 -37.97
C GLN B 238 -21.78 12.21 -37.77
N LEU B 239 -22.73 11.37 -37.35
CA LEU B 239 -22.42 9.97 -37.10
C LEU B 239 -21.99 9.27 -38.39
N TYR B 240 -22.71 9.52 -39.48
CA TYR B 240 -22.32 8.97 -40.78
C TYR B 240 -20.86 9.30 -41.09
N ALA B 241 -20.49 10.57 -40.96
CA ALA B 241 -19.11 10.97 -41.22
C ALA B 241 -18.15 10.33 -40.23
N ASN B 242 -18.47 10.40 -38.94
CA ASN B 242 -17.59 9.84 -37.92
C ASN B 242 -17.33 8.36 -38.17
N VAL B 243 -18.39 7.59 -38.43
CA VAL B 243 -18.24 6.15 -38.58
C VAL B 243 -17.54 5.81 -39.88
N LEU B 244 -17.84 6.55 -40.95
CA LEU B 244 -17.13 6.31 -42.21
C LEU B 244 -15.64 6.52 -42.04
N LYS B 245 -15.24 7.60 -41.39
CA LYS B 245 -13.82 7.84 -41.18
C LYS B 245 -13.22 6.74 -40.32
N MET B 246 -13.95 6.28 -39.31
CA MET B 246 -13.48 5.17 -38.49
CA MET B 246 -13.47 5.18 -38.49
C MET B 246 -13.30 3.91 -39.32
N LEU B 247 -14.25 3.62 -40.21
CA LEU B 247 -14.16 2.40 -41.01
C LEU B 247 -12.99 2.48 -41.97
N GLU B 248 -12.75 3.65 -42.56
CA GLU B 248 -11.60 3.83 -43.43
C GLU B 248 -10.30 3.61 -42.66
N ALA B 249 -10.22 4.13 -41.44
CA ALA B 249 -9.05 3.88 -40.60
C ALA B 249 -8.89 2.40 -40.30
N LEU B 250 -9.99 1.72 -39.95
CA LEU B 250 -9.92 0.28 -39.70
C LEU B 250 -9.42 -0.47 -40.91
N ASN B 251 -9.80 -0.03 -42.10
CA ASN B 251 -9.42 -0.74 -43.31
C ASN B 251 -7.91 -0.82 -43.48
N SER B 252 -7.18 0.11 -42.88
CA SER B 252 -5.72 0.14 -42.95
CA SER B 252 -5.73 0.13 -42.96
C SER B 252 -5.05 -0.70 -41.87
N HIS B 253 -5.80 -1.14 -40.86
CA HIS B 253 -5.27 -1.97 -39.79
C HIS B 253 -5.64 -3.43 -39.94
N LEU B 254 -6.84 -3.72 -40.42
CA LEU B 254 -7.35 -5.07 -40.33
C LEU B 254 -6.81 -5.95 -41.45
N PRO B 255 -6.36 -7.16 -41.13
CA PRO B 255 -5.99 -8.11 -42.18
C PRO B 255 -7.18 -8.45 -43.06
N THR B 256 -6.89 -8.67 -44.34
CA THR B 256 -7.89 -9.16 -45.26
C THR B 256 -8.56 -10.40 -44.69
N GLY B 257 -9.88 -10.51 -44.89
CA GLY B 257 -10.65 -11.56 -44.28
C GLY B 257 -11.22 -11.21 -42.92
N SER B 258 -11.18 -9.95 -42.53
CA SER B 258 -11.75 -9.51 -41.27
C SER B 258 -13.24 -9.21 -41.42
N HIS B 259 -13.89 -8.91 -40.31
CA HIS B 259 -15.33 -8.68 -40.29
C HIS B 259 -15.65 -7.60 -39.26
N VAL B 260 -16.47 -6.64 -39.65
CA VAL B 260 -16.86 -5.54 -38.78
C VAL B 260 -18.37 -5.55 -38.63
N ILE B 261 -18.82 -5.53 -37.38
CA ILE B 261 -20.24 -5.55 -37.04
C ILE B 261 -20.57 -4.22 -36.40
N LEU B 262 -21.51 -3.49 -37.01
CA LEU B 262 -22.05 -2.28 -36.40
C LEU B 262 -23.29 -2.65 -35.62
N TYR B 263 -23.27 -2.37 -34.32
CA TYR B 263 -24.36 -2.74 -33.43
C TYR B 263 -25.22 -1.51 -33.15
N GLY B 264 -26.54 -1.69 -33.21
CA GLY B 264 -27.45 -0.60 -33.00
C GLY B 264 -27.45 -0.11 -31.57
N LEU B 265 -28.06 1.06 -31.38
CA LEU B 265 -28.08 1.72 -30.08
C LEU B 265 -29.14 1.11 -29.17
N ALA B 266 -29.06 1.45 -27.89
CA ALA B 266 -29.89 0.81 -26.89
C ALA B 266 -31.35 1.29 -26.95
N HIS B 267 -32.25 0.44 -26.44
CA HIS B 267 -33.62 0.83 -26.15
CA HIS B 267 -33.62 0.83 -26.15
C HIS B 267 -33.68 1.39 -24.73
N GLY B 268 -33.13 2.60 -24.60
CA GLY B 268 -32.94 3.21 -23.29
C GLY B 268 -34.22 3.58 -22.55
N ALA B 269 -35.35 3.68 -23.24
CA ALA B 269 -36.62 3.94 -22.55
C ALA B 269 -36.93 2.85 -21.53
N PHE B 270 -36.38 1.66 -21.72
CA PHE B 270 -36.50 0.57 -20.77
C PHE B 270 -36.13 0.98 -19.36
N LEU B 271 -35.17 1.91 -19.22
CA LEU B 271 -34.65 2.25 -17.90
C LEU B 271 -35.73 2.87 -17.04
N TRP B 272 -36.28 4.00 -17.48
CA TRP B 272 -37.34 4.65 -16.73
C TRP B 272 -38.53 3.72 -16.54
N ASP B 273 -38.96 3.04 -17.61
CA ASP B 273 -40.13 2.17 -17.53
C ASP B 273 -39.96 1.11 -16.46
N THR B 274 -38.76 0.58 -16.31
CA THR B 274 -38.52 -0.55 -15.43
C THR B 274 -38.22 -0.12 -14.01
N LEU B 275 -37.52 1.01 -13.84
CA LEU B 275 -36.89 1.32 -12.57
C LEU B 275 -37.49 2.51 -11.82
N HIS B 276 -38.35 3.31 -12.45
CA HIS B 276 -38.66 4.62 -11.86
C HIS B 276 -39.29 4.50 -10.47
N SER B 277 -40.00 3.42 -10.18
CA SER B 277 -40.63 3.24 -8.87
CA SER B 277 -40.64 3.23 -8.88
C SER B 277 -39.89 2.26 -7.96
N ARG B 278 -38.80 1.66 -8.42
CA ARG B 278 -38.10 0.69 -7.60
CA ARG B 278 -38.10 0.69 -7.59
C ARG B 278 -37.03 1.39 -6.75
N TYR B 279 -36.69 0.75 -5.64
CA TYR B 279 -35.75 1.34 -4.69
C TYR B 279 -34.31 1.15 -5.15
N HIS B 280 -33.55 2.24 -5.08
CA HIS B 280 -32.10 2.20 -5.24
C HIS B 280 -31.46 1.48 -4.06
N PRO B 281 -30.26 0.92 -4.23
CA PRO B 281 -29.57 0.33 -3.07
C PRO B 281 -29.47 1.26 -1.87
N LEU B 282 -29.15 2.54 -2.07
CA LEU B 282 -29.11 3.48 -0.96
C LEU B 282 -30.48 3.73 -0.36
N GLY B 283 -31.55 3.40 -1.08
CA GLY B 283 -32.89 3.61 -0.57
C GLY B 283 -33.54 2.39 0.03
N GLN B 284 -32.85 1.25 0.04
CA GLN B 284 -33.50 0.01 0.47
C GLN B 284 -33.72 -0.01 1.98
N LEU B 285 -32.78 0.51 2.76
CA LEU B 285 -32.90 0.41 4.22
C LEU B 285 -34.16 1.12 4.72
N ASN B 286 -34.35 2.38 4.33
CA ASN B 286 -35.46 3.19 4.81
C ASN B 286 -36.53 3.43 3.75
N LYS B 287 -36.45 2.72 2.62
CA LYS B 287 -37.44 2.84 1.54
C LYS B 287 -37.69 4.31 1.18
N ASP B 288 -36.61 5.05 0.95
CA ASP B 288 -36.71 6.48 0.75
C ASP B 288 -35.98 7.00 -0.48
N VAL B 289 -35.44 6.13 -1.34
CA VAL B 289 -34.79 6.57 -2.57
C VAL B 289 -35.13 5.58 -3.67
N THR B 290 -35.82 6.06 -4.70
CA THR B 290 -36.05 5.29 -5.92
C THR B 290 -35.16 5.83 -7.03
N TYR B 291 -35.17 5.15 -8.17
CA TYR B 291 -34.37 5.62 -9.29
C TYR B 291 -34.87 6.95 -9.81
N THR B 292 -36.15 7.26 -9.61
CA THR B 292 -36.64 8.60 -9.93
C THR B 292 -35.79 9.65 -9.22
N GLN B 293 -35.53 9.46 -7.93
CA GLN B 293 -34.75 10.43 -7.18
C GLN B 293 -33.28 10.40 -7.58
N LEU B 294 -32.73 9.21 -7.84
CA LEU B 294 -31.36 9.16 -8.35
C LEU B 294 -31.24 9.97 -9.63
N TYR B 295 -32.17 9.76 -10.56
CA TYR B 295 -32.09 10.43 -11.85
C TYR B 295 -32.21 11.94 -11.69
N SER B 296 -33.17 12.41 -10.88
CA SER B 296 -33.29 13.83 -10.61
C SER B 296 -32.02 14.39 -9.98
N PHE B 297 -31.51 13.69 -8.96
CA PHE B 297 -30.31 14.12 -8.26
C PHE B 297 -29.15 14.34 -9.24
N LEU B 298 -28.82 13.31 -10.02
CA LEU B 298 -27.69 13.43 -10.94
C LEU B 298 -27.96 14.48 -11.99
N GLY B 299 -29.20 14.56 -12.49
CA GLY B 299 -29.52 15.60 -13.45
C GLY B 299 -29.37 16.99 -12.88
N CYS B 300 -29.86 17.18 -11.64
CA CYS B 300 -29.72 18.48 -10.98
C CYS B 300 -28.25 18.88 -10.87
N LEU B 301 -27.38 17.94 -10.55
CA LEU B 301 -25.96 18.21 -10.47
C LEU B 301 -25.28 18.29 -11.83
N GLN B 302 -26.03 18.14 -12.92
CA GLN B 302 -25.47 18.19 -14.27
C GLN B 302 -24.39 17.14 -14.48
N VAL B 303 -24.51 16.00 -13.81
CA VAL B 303 -23.61 14.89 -14.03
C VAL B 303 -24.38 13.63 -14.43
N SER B 304 -25.58 13.80 -14.96
CA SER B 304 -26.35 12.65 -15.37
C SER B 304 -25.62 11.93 -16.50
N PRO B 305 -25.44 10.62 -16.42
CA PRO B 305 -24.79 9.91 -17.54
C PRO B 305 -25.65 9.83 -18.79
N CYS B 306 -26.96 10.08 -18.70
CA CYS B 306 -27.83 10.13 -19.86
C CYS B 306 -29.05 10.98 -19.55
N PRO B 307 -28.93 12.30 -19.62
CA PRO B 307 -30.09 13.14 -19.26
C PRO B 307 -31.33 12.85 -20.09
N GLY B 308 -31.18 12.42 -21.34
CA GLY B 308 -32.34 12.27 -22.21
C GLY B 308 -33.22 11.10 -21.81
N TRP B 309 -32.61 10.00 -21.39
CA TRP B 309 -33.36 8.81 -21.00
C TRP B 309 -33.60 8.73 -19.50
N MET B 310 -32.80 9.40 -18.68
CA MET B 310 -32.96 9.41 -17.23
C MET B 310 -33.76 10.62 -16.79
N SER B 311 -34.89 10.84 -17.47
CA SER B 311 -35.71 12.02 -17.27
C SER B 311 -37.13 11.57 -16.96
N ALA B 312 -37.81 12.34 -16.10
CA ALA B 312 -39.22 12.13 -15.88
C ALA B 312 -40.08 12.73 -17.00
N ASN B 313 -39.46 13.50 -17.89
CA ASN B 313 -40.14 14.14 -19.02
C ASN B 313 -40.22 13.11 -20.14
N GLU B 314 -41.40 12.51 -20.32
CA GLU B 314 -41.52 11.41 -21.27
C GLU B 314 -41.39 11.88 -22.71
N THR B 315 -41.61 13.18 -22.98
CA THR B 315 -41.35 13.70 -24.32
C THR B 315 -39.86 13.71 -24.62
N LEU B 316 -39.04 14.13 -23.65
CA LEU B 316 -37.60 14.05 -23.81
C LEU B 316 -37.14 12.61 -24.01
N ARG B 317 -37.66 11.69 -23.19
CA ARG B 317 -37.30 10.28 -23.37
C ARG B 317 -37.64 9.82 -24.78
N ALA B 318 -38.82 10.19 -25.29
CA ALA B 318 -39.21 9.76 -26.62
C ALA B 318 -38.32 10.37 -27.70
N LEU B 319 -37.96 11.64 -27.57
CA LEU B 319 -37.06 12.26 -28.53
C LEU B 319 -35.69 11.58 -28.51
N THR B 320 -35.21 11.25 -27.31
CA THR B 320 -33.95 10.53 -27.20
C THR B 320 -34.03 9.18 -27.89
N SER B 321 -35.12 8.45 -27.66
CA SER B 321 -35.29 7.15 -28.32
C SER B 321 -35.36 7.33 -29.84
N GLU B 322 -36.06 8.36 -30.30
CA GLU B 322 -36.19 8.58 -31.73
C GLU B 322 -34.83 8.87 -32.36
N ARG B 323 -34.00 9.68 -31.71
CA ARG B 323 -32.65 9.91 -32.23
C ARG B 323 -31.85 8.61 -32.24
N ALA B 324 -31.99 7.81 -31.18
CA ALA B 324 -31.26 6.55 -31.13
C ALA B 324 -31.65 5.65 -32.30
N GLN B 325 -32.93 5.58 -32.62
CA GLN B 325 -33.39 4.80 -33.75
C GLN B 325 -32.88 5.39 -35.06
N GLN B 326 -32.82 6.72 -35.16
CA GLN B 326 -32.34 7.35 -36.38
C GLN B 326 -30.86 7.07 -36.58
N LEU B 327 -30.07 7.13 -35.52
CA LEU B 327 -28.65 6.82 -35.62
C LEU B 327 -28.41 5.35 -35.93
N SER B 328 -29.25 4.45 -35.39
CA SER B 328 -29.12 3.05 -35.74
C SER B 328 -29.42 2.82 -37.21
N GLU B 329 -30.42 3.50 -37.74
CA GLU B 329 -30.71 3.39 -39.17
C GLU B 329 -29.56 3.92 -40.01
N THR B 330 -28.84 4.92 -39.51
CA THR B 330 -27.65 5.40 -40.20
C THR B 330 -26.57 4.33 -40.24
N LEU B 331 -26.35 3.63 -39.13
CA LEU B 331 -25.42 2.51 -39.14
C LEU B 331 -25.86 1.44 -40.14
N ARG B 332 -27.15 1.11 -40.14
CA ARG B 332 -27.63 0.11 -41.08
C ARG B 332 -27.40 0.55 -42.51
N LYS B 333 -27.61 1.84 -42.79
CA LYS B 333 -27.38 2.39 -44.12
C LYS B 333 -25.93 2.25 -44.53
N ILE B 334 -25.01 2.58 -43.63
CA ILE B 334 -23.59 2.43 -43.92
C ILE B 334 -23.28 0.98 -44.28
N ALA B 335 -23.78 0.04 -43.48
CA ALA B 335 -23.47 -1.36 -43.73
C ALA B 335 -24.10 -1.84 -45.03
N ALA B 336 -25.25 -1.29 -45.41
CA ALA B 336 -25.90 -1.69 -46.66
C ALA B 336 -25.25 -1.08 -47.89
N SER B 337 -24.54 0.05 -47.75
CA SER B 337 -24.19 0.86 -48.91
C SER B 337 -22.69 1.07 -49.13
N LYS B 338 -21.85 0.86 -48.13
CA LYS B 338 -20.43 1.18 -48.24
C LYS B 338 -19.61 -0.09 -48.08
N LYS B 339 -18.50 -0.15 -48.81
CA LYS B 339 -17.71 -1.36 -48.94
C LYS B 339 -16.24 -1.04 -48.72
N PHE B 340 -15.55 -1.97 -48.08
CA PHE B 340 -14.16 -1.80 -47.69
C PHE B 340 -13.39 -3.05 -48.10
N THR B 341 -12.17 -2.86 -48.59
CA THR B 341 -11.49 -3.99 -49.22
C THR B 341 -11.15 -5.08 -48.21
N ASN B 342 -10.79 -4.70 -46.98
CA ASN B 342 -10.18 -5.66 -46.08
C ASN B 342 -11.15 -6.26 -45.07
N PHE B 343 -12.43 -5.89 -45.10
CA PHE B 343 -13.39 -6.55 -44.22
C PHE B 343 -14.78 -6.52 -44.82
N ASN B 344 -15.55 -7.57 -44.49
CA ASN B 344 -16.99 -7.56 -44.65
C ASN B 344 -17.63 -6.74 -43.55
N LEU B 345 -18.74 -6.09 -43.88
CA LEU B 345 -19.41 -5.16 -42.97
C LEU B 345 -20.87 -5.55 -42.80
N PHE B 346 -21.33 -5.62 -41.55
CA PHE B 346 -22.65 -6.08 -41.19
C PHE B 346 -23.27 -5.12 -40.17
N TYR B 347 -24.59 -5.04 -40.17
CA TYR B 347 -25.33 -4.32 -39.14
C TYR B 347 -26.22 -5.30 -38.37
N LEU B 348 -26.27 -5.13 -37.04
CA LEU B 348 -27.19 -5.87 -36.20
C LEU B 348 -27.97 -4.92 -35.32
N ASP B 349 -29.27 -5.13 -35.22
CA ASP B 349 -30.08 -4.35 -34.29
C ASP B 349 -29.76 -4.74 -32.86
N PHE B 350 -29.98 -3.77 -31.97
CA PHE B 350 -29.89 -4.01 -30.55
C PHE B 350 -30.99 -4.97 -30.13
N ALA B 351 -30.60 -6.15 -29.64
CA ALA B 351 -31.51 -7.29 -29.51
C ALA B 351 -32.32 -7.23 -28.21
N PHE B 352 -33.03 -6.11 -28.03
CA PHE B 352 -33.72 -5.85 -26.77
C PHE B 352 -34.77 -6.90 -26.47
N GLN B 353 -35.74 -7.08 -27.39
CA GLN B 353 -36.85 -7.99 -27.12
C GLN B 353 -36.36 -9.41 -26.92
N GLU B 354 -35.39 -9.85 -27.73
CA GLU B 354 -34.89 -11.21 -27.61
C GLU B 354 -34.26 -11.43 -26.23
N VAL B 355 -33.46 -10.47 -25.77
CA VAL B 355 -32.80 -10.62 -24.47
C VAL B 355 -33.85 -10.67 -23.36
N VAL B 356 -34.83 -9.77 -23.40
CA VAL B 356 -35.80 -9.71 -22.32
C VAL B 356 -36.65 -10.99 -22.28
N GLU B 357 -36.97 -11.55 -23.45
CA GLU B 357 -37.76 -12.78 -23.48
C GLU B 357 -36.92 -13.97 -23.00
N GLU B 358 -35.69 -14.08 -23.50
CA GLU B 358 -34.77 -15.11 -23.01
C GLU B 358 -34.67 -15.08 -21.50
N TRP B 359 -34.61 -13.87 -20.92
CA TRP B 359 -34.48 -13.74 -19.47
C TRP B 359 -35.76 -14.16 -18.75
N GLN B 360 -36.92 -13.78 -19.29
CA GLN B 360 -38.18 -14.12 -18.63
C GLN B 360 -38.40 -15.63 -18.65
N LYS B 361 -38.01 -16.30 -19.73
CA LYS B 361 -38.11 -17.76 -19.78
C LYS B 361 -37.18 -18.46 -18.81
N MET B 362 -36.09 -17.80 -18.39
CA MET B 362 -35.23 -18.34 -17.35
C MET B 362 -35.73 -18.00 -15.96
N GLY B 363 -36.92 -17.40 -15.85
CA GLY B 363 -37.48 -17.01 -14.58
C GLY B 363 -37.07 -15.63 -14.10
N GLY B 364 -36.50 -14.80 -14.96
CA GLY B 364 -36.03 -13.50 -14.53
C GLY B 364 -37.07 -12.41 -14.65
N GLN B 365 -36.83 -11.35 -13.93
CA GLN B 365 -37.56 -10.10 -13.96
C GLN B 365 -36.74 -9.05 -14.72
N PRO B 366 -37.36 -8.19 -15.53
CA PRO B 366 -36.54 -7.28 -16.36
C PRO B 366 -35.67 -6.32 -15.56
N TRP B 367 -36.10 -5.88 -14.38
CA TRP B 367 -35.28 -4.95 -13.62
C TRP B 367 -33.96 -5.59 -13.20
N GLU B 368 -33.86 -6.91 -13.26
CA GLU B 368 -32.62 -7.61 -12.89
C GLU B 368 -31.57 -7.55 -13.98
N LEU B 369 -31.85 -6.88 -15.10
CA LEU B 369 -30.90 -6.76 -16.20
C LEU B 369 -30.12 -5.45 -16.18
N ILE B 370 -30.39 -4.56 -15.24
CA ILE B 370 -29.77 -3.24 -15.20
C ILE B 370 -28.89 -3.13 -13.95
N GLU B 371 -27.71 -2.56 -14.12
CA GLU B 371 -26.83 -2.27 -13.00
C GLU B 371 -27.58 -1.56 -11.88
N ALA B 372 -27.49 -2.11 -10.68
CA ALA B 372 -28.31 -1.60 -9.58
C ALA B 372 -27.84 -0.22 -9.12
N VAL B 373 -26.53 0.01 -9.07
CA VAL B 373 -26.05 1.26 -8.49
C VAL B 373 -26.26 2.42 -9.46
N ASP B 374 -25.97 2.24 -10.75
CA ASP B 374 -26.04 3.39 -11.66
C ASP B 374 -27.37 3.50 -12.41
N GLY B 375 -28.21 2.47 -12.38
CA GLY B 375 -29.53 2.55 -13.01
C GLY B 375 -29.47 2.85 -14.50
N PHE B 376 -28.39 2.46 -15.16
CA PHE B 376 -28.12 2.89 -16.54
C PHE B 376 -27.63 1.75 -17.42
N HIS B 377 -26.55 1.08 -16.98
CA HIS B 377 -25.89 0.13 -17.86
C HIS B 377 -26.57 -1.25 -17.78
N PRO B 378 -26.52 -2.01 -18.87
CA PRO B 378 -26.81 -3.45 -18.76
C PRO B 378 -25.80 -4.09 -17.81
N ASN B 379 -26.26 -5.03 -17.00
CA ASN B 379 -25.38 -5.66 -16.03
C ASN B 379 -24.80 -6.95 -16.64
N GLU B 380 -24.09 -7.72 -15.82
CA GLU B 380 -23.34 -8.86 -16.31
C GLU B 380 -24.25 -9.87 -17.01
N VAL B 381 -25.41 -10.15 -16.42
CA VAL B 381 -26.34 -11.10 -17.03
C VAL B 381 -26.83 -10.59 -18.38
N ALA B 382 -27.25 -9.32 -18.43
CA ALA B 382 -27.73 -8.76 -19.69
C ALA B 382 -26.67 -8.87 -20.76
N LEU B 383 -25.41 -8.55 -20.41
CA LEU B 383 -24.35 -8.51 -21.41
C LEU B 383 -24.08 -9.88 -21.99
N LEU B 384 -24.17 -10.92 -21.17
CA LEU B 384 -23.99 -12.28 -21.68
C LEU B 384 -25.18 -12.74 -22.49
N LEU B 385 -26.38 -12.25 -22.17
CA LEU B 385 -27.53 -12.55 -23.02
C LEU B 385 -27.39 -11.88 -24.39
N PHE B 386 -26.94 -10.63 -24.43
CA PHE B 386 -26.68 -9.99 -25.72
C PHE B 386 -25.62 -10.75 -26.50
N ALA B 387 -24.60 -11.27 -25.81
CA ALA B 387 -23.57 -12.03 -26.52
C ALA B 387 -24.14 -13.30 -27.10
N ASP B 388 -24.97 -14.00 -26.33
CA ASP B 388 -25.62 -15.22 -26.82
C ASP B 388 -26.48 -14.92 -28.04
N GLN B 389 -27.23 -13.82 -28.02
CA GLN B 389 -28.09 -13.50 -29.17
C GLN B 389 -27.28 -13.13 -30.39
N LEU B 390 -26.16 -12.44 -30.20
CA LEU B 390 -25.31 -12.10 -31.33
C LEU B 390 -24.68 -13.36 -31.92
N TRP B 391 -24.17 -14.24 -31.06
CA TRP B 391 -23.55 -15.46 -31.55
C TRP B 391 -24.52 -16.27 -32.39
N GLU B 392 -25.72 -16.53 -31.87
CA GLU B 392 -26.65 -17.37 -32.60
C GLU B 392 -27.08 -16.71 -33.91
N LYS B 393 -27.35 -15.40 -33.86
CA LYS B 393 -27.81 -14.71 -35.06
C LYS B 393 -26.74 -14.68 -36.15
N VAL B 394 -25.48 -14.42 -35.77
CA VAL B 394 -24.40 -14.44 -36.75
C VAL B 394 -24.18 -15.86 -37.27
N GLN B 395 -24.20 -16.84 -36.36
CA GLN B 395 -24.05 -18.23 -36.77
C GLN B 395 -25.11 -18.64 -37.78
N ARG B 396 -26.34 -18.17 -37.58
CA ARG B 396 -27.47 -18.54 -38.43
C ARG B 396 -27.43 -17.82 -39.78
N GLN B 397 -27.03 -16.55 -39.78
CA GLN B 397 -27.08 -15.74 -40.99
C GLN B 397 -25.75 -15.69 -41.74
N TRP B 398 -24.64 -15.50 -41.02
CA TRP B 398 -23.34 -15.26 -41.61
C TRP B 398 -22.30 -16.17 -40.97
N PRO B 399 -22.45 -17.47 -41.11
CA PRO B 399 -21.55 -18.39 -40.39
C PRO B 399 -20.08 -18.21 -40.74
N ASP B 400 -19.77 -17.63 -41.90
CA ASP B 400 -18.37 -17.40 -42.28
C ASP B 400 -17.68 -16.47 -41.30
N VAL B 401 -18.43 -15.58 -40.66
CA VAL B 401 -17.85 -14.59 -39.76
C VAL B 401 -17.16 -15.28 -38.59
N LEU B 402 -17.76 -16.35 -38.07
CA LEU B 402 -17.26 -17.05 -36.90
C LEU B 402 -16.23 -18.12 -37.23
N GLY B 403 -16.25 -18.64 -38.45
CA GLY B 403 -15.30 -19.66 -38.85
C GLY B 403 -15.80 -21.07 -38.56
N LYS B 404 -15.02 -22.03 -39.06
CA LYS B 404 -15.33 -23.43 -38.86
C LYS B 404 -14.79 -23.91 -37.52
N GLU B 405 -15.45 -24.92 -36.96
CA GLU B 405 -14.90 -25.64 -35.83
C GLU B 405 -13.59 -26.30 -36.23
N ASN B 406 -12.57 -26.15 -35.41
CA ASN B 406 -11.27 -26.74 -35.71
C ASN B 406 -11.31 -28.22 -35.31
N PRO B 407 -11.23 -29.15 -36.27
CA PRO B 407 -11.29 -30.57 -35.90
C PRO B 407 -10.15 -31.01 -34.99
N PHE B 408 -9.09 -30.21 -34.87
CA PHE B 408 -7.94 -30.56 -34.05
C PHE B 408 -7.98 -29.94 -32.65
N ASN B 409 -9.09 -29.32 -32.26
CA ASN B 409 -9.23 -28.85 -30.89
C ASN B 409 -8.87 -29.92 -29.86
N PRO B 410 -9.33 -31.16 -29.99
CA PRO B 410 -8.95 -32.17 -28.98
C PRO B 410 -7.47 -32.46 -28.97
N GLN B 411 -6.83 -32.51 -30.14
CA GLN B 411 -5.39 -32.67 -30.19
C GLN B 411 -4.68 -31.52 -29.49
N ILE B 412 -5.11 -30.29 -29.76
CA ILE B 412 -4.51 -29.14 -29.10
C ILE B 412 -4.60 -29.31 -27.60
N GLU B 413 -5.79 -29.69 -27.12
CA GLU B 413 -6.00 -29.86 -25.69
C GLU B 413 -5.12 -30.96 -25.13
N GLU B 414 -4.98 -32.06 -25.88
CA GLU B 414 -4.18 -33.18 -25.39
C GLU B 414 -2.70 -32.80 -25.25
N VAL B 415 -2.17 -32.12 -26.27
CA VAL B 415 -0.74 -31.81 -26.29
C VAL B 415 -0.42 -30.61 -25.41
N PHE B 416 -1.30 -29.60 -25.39
CA PHE B 416 -0.98 -28.33 -24.76
C PHE B 416 -1.85 -28.00 -23.56
N GLY B 417 -2.83 -28.83 -23.23
CA GLY B 417 -3.55 -28.65 -21.99
C GLY B 417 -4.31 -27.33 -22.01
N ASP B 418 -4.15 -26.53 -20.96
CA ASP B 418 -4.82 -25.26 -20.87
C ASP B 418 -4.15 -24.19 -21.72
N GLN B 419 -3.15 -24.55 -22.51
CA GLN B 419 -2.52 -23.64 -23.45
C GLN B 419 -1.89 -22.45 -22.76
N GLY B 420 -1.54 -22.61 -21.48
CA GLY B 420 -0.91 -21.57 -20.73
C GLY B 420 -1.85 -20.72 -19.91
N GLY B 421 -3.16 -20.97 -19.99
CA GLY B 421 -4.12 -20.18 -19.24
C GLY B 421 -4.22 -18.76 -19.75
N HIS B 422 -5.00 -17.96 -19.02
CA HIS B 422 -5.13 -16.54 -19.31
C HIS B 422 -4.34 -15.67 -18.34
N ASP C 24 15.30 21.61 6.17
CA ASP C 24 16.23 22.17 5.19
C ASP C 24 17.58 21.46 5.26
N HIS C 25 18.25 21.59 6.40
CA HIS C 25 19.47 20.83 6.63
C HIS C 25 19.24 19.34 6.43
N TYR C 26 18.03 18.86 6.73
CA TYR C 26 17.70 17.46 6.49
C TYR C 26 17.56 17.18 5.00
N THR C 27 16.94 18.11 4.25
CA THR C 27 16.77 17.89 2.83
C THR C 27 18.11 17.84 2.11
N CYS C 28 19.08 18.64 2.56
CA CYS C 28 20.41 18.56 1.97
C CYS C 28 21.01 17.19 2.21
N VAL C 29 20.93 16.68 3.44
CA VAL C 29 21.36 15.31 3.71
C VAL C 29 20.59 14.34 2.82
N GLY C 30 19.27 14.46 2.81
CA GLY C 30 18.46 13.53 2.04
C GLY C 30 18.83 13.56 0.57
N CYS C 31 19.09 14.75 0.04
CA CYS C 31 19.41 14.88 -1.38
C CYS C 31 20.75 14.22 -1.69
N VAL C 32 21.77 14.49 -0.88
CA VAL C 32 23.09 13.90 -1.12
C VAL C 32 23.02 12.38 -1.04
N LEU C 33 22.23 11.85 -0.11
CA LEU C 33 22.08 10.40 -0.01
C LEU C 33 21.47 9.83 -1.28
N VAL C 34 20.31 10.36 -1.66
CA VAL C 34 19.57 9.79 -2.78
C VAL C 34 20.36 9.95 -4.07
N VAL C 35 20.93 11.15 -4.30
CA VAL C 35 21.73 11.35 -5.51
C VAL C 35 22.93 10.41 -5.51
N SER C 36 23.62 10.28 -4.37
CA SER C 36 24.75 9.36 -4.26
C SER C 36 24.38 7.98 -4.75
N VAL C 37 23.26 7.45 -4.25
CA VAL C 37 22.85 6.10 -4.61
C VAL C 37 22.57 6.02 -6.11
N ILE C 38 21.83 6.99 -6.63
CA ILE C 38 21.51 7.01 -8.06
C ILE C 38 22.79 7.00 -8.90
N GLU C 39 23.73 7.87 -8.56
CA GLU C 39 24.94 8.00 -9.39
C GLU C 39 25.79 6.74 -9.32
N GLN C 40 25.97 6.18 -8.13
CA GLN C 40 26.81 4.99 -8.01
C GLN C 40 26.14 3.78 -8.62
N LEU C 41 24.81 3.72 -8.58
CA LEU C 41 24.10 2.63 -9.24
C LEU C 41 24.25 2.74 -10.74
N ALA C 42 24.23 3.96 -11.29
CA ALA C 42 24.51 4.16 -12.71
C ALA C 42 25.94 3.76 -13.03
N GLN C 43 26.88 4.15 -12.18
CA GLN C 43 28.29 3.84 -12.43
C GLN C 43 28.52 2.34 -12.58
N VAL C 44 28.04 1.54 -11.63
CA VAL C 44 28.30 0.11 -11.68
C VAL C 44 27.55 -0.58 -12.80
N HIS C 45 26.57 0.09 -13.41
CA HIS C 45 25.86 -0.43 -14.57
C HIS C 45 26.22 0.30 -15.85
N ASN C 46 27.21 1.19 -15.83
CA ASN C 46 27.55 1.98 -17.01
C ASN C 46 26.31 2.65 -17.57
N SER C 47 25.35 2.96 -16.71
CA SER C 47 24.03 3.37 -17.15
C SER C 47 23.88 4.87 -17.07
N THR C 48 22.85 5.36 -17.75
CA THR C 48 22.41 6.73 -17.55
C THR C 48 21.75 6.87 -16.19
N VAL C 49 21.53 8.12 -15.79
CA VAL C 49 20.86 8.36 -14.52
C VAL C 49 19.37 8.07 -14.63
N GLN C 50 18.76 8.29 -15.81
CA GLN C 50 17.38 7.88 -15.99
C GLN C 50 17.23 6.39 -15.74
N ALA C 51 18.17 5.58 -16.25
CA ALA C 51 18.05 4.13 -16.12
C ALA C 51 18.30 3.66 -14.70
N SER C 52 19.23 4.30 -13.99
CA SER C 52 19.49 3.89 -12.61
C SER C 52 18.33 4.28 -11.70
N MET C 53 17.77 5.48 -11.91
CA MET C 53 16.55 5.85 -11.21
C MET C 53 15.49 4.77 -11.37
N GLU C 54 15.19 4.40 -12.61
CA GLU C 54 14.23 3.33 -12.87
C GLU C 54 14.64 2.04 -12.16
N ARG C 55 15.93 1.72 -12.20
CA ARG C 55 16.41 0.51 -11.52
C ARG C 55 16.16 0.60 -10.01
N LEU C 56 16.29 1.80 -9.45
CA LEU C 56 16.10 1.96 -8.02
C LEU C 56 14.65 1.73 -7.63
N CYS C 57 13.71 2.35 -8.36
CA CYS C 57 12.30 2.08 -8.16
C CYS C 57 12.02 0.58 -8.21
N SER C 58 12.56 -0.08 -9.24
CA SER C 58 12.50 -1.52 -9.39
C SER C 58 12.78 -2.26 -8.08
N TYR C 59 13.69 -1.73 -7.25
CA TYR C 59 14.09 -2.44 -6.04
C TYR C 59 13.20 -2.16 -4.84
N LEU C 60 12.41 -1.09 -4.86
CA LEU C 60 11.55 -0.77 -3.73
C LEU C 60 10.43 -1.81 -3.61
N PRO C 61 9.96 -2.06 -2.39
CA PRO C 61 8.80 -2.95 -2.23
C PRO C 61 7.53 -2.30 -2.74
N GLU C 62 6.59 -3.14 -3.18
CA GLU C 62 5.34 -2.63 -3.73
C GLU C 62 4.44 -2.10 -2.62
N GLU C 63 4.29 -2.85 -1.52
CA GLU C 63 3.45 -2.38 -0.43
C GLU C 63 3.88 -0.98 -0.03
N TRP C 64 2.93 -0.20 0.48
CA TRP C 64 3.08 1.21 0.78
C TRP C 64 3.12 2.07 -0.47
N VAL C 65 2.94 1.50 -1.66
CA VAL C 65 2.97 2.24 -2.93
C VAL C 65 4.29 2.98 -3.05
N LEU C 66 5.36 2.44 -2.46
CA LEU C 66 6.66 3.06 -2.67
C LEU C 66 7.06 2.99 -4.12
N LYS C 67 7.04 1.79 -4.70
CA LYS C 67 7.49 1.61 -6.08
C LYS C 67 6.68 2.48 -7.03
N THR C 68 5.35 2.43 -6.95
CA THR C 68 4.51 3.25 -7.82
C THR C 68 4.87 4.72 -7.68
N ALA C 69 4.94 5.21 -6.43
CA ALA C 69 5.26 6.62 -6.21
C ALA C 69 6.65 6.96 -6.73
N CYS C 70 7.61 6.04 -6.56
CA CYS C 70 8.95 6.23 -7.11
C CYS C 70 8.89 6.38 -8.62
N TYR C 71 8.27 5.40 -9.29
CA TYR C 71 8.18 5.46 -10.75
C TYR C 71 7.49 6.74 -11.23
N MET C 72 6.48 7.20 -10.50
CA MET C 72 5.77 8.42 -10.90
C MET C 72 6.71 9.61 -10.90
N MET C 73 7.45 9.81 -9.80
CA MET C 73 8.33 10.98 -9.71
C MET C 73 9.44 10.92 -10.74
N VAL C 74 9.98 9.73 -11.02
CA VAL C 74 11.02 9.60 -12.04
C VAL C 74 10.46 9.92 -13.41
N HIS C 75 9.27 9.41 -13.72
CA HIS C 75 8.70 9.63 -15.05
C HIS C 75 8.24 11.09 -15.20
N VAL C 76 7.51 11.60 -14.20
CA VAL C 76 7.00 12.97 -14.30
C VAL C 76 8.14 13.99 -14.29
N PHE C 77 9.15 13.76 -13.45
CA PHE C 77 10.14 14.79 -13.14
C PHE C 77 11.55 14.49 -13.62
N GLY C 78 11.97 13.23 -13.62
CA GLY C 78 13.36 12.88 -13.88
C GLY C 78 13.95 13.57 -15.09
N ALA C 79 13.37 13.33 -16.27
CA ALA C 79 13.92 13.92 -17.49
C ALA C 79 14.05 15.44 -17.38
N ASP C 80 13.12 16.08 -16.68
CA ASP C 80 13.14 17.54 -16.57
C ASP C 80 14.23 18.01 -15.61
N ILE C 81 14.53 17.24 -14.56
CA ILE C 81 15.61 17.62 -13.66
C ILE C 81 16.97 17.33 -14.27
N ILE C 82 17.07 16.29 -15.10
CA ILE C 82 18.34 15.98 -15.75
C ILE C 82 18.71 17.00 -16.82
N LYS C 83 17.73 17.75 -17.34
CA LYS C 83 18.03 18.75 -18.36
C LYS C 83 18.91 19.87 -17.83
N LEU C 84 18.91 20.10 -16.52
CA LEU C 84 19.63 21.22 -15.94
C LEU C 84 21.15 21.06 -16.03
N PHE C 85 21.64 19.85 -16.29
CA PHE C 85 23.07 19.55 -16.20
C PHE C 85 23.63 19.23 -17.57
N ASP C 86 24.66 19.96 -17.97
CA ASP C 86 25.37 19.71 -19.23
C ASP C 86 26.77 19.14 -19.01
N LYS C 87 27.13 18.80 -17.77
CA LYS C 87 28.34 18.04 -17.52
C LYS C 87 28.10 17.12 -16.33
N ASP C 88 28.92 16.07 -16.24
CA ASP C 88 28.81 15.12 -15.14
C ASP C 88 29.39 15.71 -13.87
N VAL C 89 28.60 15.67 -12.78
CA VAL C 89 28.95 16.31 -11.52
C VAL C 89 28.42 15.46 -10.38
N ASN C 90 29.13 15.50 -9.24
CA ASN C 90 28.84 14.58 -8.15
C ASN C 90 27.58 15.01 -7.39
N ALA C 91 27.29 14.27 -6.31
CA ALA C 91 26.05 14.46 -5.58
C ALA C 91 25.97 15.84 -4.93
N ASP C 92 27.09 16.34 -4.43
CA ASP C 92 27.12 17.67 -3.83
C ASP C 92 26.70 18.72 -4.84
N VAL C 93 27.33 18.73 -6.01
CA VAL C 93 27.02 19.72 -7.05
C VAL C 93 25.53 19.66 -7.39
N VAL C 94 25.02 18.46 -7.69
CA VAL C 94 23.61 18.33 -8.05
C VAL C 94 22.73 18.96 -6.98
N CYS C 95 22.93 18.55 -5.73
CA CYS C 95 22.04 18.99 -4.66
C CYS C 95 22.16 20.49 -4.42
N HIS C 96 23.36 21.05 -4.59
CA HIS C 96 23.49 22.51 -4.49
C HIS C 96 22.83 23.19 -5.67
N THR C 97 22.99 22.66 -6.88
CA THR C 97 22.36 23.26 -8.06
C THR C 97 20.85 23.31 -7.90
N LEU C 98 20.23 22.18 -7.55
CA LEU C 98 18.81 22.13 -7.26
C LEU C 98 18.44 22.93 -6.03
N GLU C 99 19.42 23.49 -5.31
CA GLU C 99 19.20 24.29 -4.12
C GLU C 99 18.55 23.50 -2.99
N PHE C 100 18.73 22.17 -2.99
CA PHE C 100 18.50 21.40 -1.78
C PHE C 100 19.59 21.66 -0.74
N CYS C 101 20.77 22.10 -1.18
CA CYS C 101 21.82 22.61 -0.31
C CYS C 101 22.17 24.02 -0.75
N LYS C 102 22.51 24.88 0.21
CA LYS C 102 22.80 26.29 -0.07
C LYS C 102 23.99 26.75 0.76
N GLN C 103 25.01 27.28 0.08
CA GLN C 103 26.27 27.72 0.71
C GLN C 103 26.22 29.22 0.96
N GLU C 104 25.91 29.61 2.20
CA GLU C 104 25.84 31.03 2.51
C GLU C 104 27.24 31.65 2.59
N PRO C 105 27.37 32.93 2.23
CA PRO C 105 28.71 33.53 2.12
C PRO C 105 29.43 33.59 3.45
N GLY C 106 30.75 33.36 3.40
CA GLY C 106 31.57 33.31 4.58
C GLY C 106 31.55 31.98 5.31
N GLN C 107 30.63 31.05 4.93
CA GLN C 107 30.48 29.76 5.60
C GLN C 107 31.29 28.70 4.86
N PRO C 108 31.78 27.67 5.56
CA PRO C 108 32.43 26.57 4.85
C PRO C 108 31.43 25.88 3.94
N LEU C 109 31.96 25.19 2.94
CA LEU C 109 31.13 24.47 2.00
C LEU C 109 30.70 23.14 2.62
N CYS C 110 29.40 22.94 2.78
CA CYS C 110 28.90 21.66 3.23
C CYS C 110 28.92 20.70 2.05
N HIS C 111 29.66 19.62 2.18
CA HIS C 111 29.86 18.69 1.07
C HIS C 111 30.31 17.36 1.66
N LEU C 112 29.90 16.27 1.01
CA LEU C 112 30.32 14.95 1.45
C LEU C 112 31.49 14.39 0.65
N TYR C 113 31.58 14.70 -0.63
CA TYR C 113 32.58 14.10 -1.50
C TYR C 113 33.74 15.05 -1.76
N PRO C 114 34.85 14.53 -2.28
CA PRO C 114 36.00 15.40 -2.54
C PRO C 114 35.68 16.50 -3.54
N LEU C 115 36.29 17.66 -3.33
CA LEU C 115 36.15 18.83 -4.17
C LEU C 115 37.15 18.80 -5.32
N PRO C 116 36.86 19.51 -6.43
CA PRO C 116 37.84 19.58 -7.51
C PRO C 116 38.73 20.82 -7.43
N CYS D 6 4.05 19.69 5.28
CA CYS D 6 3.09 19.59 6.36
C CYS D 6 2.48 20.95 6.71
N SER D 7 2.95 22.00 6.04
CA SER D 7 2.46 23.33 6.35
C SER D 7 1.06 23.58 5.82
N LEU D 8 0.68 22.87 4.76
CA LEU D 8 -0.60 23.14 4.11
C LEU D 8 -1.75 22.71 5.01
N PRO D 9 -2.79 23.54 5.17
CA PRO D 9 -3.71 23.37 6.31
C PRO D 9 -4.25 21.96 6.54
N PHE D 10 -4.68 21.25 5.50
CA PHE D 10 -5.29 19.94 5.74
C PHE D 10 -4.24 18.92 6.17
N LEU D 11 -3.08 18.92 5.54
CA LEU D 11 -2.02 18.02 5.95
C LEU D 11 -1.47 18.36 7.33
N ALA D 12 -1.62 19.62 7.77
CA ALA D 12 -1.00 20.04 9.02
C ALA D 12 -1.61 19.32 10.22
N LYS D 13 -2.94 19.18 10.26
CA LYS D 13 -3.57 18.44 11.35
C LYS D 13 -3.20 16.97 11.34
N ILE D 14 -2.80 16.45 10.17
CA ILE D 14 -2.40 15.05 10.08
C ILE D 14 -1.01 14.86 10.68
N CYS D 15 -0.07 15.73 10.31
CA CYS D 15 1.29 15.60 10.80
C CYS D 15 1.36 15.78 12.31
N GLN D 16 0.61 16.75 12.84
CA GLN D 16 0.57 16.93 14.29
C GLN D 16 0.11 15.65 14.98
N LYS D 17 -0.87 14.95 14.40
CA LYS D 17 -1.40 13.75 15.04
C LYS D 17 -0.34 12.64 15.10
N ILE D 18 0.48 12.52 14.06
CA ILE D 18 1.49 11.46 14.06
C ILE D 18 2.57 11.75 15.08
N LYS D 19 3.08 12.98 15.08
CA LYS D 19 4.15 13.34 15.99
C LYS D 19 3.75 13.09 17.45
N LEU D 20 2.51 13.45 17.82
CA LEU D 20 2.03 13.10 19.16
C LEU D 20 2.05 11.60 19.38
N ALA D 21 1.75 10.82 18.34
CA ALA D 21 1.76 9.37 18.50
C ALA D 21 3.17 8.86 18.75
N ILE D 22 4.13 9.38 17.99
CA ILE D 22 5.54 9.05 18.21
C ILE D 22 5.93 9.39 19.64
N LYS D 23 5.88 10.67 19.99
CA LYS D 23 6.33 11.12 21.30
C LYS D 23 5.69 10.32 22.43
N ASN D 24 4.48 9.80 22.23
CA ASN D 24 3.80 9.05 23.29
C ASN D 24 4.44 7.68 23.52
N SER D 25 4.95 7.04 22.47
CA SER D 25 5.71 5.80 22.62
C SER D 25 4.88 4.68 23.22
N VAL D 26 3.60 4.63 22.87
CA VAL D 26 2.75 3.49 23.20
C VAL D 26 2.19 2.94 21.90
N PRO D 27 1.81 1.66 21.89
CA PRO D 27 1.35 1.05 20.64
C PRO D 27 0.14 1.74 20.05
N ILE D 28 0.17 1.86 18.72
CA ILE D 28 -0.96 2.38 17.97
C ILE D 28 -2.10 1.37 17.96
N LYS D 29 -1.78 0.08 17.82
CA LYS D 29 -2.76 -0.99 17.81
C LYS D 29 -2.84 -1.56 19.23
N ASP D 30 -3.85 -1.14 19.98
CA ASP D 30 -3.96 -1.44 21.40
C ASP D 30 -5.39 -1.22 21.85
N VAL D 31 -6.27 -2.20 21.58
CA VAL D 31 -7.71 -1.97 21.71
C VAL D 31 -8.09 -1.73 23.16
N ASP D 32 -7.53 -2.51 24.09
CA ASP D 32 -7.84 -2.35 25.51
C ASP D 32 -6.96 -1.35 26.22
N SER D 33 -6.04 -0.68 25.50
CA SER D 33 -5.25 0.43 26.05
C SER D 33 -4.39 0.03 27.25
N ASP D 34 -3.82 -1.18 27.24
CA ASP D 34 -2.91 -1.57 28.31
C ASP D 34 -1.45 -1.48 27.89
N LYS D 35 -1.16 -0.87 26.75
CA LYS D 35 0.18 -0.59 26.22
C LYS D 35 0.84 -1.85 25.64
N TYR D 36 0.16 -2.99 25.59
CA TYR D 36 0.64 -4.17 24.90
C TYR D 36 -0.22 -4.41 23.65
N SER D 37 0.41 -4.92 22.60
CA SER D 37 -0.19 -4.94 21.27
C SER D 37 -0.18 -6.35 20.69
N ILE D 38 -1.03 -6.57 19.67
CA ILE D 38 -0.96 -7.79 18.87
C ILE D 38 -0.25 -7.59 17.55
N PHE D 39 0.07 -6.35 17.19
CA PHE D 39 0.79 -5.97 15.99
CA PHE D 39 0.81 -5.99 15.99
C PHE D 39 2.26 -5.70 16.34
N PRO D 40 3.21 -6.02 15.45
CA PRO D 40 4.64 -5.93 15.83
C PRO D 40 5.19 -4.52 15.94
N THR D 41 5.02 -3.69 14.92
CA THR D 41 5.70 -2.40 14.90
C THR D 41 4.78 -1.33 15.48
N LEU D 42 5.11 -0.06 15.22
CA LEU D 42 4.36 1.06 15.75
C LEU D 42 4.23 0.92 17.27
N ARG D 43 5.37 0.62 17.90
CA ARG D 43 5.49 0.45 19.35
C ARG D 43 4.77 -0.80 19.84
N GLY D 44 4.57 -1.77 18.95
CA GLY D 44 3.87 -2.99 19.30
C GLY D 44 4.76 -4.03 19.93
N TYR D 45 4.57 -5.31 19.59
CA TYR D 45 5.22 -6.37 20.36
C TYR D 45 6.66 -6.64 19.95
N HIS D 46 7.18 -5.96 18.91
CA HIS D 46 8.63 -5.88 18.79
C HIS D 46 9.25 -5.15 19.97
N TRP D 47 8.47 -4.35 20.70
CA TRP D 47 8.97 -3.56 21.82
C TRP D 47 8.61 -4.12 23.19
N ARG D 48 7.43 -4.73 23.34
CA ARG D 48 7.05 -5.38 24.59
C ARG D 48 6.33 -6.68 24.27
N GLY D 49 6.19 -7.52 25.28
CA GLY D 49 5.45 -8.76 25.13
C GLY D 49 4.14 -8.59 24.39
N ARG D 50 3.82 -9.59 23.56
CA ARG D 50 2.57 -9.57 22.82
C ARG D 50 1.39 -9.73 23.76
N ASP D 51 0.37 -8.89 23.56
CA ASP D 51 -0.84 -8.96 24.38
C ASP D 51 -1.58 -10.23 24.01
N CYS D 52 -1.68 -11.16 24.95
CA CYS D 52 -2.40 -12.39 24.67
C CYS D 52 -3.91 -12.17 24.68
N ASN D 53 -4.38 -11.01 25.14
CA ASN D 53 -5.79 -10.66 25.00
C ASN D 53 -5.90 -9.14 24.91
N ASP D 54 -6.01 -8.64 23.68
CA ASP D 54 -6.14 -7.22 23.43
C ASP D 54 -7.56 -6.70 23.66
N SER D 55 -8.44 -7.55 24.20
CA SER D 55 -9.80 -7.15 24.56
C SER D 55 -9.98 -7.06 26.06
N ASP D 56 -8.89 -6.99 26.83
CA ASP D 56 -9.00 -7.03 28.28
C ASP D 56 -7.75 -6.37 28.87
N LYS D 57 -7.94 -5.22 29.51
CA LYS D 57 -6.89 -4.46 30.18
C LYS D 57 -6.34 -5.17 31.41
N THR D 58 -6.99 -6.23 31.90
CA THR D 58 -6.49 -6.97 33.05
C THR D 58 -5.72 -8.22 32.62
N VAL D 59 -5.47 -8.38 31.32
CA VAL D 59 -4.65 -9.46 30.77
C VAL D 59 -3.50 -8.79 30.04
N TYR D 60 -2.28 -8.97 30.53
CA TYR D 60 -1.11 -8.39 29.91
C TYR D 60 0.13 -9.03 30.52
N PRO D 61 1.27 -8.98 29.83
CA PRO D 61 2.48 -9.60 30.36
C PRO D 61 2.96 -8.93 31.65
N GLY D 62 3.49 -9.75 32.57
CA GLY D 62 4.09 -9.27 33.79
C GLY D 62 3.15 -9.18 34.97
N ARG D 63 1.86 -9.39 34.75
CA ARG D 63 0.89 -9.29 35.83
C ARG D 63 1.06 -10.48 36.78
N ARG D 64 0.72 -10.25 38.05
CA ARG D 64 0.60 -11.38 38.95
C ARG D 64 -0.68 -12.14 38.59
N PRO D 65 -0.64 -13.47 38.58
CA PRO D 65 -1.77 -14.25 38.02
C PRO D 65 -2.95 -14.28 38.97
N ASP D 66 -4.06 -13.67 38.56
CA ASP D 66 -5.28 -13.71 39.36
C ASP D 66 -5.73 -15.16 39.53
N ASN D 67 -6.04 -15.53 40.77
CA ASN D 67 -6.51 -16.89 41.05
C ASN D 67 -5.54 -17.92 40.46
N TRP D 68 -4.25 -17.57 40.48
CA TRP D 68 -3.18 -18.42 39.96
C TRP D 68 -3.46 -18.88 38.52
N ASP D 69 -4.20 -18.06 37.76
CA ASP D 69 -4.49 -18.35 36.36
C ASP D 69 -5.13 -19.73 36.21
N ALA D 70 -5.92 -20.12 37.22
CA ALA D 70 -6.60 -21.41 37.19
C ALA D 70 -7.47 -21.56 35.96
N HIS D 71 -8.10 -20.48 35.51
CA HIS D 71 -9.05 -20.55 34.41
C HIS D 71 -8.66 -19.74 33.18
N ARG D 72 -7.62 -18.90 33.27
CA ARG D 72 -7.12 -18.23 32.06
C ARG D 72 -5.71 -17.68 32.32
N ASP D 73 -5.06 -17.28 31.23
CA ASP D 73 -3.68 -16.81 31.24
C ASP D 73 -3.69 -15.28 31.29
N SER D 74 -3.78 -14.74 32.51
CA SER D 74 -3.91 -13.30 32.69
C SER D 74 -2.60 -12.56 32.47
N ASN D 75 -1.46 -13.23 32.57
CA ASN D 75 -0.17 -12.56 32.40
C ASN D 75 0.59 -13.05 31.18
N CYS D 76 -0.08 -13.71 30.25
CA CYS D 76 0.45 -13.97 28.91
C CYS D 76 1.75 -14.77 28.92
N ASN D 77 2.07 -15.50 30.00
CA ASN D 77 3.27 -16.33 29.98
C ASN D 77 2.98 -17.76 29.53
N GLY D 78 1.78 -18.02 29.01
CA GLY D 78 1.45 -19.33 28.48
C GLY D 78 1.14 -20.37 29.52
N ILE D 79 1.34 -20.08 30.81
CA ILE D 79 1.01 -21.00 31.89
C ILE D 79 -0.38 -20.68 32.40
N TRP D 80 -1.23 -21.71 32.48
CA TRP D 80 -2.57 -21.51 32.99
C TRP D 80 -3.23 -22.86 33.18
N GLY D 81 -4.42 -22.84 33.77
CA GLY D 81 -5.19 -24.05 33.99
C GLY D 81 -4.85 -24.74 35.30
N VAL D 82 -5.53 -25.87 35.51
CA VAL D 82 -5.42 -26.63 36.74
C VAL D 82 -4.99 -28.05 36.41
N ASP D 83 -4.04 -28.56 37.19
CA ASP D 83 -3.53 -29.92 37.00
C ASP D 83 -4.55 -30.93 37.50
N PRO D 84 -5.10 -31.79 36.64
CA PRO D 84 -6.21 -32.65 37.07
C PRO D 84 -5.83 -33.66 38.13
N LYS D 85 -4.54 -34.02 38.25
CA LYS D 85 -4.15 -35.06 39.18
C LYS D 85 -4.34 -34.59 40.63
N ASP D 86 -3.89 -33.38 40.94
CA ASP D 86 -3.95 -32.85 42.29
C ASP D 86 -4.77 -31.57 42.41
N GLY D 87 -5.41 -31.12 41.33
CA GLY D 87 -6.27 -29.96 41.40
C GLY D 87 -5.58 -28.64 41.71
N ILE D 88 -4.25 -28.61 41.68
CA ILE D 88 -3.51 -27.38 41.95
C ILE D 88 -3.30 -26.63 40.64
N PRO D 89 -3.42 -25.30 40.62
CA PRO D 89 -3.15 -24.56 39.38
C PRO D 89 -1.69 -24.70 38.95
N TYR D 90 -1.49 -24.84 37.64
CA TYR D 90 -0.13 -25.03 37.12
C TYR D 90 0.78 -23.89 37.54
N GLU D 91 0.31 -22.66 37.41
CA GLU D 91 1.18 -21.53 37.71
C GLU D 91 1.56 -21.51 39.20
N LYS D 92 0.68 -21.98 40.10
CA LYS D 92 1.07 -22.11 41.50
C LYS D 92 2.18 -23.14 41.68
N LYS D 93 1.99 -24.36 41.17
CA LYS D 93 3.04 -25.37 41.29
C LYS D 93 4.35 -24.85 40.74
N PHE D 94 4.31 -24.34 39.52
CA PHE D 94 5.50 -24.09 38.73
C PHE D 94 6.14 -22.75 39.01
N CYS D 95 5.40 -21.77 39.54
CA CYS D 95 5.92 -20.41 39.64
C CYS D 95 5.88 -19.81 41.04
N GLU D 96 5.02 -20.28 41.94
CA GLU D 96 5.02 -19.74 43.29
C GLU D 96 6.39 -19.96 43.93
N GLY D 97 6.95 -18.90 44.49
CA GLY D 97 8.26 -18.95 45.10
C GLY D 97 9.42 -18.81 44.13
N SER D 98 9.18 -18.81 42.83
CA SER D 98 10.25 -18.67 41.85
C SER D 98 10.66 -17.21 41.63
N GLN D 99 9.97 -16.27 42.26
CA GLN D 99 10.26 -14.85 42.14
C GLN D 99 10.44 -14.40 40.68
N PRO D 100 9.38 -14.49 39.88
CA PRO D 100 9.45 -13.94 38.51
C PRO D 100 9.75 -12.46 38.55
N ARG D 101 10.28 -11.96 37.45
CA ARG D 101 10.54 -10.54 37.32
C ARG D 101 10.56 -10.19 35.83
N GLY D 102 10.16 -8.96 35.54
CA GLY D 102 10.24 -8.48 34.19
C GLY D 102 11.56 -7.80 33.93
N ILE D 103 11.79 -7.47 32.68
CA ILE D 103 12.94 -6.65 32.28
C ILE D 103 12.40 -5.42 31.57
N ILE D 104 12.88 -4.27 32.00
CA ILE D 104 12.45 -2.98 31.47
C ILE D 104 13.71 -2.20 31.12
N LEU D 105 13.80 -1.75 29.88
CA LEU D 105 14.93 -0.92 29.46
C LEU D 105 14.46 0.51 29.26
N LEU D 106 15.03 1.42 30.03
CA LEU D 106 14.89 2.87 29.81
C LEU D 106 16.17 3.30 29.10
N GLY D 107 16.12 3.31 27.78
CA GLY D 107 17.31 3.56 27.00
C GLY D 107 17.12 4.53 25.85
N ASP D 108 18.11 4.60 24.99
CA ASP D 108 18.16 5.56 23.89
C ASP D 108 18.22 4.82 22.57
N ALA D 109 18.79 5.44 21.54
CA ALA D 109 18.88 4.77 20.23
C ALA D 109 19.62 3.46 20.35
N ALA D 110 20.66 3.41 21.19
CA ALA D 110 21.41 2.17 21.34
C ALA D 110 20.56 1.10 22.02
N GLY D 111 19.74 1.50 23.00
CA GLY D 111 18.90 0.54 23.69
C GLY D 111 17.77 0.01 22.81
N ALA D 112 17.22 0.88 21.95
CA ALA D 112 16.26 0.46 20.94
C ALA D 112 16.91 -0.26 19.76
N HIS D 113 18.24 -0.19 19.65
CA HIS D 113 19.01 -0.80 18.56
C HIS D 113 18.67 -0.14 17.21
N PHE D 114 19.01 1.14 17.12
CA PHE D 114 18.92 1.87 15.87
C PHE D 114 19.88 1.29 14.84
N HIS D 115 19.40 1.09 13.61
CA HIS D 115 20.23 0.46 12.58
C HIS D 115 19.65 0.79 11.21
N ILE D 116 20.43 1.49 10.39
CA ILE D 116 20.12 1.66 8.97
C ILE D 116 20.83 0.56 8.20
N PRO D 117 20.11 -0.32 7.52
CA PRO D 117 20.78 -1.36 6.74
C PRO D 117 21.77 -0.75 5.77
N PRO D 118 23.04 -1.14 5.81
CA PRO D 118 23.98 -0.66 4.78
C PRO D 118 23.56 -1.09 3.39
N GLU D 119 22.76 -2.14 3.29
CA GLU D 119 22.25 -2.61 2.00
C GLU D 119 21.43 -1.54 1.28
N TRP D 120 20.87 -0.57 2.01
CA TRP D 120 20.13 0.50 1.36
C TRP D 120 21.03 1.51 0.68
N LEU D 121 22.34 1.45 0.93
CA LEU D 121 23.25 2.49 0.51
C LEU D 121 24.49 1.99 -0.21
N THR D 122 24.57 0.69 -0.48
CA THR D 122 25.78 0.08 -1.01
C THR D 122 25.40 -0.59 -2.32
N VAL D 123 25.51 0.16 -3.41
CA VAL D 123 24.97 -0.30 -4.70
C VAL D 123 25.60 -1.61 -5.14
N SER D 124 26.80 -1.93 -4.65
CA SER D 124 27.46 -3.15 -5.08
C SER D 124 26.59 -4.38 -4.81
N GLN D 125 25.99 -4.48 -3.63
CA GLN D 125 25.16 -5.63 -3.32
C GLN D 125 23.67 -5.34 -3.43
N MET D 126 23.29 -4.18 -3.93
CA MET D 126 21.89 -3.80 -3.92
C MET D 126 21.10 -4.71 -4.86
N SER D 127 19.94 -5.16 -4.39
CA SER D 127 19.06 -6.01 -5.18
C SER D 127 17.62 -5.70 -4.80
N VAL D 128 16.71 -6.46 -5.39
CA VAL D 128 15.30 -6.37 -5.03
C VAL D 128 15.04 -6.84 -3.62
N ASN D 129 16.00 -7.55 -3.02
CA ASN D 129 15.90 -7.98 -1.63
C ASN D 129 16.39 -6.93 -0.65
N SER D 130 16.95 -5.80 -1.13
CA SER D 130 17.63 -4.87 -0.25
C SER D 130 16.66 -4.03 0.58
N PHE D 131 15.46 -3.78 0.09
CA PHE D 131 14.54 -2.86 0.74
C PHE D 131 13.29 -3.54 1.29
N LEU D 132 13.30 -4.87 1.39
CA LEU D 132 12.13 -5.57 1.88
C LEU D 132 11.84 -5.23 3.34
N ASN D 133 12.85 -4.82 4.09
CA ASN D 133 12.68 -4.48 5.50
C ASN D 133 12.34 -3.03 5.73
N LEU D 134 12.23 -2.24 4.67
CA LEU D 134 12.04 -0.80 4.84
C LEU D 134 10.74 -0.49 5.57
N PRO D 135 9.59 -1.08 5.22
CA PRO D 135 8.36 -0.76 5.97
C PRO D 135 8.44 -1.11 7.46
N THR D 136 8.93 -2.31 7.80
CA THR D 136 9.14 -2.65 9.21
C THR D 136 10.03 -1.61 9.89
N ALA D 137 11.24 -1.44 9.37
CA ALA D 137 12.19 -0.51 9.95
C ALA D 137 11.58 0.87 10.18
N VAL D 138 10.90 1.40 9.17
CA VAL D 138 10.38 2.76 9.26
C VAL D 138 9.29 2.85 10.33
N THR D 139 8.40 1.87 10.40
CA THR D 139 7.34 1.92 11.40
C THR D 139 7.86 1.57 12.79
N ASN D 140 9.09 1.06 12.91
CA ASN D 140 9.79 0.95 14.18
C ASN D 140 10.78 2.09 14.41
N GLU D 141 10.59 3.23 13.73
CA GLU D 141 11.45 4.39 13.96
C GLU D 141 12.91 4.06 13.70
N LEU D 142 13.18 3.15 12.76
CA LEU D 142 14.52 2.70 12.39
C LEU D 142 15.22 1.93 13.51
N ASP D 143 14.48 1.54 14.55
CA ASP D 143 15.00 0.71 15.63
C ASP D 143 14.63 -0.75 15.41
N TRP D 144 15.36 -1.63 16.08
CA TRP D 144 15.16 -3.08 15.96
C TRP D 144 15.16 -3.71 17.36
N PRO D 145 14.26 -3.27 18.24
CA PRO D 145 14.26 -3.80 19.61
C PRO D 145 14.08 -5.30 19.68
N GLN D 146 13.38 -5.87 18.70
CA GLN D 146 13.17 -7.32 18.67
C GLN D 146 14.49 -8.08 18.51
N LEU D 147 15.57 -7.39 18.16
CA LEU D 147 16.90 -7.98 18.00
C LEU D 147 17.92 -7.35 18.93
N SER D 148 17.47 -6.56 19.90
CA SER D 148 18.35 -5.81 20.78
C SER D 148 18.92 -6.68 21.89
N GLY D 149 20.00 -6.19 22.51
CA GLY D 149 20.70 -6.95 23.52
C GLY D 149 19.99 -7.06 24.85
N THR D 150 19.10 -6.12 25.17
CA THR D 150 18.34 -6.25 26.40
C THR D 150 17.00 -6.95 26.19
N THR D 151 16.26 -6.63 25.13
CA THR D 151 14.90 -7.15 24.96
C THR D 151 14.69 -7.92 23.66
N GLY D 152 15.75 -8.23 22.92
CA GLY D 152 15.59 -9.00 21.70
C GLY D 152 15.04 -10.39 21.99
N PHE D 153 14.26 -10.91 21.05
CA PHE D 153 13.67 -12.24 21.19
C PHE D 153 13.60 -13.03 19.89
N LEU D 154 14.08 -12.49 18.76
CA LEU D 154 14.16 -13.22 17.50
C LEU D 154 15.60 -13.57 17.18
N ASP D 155 15.79 -14.74 16.57
CA ASP D 155 17.10 -15.18 16.11
C ASP D 155 17.84 -14.08 15.37
N SER D 156 19.03 -13.75 15.85
CA SER D 156 19.87 -12.74 15.22
C SER D 156 20.45 -13.24 13.90
N GLU D 162 25.40 -15.82 22.36
CA GLU D 162 24.92 -14.88 23.36
C GLU D 162 23.52 -14.38 22.98
N ASN D 163 22.55 -14.46 23.90
CA ASN D 163 21.23 -13.89 23.64
C ASN D 163 20.96 -12.75 24.62
N SER D 164 19.76 -12.18 24.51
CA SER D 164 19.41 -10.94 25.19
C SER D 164 19.26 -11.17 26.69
N ILE D 165 19.22 -10.06 27.43
CA ILE D 165 18.88 -10.14 28.86
C ILE D 165 17.51 -10.78 29.04
N TYR D 166 16.56 -10.42 28.18
CA TYR D 166 15.23 -11.00 28.29
C TYR D 166 15.27 -12.52 28.12
N LEU D 167 15.92 -13.00 27.05
CA LEU D 167 15.93 -14.43 26.80
C LEU D 167 16.69 -15.17 27.90
N ARG D 168 17.71 -14.55 28.49
CA ARG D 168 18.42 -15.17 29.60
C ARG D 168 17.54 -15.25 30.83
N LEU D 169 16.73 -14.22 31.08
CA LEU D 169 15.79 -14.28 32.19
C LEU D 169 14.73 -15.35 31.96
N ARG D 170 14.26 -15.45 30.72
CA ARG D 170 13.26 -16.45 30.38
C ARG D 170 13.80 -17.85 30.58
N LYS D 171 15.05 -18.08 30.16
CA LYS D 171 15.67 -19.39 30.36
C LYS D 171 15.87 -19.68 31.83
N ARG D 172 16.18 -18.66 32.62
CA ARG D 172 16.37 -18.90 34.05
C ARG D 172 15.07 -19.27 34.74
N ASN D 173 13.96 -18.66 34.32
CA ASN D 173 12.66 -18.94 34.92
C ASN D 173 11.60 -18.73 33.83
N ARG D 174 11.05 -19.83 33.34
CA ARG D 174 10.12 -19.75 32.22
CA ARG D 174 10.11 -19.76 32.22
C ARG D 174 8.86 -18.97 32.57
N CYS D 175 8.56 -18.76 33.85
CA CYS D 175 7.40 -17.94 34.21
C CYS D 175 7.52 -16.53 33.67
N ASN D 176 8.73 -16.09 33.31
CA ASN D 176 8.97 -14.74 32.82
C ASN D 176 8.64 -14.56 31.35
N HIS D 177 8.10 -15.58 30.70
CA HIS D 177 7.85 -15.51 29.26
C HIS D 177 7.00 -14.30 28.90
N ARG D 178 7.48 -13.52 27.93
CA ARG D 178 6.87 -12.31 27.36
C ARG D 178 7.00 -11.07 28.25
N ASP D 179 7.58 -11.17 29.45
CA ASP D 179 7.65 -10.01 30.35
C ASP D 179 8.90 -9.16 30.03
N TYR D 180 8.84 -8.50 28.88
CA TYR D 180 9.90 -7.60 28.45
C TYR D 180 9.26 -6.30 28.02
N GLN D 181 9.93 -5.18 28.31
CA GLN D 181 9.50 -3.88 27.80
C GLN D 181 10.73 -3.08 27.40
N ASN D 182 10.78 -2.68 26.14
CA ASN D 182 11.81 -1.77 25.67
C ASN D 182 11.17 -0.40 25.59
N ILE D 183 11.46 0.42 26.59
CA ILE D 183 10.94 1.79 26.69
C ILE D 183 12.07 2.72 26.30
N SER D 184 12.66 2.49 25.13
CA SER D 184 13.74 3.32 24.64
C SER D 184 13.24 4.23 23.53
N LYS D 185 13.87 5.40 23.40
CA LYS D 185 13.59 6.29 22.29
C LYS D 185 14.89 6.88 21.78
N ASN D 186 14.98 7.05 20.46
CA ASN D 186 16.23 7.45 19.83
C ASN D 186 16.86 8.66 20.52
N GLY D 187 16.06 9.68 20.81
CA GLY D 187 16.60 10.91 21.36
C GLY D 187 16.60 11.00 22.88
N ALA D 188 16.45 9.87 23.56
CA ALA D 188 16.21 9.91 25.00
C ALA D 188 17.49 10.22 25.76
N SER D 189 17.33 10.92 26.88
CA SER D 189 18.41 11.30 27.76
C SER D 189 17.81 11.54 29.14
N SER D 190 18.65 11.91 30.10
CA SER D 190 18.13 12.31 31.40
C SER D 190 17.16 13.47 31.26
N ARG D 191 17.36 14.31 30.25
CA ARG D 191 16.58 15.53 30.07
C ARG D 191 15.13 15.26 29.71
N ASN D 192 14.80 14.07 29.19
CA ASN D 192 13.43 13.79 28.79
C ASN D 192 12.96 12.40 29.22
N VAL D 193 13.68 11.74 30.14
CA VAL D 193 13.29 10.40 30.51
C VAL D 193 11.93 10.39 31.21
N LYS D 194 11.50 11.52 31.74
CA LYS D 194 10.23 11.56 32.46
C LYS D 194 9.06 11.19 31.55
N SER D 195 9.13 11.56 30.27
CA SER D 195 8.10 11.15 29.32
C SER D 195 8.09 9.63 29.17
N LEU D 196 9.27 9.01 29.12
CA LEU D 196 9.32 7.56 28.98
C LEU D 196 8.69 6.86 30.17
N ILE D 197 8.91 7.38 31.38
CA ILE D 197 8.36 6.72 32.55
C ILE D 197 6.85 6.59 32.43
N GLU D 198 6.21 7.56 31.79
CA GLU D 198 4.76 7.50 31.64
C GLU D 198 4.33 6.45 30.63
N SER D 199 5.21 6.07 29.70
CA SER D 199 4.89 5.02 28.74
C SER D 199 5.16 3.63 29.30
N LEU D 200 5.92 3.55 30.38
CA LEU D 200 6.18 2.29 31.05
C LEU D 200 4.90 1.69 31.60
N SER D 201 4.81 0.36 31.58
CA SER D 201 3.65 -0.35 32.13
C SER D 201 4.09 -1.16 33.34
N ARG D 202 3.63 -0.75 34.52
CA ARG D 202 3.80 -1.58 35.70
C ARG D 202 2.93 -1.07 36.85
N ASN D 203 2.19 -1.97 37.48
CA ASN D 203 1.33 -1.64 38.61
C ASN D 203 1.99 -2.10 39.90
N GLN D 204 2.20 -1.16 40.81
CA GLN D 204 2.99 -1.41 42.00
C GLN D 204 2.43 -2.55 42.83
N LEU D 205 1.13 -2.80 42.75
CA LEU D 205 0.49 -3.80 43.60
C LEU D 205 -0.04 -5.01 42.86
N LEU D 206 -0.22 -4.92 41.55
CA LEU D 206 -0.81 -6.01 40.79
C LEU D 206 0.16 -6.75 39.89
N ASP D 207 1.40 -6.30 39.77
CA ASP D 207 2.33 -6.88 38.82
C ASP D 207 3.53 -7.46 39.54
N HIS D 208 4.26 -8.30 38.83
CA HIS D 208 5.51 -8.81 39.34
C HIS D 208 6.55 -7.68 39.40
N PRO D 209 7.56 -7.84 40.23
CA PRO D 209 8.67 -6.88 40.22
C PRO D 209 9.37 -6.88 38.88
N ALA D 210 10.26 -5.91 38.72
CA ALA D 210 10.99 -5.76 37.46
C ALA D 210 12.42 -5.39 37.75
N ILE D 211 13.29 -5.78 36.83
CA ILE D 211 14.62 -5.20 36.72
C ILE D 211 14.50 -4.04 35.75
N VAL D 212 14.87 -2.86 36.18
CA VAL D 212 14.90 -1.69 35.30
C VAL D 212 16.35 -1.34 35.06
N ILE D 213 16.72 -1.25 33.79
CA ILE D 213 18.03 -0.81 33.39
C ILE D 213 17.88 0.58 32.81
N TYR D 214 18.52 1.55 33.43
CA TYR D 214 18.53 2.91 32.94
C TYR D 214 19.86 3.09 32.22
N ALA D 215 19.81 3.15 30.89
CA ALA D 215 21.01 3.17 30.05
C ALA D 215 20.88 4.27 29.00
N MET D 216 21.14 5.50 29.42
CA MET D 216 21.20 6.65 28.51
C MET D 216 22.68 6.90 28.26
N ILE D 217 23.23 6.27 27.23
CA ILE D 217 24.69 6.16 27.13
C ILE D 217 25.34 7.30 26.37
N GLY D 218 24.57 8.25 25.84
CA GLY D 218 25.24 9.32 25.12
C GLY D 218 24.53 10.64 24.93
N ASN D 219 23.20 10.65 24.90
CA ASN D 219 22.52 11.86 24.47
C ASN D 219 22.72 13.02 25.42
N ASP D 220 23.06 12.77 26.68
CA ASP D 220 23.32 13.88 27.58
C ASP D 220 24.59 14.64 27.21
N VAL D 221 25.51 14.04 26.45
CA VAL D 221 26.70 14.73 25.98
C VAL D 221 26.71 14.94 24.47
N CYS D 222 25.69 14.44 23.75
CA CYS D 222 25.73 14.50 22.29
C CYS D 222 24.80 15.56 21.70
N ASN D 223 24.35 16.55 22.46
CA ASN D 223 23.56 17.61 21.86
C ASN D 223 24.49 18.79 21.53
N GLY D 224 23.94 19.99 21.39
CA GLY D 224 24.73 21.16 21.04
C GLY D 224 24.97 21.30 19.54
N ARG D 225 24.04 20.84 18.71
CA ARG D 225 24.22 20.85 17.26
C ARG D 225 24.33 22.25 16.67
N LYS D 226 23.98 23.28 17.44
CA LYS D 226 23.95 24.64 16.91
C LYS D 226 24.69 25.63 17.81
N THR D 227 25.55 25.12 18.70
CA THR D 227 26.24 25.96 19.68
C THR D 227 27.58 25.31 20.01
N ASP D 228 28.31 25.94 20.95
CA ASP D 228 29.46 25.28 21.54
C ASP D 228 28.91 24.03 22.23
N PRO D 229 29.20 22.83 21.70
CA PRO D 229 28.57 21.62 22.27
C PRO D 229 28.77 21.52 23.78
N VAL D 230 29.95 21.87 24.27
CA VAL D 230 30.24 21.73 25.70
C VAL D 230 29.24 22.51 26.52
N SER D 231 28.86 23.70 26.05
CA SER D 231 27.91 24.52 26.79
C SER D 231 26.51 23.93 26.77
N ALA D 232 26.21 23.07 25.81
CA ALA D 232 24.88 22.46 25.69
C ALA D 232 24.74 21.15 26.47
N MET D 233 25.84 20.49 26.80
CA MET D 233 25.76 19.18 27.45
C MET D 233 25.07 19.30 28.79
N THR D 234 24.43 18.20 29.20
CA THR D 234 23.85 18.12 30.53
C THR D 234 24.93 18.32 31.57
N THR D 235 24.66 19.16 32.54
CA THR D 235 25.59 19.31 33.64
C THR D 235 25.32 18.27 34.71
N PRO D 236 26.30 18.01 35.58
CA PRO D 236 26.08 17.01 36.63
C PRO D 236 24.92 17.35 37.55
N GLU D 237 24.74 18.62 37.92
CA GLU D 237 23.62 18.99 38.76
C GLU D 237 22.29 18.76 38.05
N GLN D 238 22.23 19.10 36.76
CA GLN D 238 21.02 18.81 35.98
C GLN D 238 20.73 17.33 35.99
N LEU D 239 21.73 16.51 35.69
CA LEU D 239 21.54 15.07 35.63
C LEU D 239 21.09 14.52 36.98
N TYR D 240 21.73 14.98 38.05
CA TYR D 240 21.39 14.52 39.38
C TYR D 240 19.91 14.77 39.68
N ALA D 241 19.43 15.96 39.37
CA ALA D 241 18.03 16.30 39.61
C ALA D 241 17.12 15.48 38.69
N ASN D 242 17.43 15.41 37.41
CA ASN D 242 16.62 14.67 36.46
C ASN D 242 16.46 13.21 36.88
N VAL D 243 17.57 12.56 37.23
CA VAL D 243 17.54 11.13 37.52
C VAL D 243 16.86 10.88 38.85
N LEU D 244 17.04 11.77 39.83
CA LEU D 244 16.35 11.59 41.10
C LEU D 244 14.85 11.74 40.95
N LYS D 245 14.39 12.72 40.17
CA LYS D 245 12.97 12.81 39.88
C LYS D 245 12.47 11.56 39.18
N MET D 246 13.27 11.03 38.26
CA MET D 246 12.92 9.79 37.56
CA MET D 246 12.91 9.80 37.56
C MET D 246 12.80 8.65 38.55
N LEU D 247 13.78 8.50 39.44
CA LEU D 247 13.75 7.41 40.41
C LEU D 247 12.56 7.53 41.36
N GLU D 248 12.26 8.76 41.79
CA GLU D 248 11.09 8.97 42.63
C GLU D 248 9.82 8.55 41.90
N ALA D 249 9.72 8.85 40.61
CA ALA D 249 8.56 8.42 39.84
C ALA D 249 8.54 6.91 39.68
N LEU D 250 9.70 6.30 39.42
CA LEU D 250 9.74 4.85 39.30
C LEU D 250 9.25 4.18 40.58
N ASN D 251 9.60 4.76 41.72
CA ASN D 251 9.27 4.16 42.99
C ASN D 251 7.76 4.09 43.23
N SER D 252 6.97 4.85 42.46
CA SER D 252 5.52 4.79 42.56
CA SER D 252 5.52 4.79 42.56
C SER D 252 4.92 3.75 41.63
N HIS D 253 5.71 3.20 40.71
CA HIS D 253 5.23 2.20 39.76
C HIS D 253 5.77 0.80 40.01
N LEU D 254 6.95 0.69 40.59
CA LEU D 254 7.57 -0.63 40.67
C LEU D 254 7.09 -1.37 41.90
N PRO D 255 6.70 -2.64 41.76
CA PRO D 255 6.42 -3.44 42.95
C PRO D 255 7.65 -3.56 43.81
N THR D 256 7.42 -3.69 45.12
CA THR D 256 8.50 -3.93 46.05
C THR D 256 9.28 -5.18 45.61
N GLY D 257 10.58 -5.17 45.86
CA GLY D 257 11.44 -6.22 45.38
C GLY D 257 11.97 -6.01 43.98
N SER D 258 11.80 -4.82 43.41
CA SER D 258 12.33 -4.52 42.10
C SER D 258 13.79 -4.09 42.21
N HIS D 259 14.44 -3.93 41.06
CA HIS D 259 15.85 -3.59 41.03
C HIS D 259 16.10 -2.60 39.89
N VAL D 260 16.86 -1.56 40.17
CA VAL D 260 17.16 -0.53 39.19
C VAL D 260 18.67 -0.45 39.02
N ILE D 261 19.13 -0.58 37.77
CA ILE D 261 20.54 -0.49 37.42
C ILE D 261 20.75 0.78 36.62
N LEU D 262 21.58 1.68 37.16
CA LEU D 262 22.05 2.85 36.44
C LEU D 262 23.32 2.46 35.68
N TYR D 263 23.32 2.64 34.37
CA TYR D 263 24.43 2.26 33.53
C TYR D 263 25.18 3.51 33.07
N GLY D 264 26.50 3.44 33.13
CA GLY D 264 27.33 4.59 32.80
C GLY D 264 27.33 4.90 31.32
N LEU D 265 27.81 6.09 30.98
CA LEU D 265 27.80 6.58 29.61
C LEU D 265 28.93 5.96 28.79
N ALA D 266 28.78 6.08 27.47
CA ALA D 266 29.67 5.41 26.53
C ALA D 266 31.06 6.02 26.50
N HIS D 267 32.02 5.19 26.10
CA HIS D 267 33.36 5.65 25.73
CA HIS D 267 33.36 5.65 25.73
C HIS D 267 33.33 6.07 24.26
N GLY D 268 32.71 7.22 24.03
CA GLY D 268 32.47 7.66 22.66
C GLY D 268 33.70 8.05 21.89
N ALA D 269 34.85 8.20 22.56
CA ALA D 269 36.10 8.49 21.86
C ALA D 269 36.50 7.35 20.94
N PHE D 270 36.01 6.15 21.23
CA PHE D 270 36.25 4.97 20.40
C PHE D 270 35.85 5.19 18.95
N LEU D 271 34.83 6.02 18.70
CA LEU D 271 34.33 6.20 17.35
C LEU D 271 35.39 6.79 16.44
N TRP D 272 35.80 8.03 16.72
CA TRP D 272 36.84 8.66 15.92
C TRP D 272 38.08 7.78 15.84
N ASP D 273 38.53 7.28 17.00
CA ASP D 273 39.75 6.48 17.04
C ASP D 273 39.67 5.33 16.07
N THR D 274 38.50 4.70 15.96
CA THR D 274 38.38 3.47 15.19
C THR D 274 38.02 3.72 13.73
N LEU D 275 37.30 4.80 13.43
CA LEU D 275 36.66 4.94 12.13
C LEU D 275 37.15 6.10 11.29
N HIS D 276 37.95 7.03 11.85
CA HIS D 276 38.16 8.29 11.16
C HIS D 276 38.79 8.10 9.78
N SER D 277 39.56 7.01 9.59
CA SER D 277 40.23 6.76 8.32
CA SER D 277 40.23 6.76 8.32
C SER D 277 39.64 5.58 7.57
N ARG D 278 38.49 5.08 7.97
CA ARG D 278 37.84 3.98 7.27
CA ARG D 278 37.84 3.98 7.28
C ARG D 278 36.75 4.52 6.34
N TYR D 279 36.42 3.71 5.34
CA TYR D 279 35.46 4.13 4.33
C TYR D 279 34.03 3.88 4.80
N HIS D 280 33.21 4.91 4.66
CA HIS D 280 31.78 4.79 4.83
C HIS D 280 31.19 3.95 3.69
N PRO D 281 30.02 3.33 3.90
CA PRO D 281 29.39 2.58 2.81
C PRO D 281 29.30 3.35 1.50
N LEU D 282 28.96 4.65 1.55
CA LEU D 282 28.89 5.47 0.34
C LEU D 282 30.25 5.73 -0.28
N GLY D 283 31.33 5.51 0.46
CA GLY D 283 32.66 5.71 -0.07
C GLY D 283 33.36 4.44 -0.48
N GLN D 284 32.72 3.28 -0.31
CA GLN D 284 33.41 2.02 -0.58
C GLN D 284 33.62 1.79 -2.07
N LEU D 285 32.68 2.24 -2.91
CA LEU D 285 32.81 2.03 -4.35
C LEU D 285 34.05 2.72 -4.89
N ASN D 286 34.10 4.06 -4.77
CA ASN D 286 35.17 4.88 -5.30
C ASN D 286 36.20 5.28 -4.25
N LYS D 287 36.24 4.59 -3.11
CA LYS D 287 37.15 4.91 -2.00
C LYS D 287 37.33 6.42 -1.85
N ASP D 288 36.20 7.13 -1.70
CA ASP D 288 36.23 8.59 -1.67
C ASP D 288 35.45 9.21 -0.51
N VAL D 289 34.97 8.42 0.46
CA VAL D 289 34.31 8.98 1.63
C VAL D 289 34.70 8.15 2.84
N THR D 290 35.31 8.81 3.83
CA THR D 290 35.57 8.22 5.12
C THR D 290 34.62 8.85 6.15
N TYR D 291 34.61 8.24 7.33
CA TYR D 291 33.79 8.78 8.40
C TYR D 291 34.22 10.19 8.78
N THR D 292 35.48 10.53 8.54
CA THR D 292 35.91 11.92 8.71
C THR D 292 35.01 12.86 7.92
N GLN D 293 34.75 12.54 6.66
CA GLN D 293 33.92 13.41 5.83
C GLN D 293 32.45 13.32 6.24
N LEU D 294 31.97 12.12 6.59
CA LEU D 294 30.62 12.00 7.12
C LEU D 294 30.44 12.93 8.32
N TYR D 295 31.33 12.81 9.32
CA TYR D 295 31.20 13.64 10.51
C TYR D 295 31.25 15.11 10.16
N SER D 296 32.24 15.51 9.34
CA SER D 296 32.37 16.91 8.95
C SER D 296 31.13 17.39 8.22
N PHE D 297 30.61 16.58 7.31
CA PHE D 297 29.43 16.96 6.54
C PHE D 297 28.23 17.19 7.45
N LEU D 298 27.93 16.21 8.31
CA LEU D 298 26.80 16.36 9.22
C LEU D 298 26.99 17.56 10.13
N GLY D 299 28.20 17.75 10.66
CA GLY D 299 28.43 18.89 11.53
C GLY D 299 28.27 20.20 10.81
N CYS D 300 28.79 20.29 9.58
CA CYS D 300 28.62 21.49 8.76
C CYS D 300 27.14 21.84 8.63
N LEU D 301 26.29 20.84 8.42
CA LEU D 301 24.87 21.04 8.29
C LEU D 301 24.15 21.24 9.62
N GLN D 302 24.87 21.20 10.74
CA GLN D 302 24.29 21.39 12.05
C GLN D 302 23.25 20.32 12.36
N VAL D 303 23.54 19.09 11.97
CA VAL D 303 22.65 17.97 12.26
C VAL D 303 23.44 16.74 12.69
N SER D 304 24.63 16.95 13.23
CA SER D 304 25.41 15.83 13.71
C SER D 304 24.69 15.18 14.89
N PRO D 305 24.59 13.85 14.93
CA PRO D 305 23.97 13.21 16.10
C PRO D 305 24.79 13.34 17.37
N CYS D 306 26.10 13.63 17.27
CA CYS D 306 26.95 13.82 18.44
C CYS D 306 28.13 14.70 18.05
N PRO D 307 27.93 16.02 18.02
CA PRO D 307 29.01 16.92 17.60
C PRO D 307 30.28 16.77 18.43
N GLY D 308 30.16 16.47 19.72
CA GLY D 308 31.32 16.46 20.59
C GLY D 308 32.26 15.32 20.30
N TRP D 309 31.72 14.14 19.98
CA TRP D 309 32.55 12.98 19.70
C TRP D 309 32.80 12.76 18.22
N MET D 310 31.99 13.34 17.35
CA MET D 310 32.17 13.24 15.90
C MET D 310 32.86 14.49 15.37
N SER D 311 34.04 14.74 15.92
CA SER D 311 34.77 15.96 15.64
C SER D 311 36.23 15.58 15.41
N ALA D 312 36.86 16.22 14.44
CA ALA D 312 38.30 16.05 14.27
C ALA D 312 39.09 16.83 15.31
N ASN D 313 38.41 17.65 16.10
CA ASN D 313 39.03 18.46 17.15
C ASN D 313 39.19 17.59 18.39
N GLU D 314 40.41 17.15 18.65
CA GLU D 314 40.65 16.17 19.71
C GLU D 314 40.38 16.75 21.10
N THR D 315 40.52 18.07 21.26
CA THR D 315 40.17 18.70 22.53
C THR D 315 38.68 18.59 22.79
N LEU D 316 37.86 18.91 21.78
CA LEU D 316 36.42 18.76 21.94
C LEU D 316 36.05 17.34 22.30
N ARG D 317 36.61 16.35 21.59
CA ARG D 317 36.33 14.96 21.93
C ARG D 317 36.71 14.66 23.38
N ALA D 318 37.83 15.20 23.85
CA ALA D 318 38.27 14.90 25.21
C ALA D 318 37.34 15.55 26.24
N LEU D 319 36.91 16.78 25.98
CA LEU D 319 35.95 17.43 26.87
C LEU D 319 34.64 16.65 26.92
N THR D 320 34.26 16.05 25.80
CA THR D 320 33.02 15.28 25.77
C THR D 320 33.18 14.01 26.58
N SER D 321 34.31 13.34 26.43
CA SER D 321 34.60 12.15 27.22
C SER D 321 34.64 12.49 28.71
N GLU D 322 35.21 13.65 29.05
CA GLU D 322 35.31 14.05 30.45
C GLU D 322 33.94 14.32 31.03
N ARG D 323 33.05 14.97 30.26
CA ARG D 323 31.70 15.19 30.77
C ARG D 323 30.96 13.87 30.92
N ALA D 324 31.15 12.95 29.97
CA ALA D 324 30.51 11.65 30.07
C ALA D 324 30.97 10.91 31.33
N GLN D 325 32.26 11.00 31.65
CA GLN D 325 32.76 10.35 32.85
C GLN D 325 32.21 11.01 34.11
N GLN D 326 32.12 12.34 34.11
CA GLN D 326 31.59 13.05 35.27
C GLN D 326 30.12 12.72 35.49
N LEU D 327 29.34 12.64 34.40
CA LEU D 327 27.94 12.23 34.53
C LEU D 327 27.82 10.79 35.01
N SER D 328 28.71 9.91 34.56
CA SER D 328 28.70 8.55 35.09
C SER D 328 28.98 8.54 36.59
N GLU D 329 29.94 9.35 37.02
CA GLU D 329 30.23 9.43 38.45
C GLU D 329 29.06 10.02 39.22
N THR D 330 28.30 10.94 38.60
CA THR D 330 27.07 11.40 39.21
C THR D 330 26.09 10.25 39.40
N LEU D 331 25.90 9.43 38.37
CA LEU D 331 25.03 8.25 38.52
C LEU D 331 25.55 7.34 39.64
N ARG D 332 26.86 7.10 39.70
CA ARG D 332 27.37 6.23 40.75
C ARG D 332 27.11 6.85 42.12
N LYS D 333 27.25 8.17 42.23
CA LYS D 333 26.97 8.84 43.49
C LYS D 333 25.51 8.63 43.91
N ILE D 334 24.58 8.79 42.98
CA ILE D 334 23.17 8.55 43.27
C ILE D 334 22.98 7.15 43.83
N ALA D 335 23.53 6.15 43.15
CA ALA D 335 23.32 4.78 43.57
C ALA D 335 23.93 4.52 44.94
N ALA D 336 25.00 5.22 45.27
CA ALA D 336 25.68 5.00 46.55
C ALA D 336 25.03 5.75 47.69
N SER D 337 24.27 6.82 47.40
CA SER D 337 23.86 7.75 48.44
C SER D 337 22.35 7.94 48.57
N LYS D 338 21.55 7.49 47.62
CA LYS D 338 20.11 7.71 47.66
C LYS D 338 19.38 6.38 47.69
N LYS D 339 18.29 6.33 48.45
CA LYS D 339 17.58 5.10 48.75
C LYS D 339 16.10 5.27 48.45
N PHE D 340 15.48 4.19 47.96
CA PHE D 340 14.08 4.19 47.58
C PHE D 340 13.43 2.94 48.14
N THR D 341 12.16 3.05 48.54
CA THR D 341 11.51 1.97 49.26
C THR D 341 11.35 0.73 48.40
N ASN D 342 10.93 0.88 47.15
CA ASN D 342 10.43 -0.24 46.39
C ASN D 342 11.47 -0.90 45.49
N PHE D 343 12.71 -0.43 45.49
CA PHE D 343 13.72 -1.11 44.68
C PHE D 343 15.11 -0.89 45.25
N ASN D 344 15.99 -1.88 44.99
CA ASN D 344 17.42 -1.72 45.17
C ASN D 344 18.00 -0.99 43.97
N LEU D 345 19.04 -0.20 44.24
CA LEU D 345 19.63 0.67 43.23
C LEU D 345 21.13 0.38 43.11
N PHE D 346 21.58 0.15 41.88
CA PHE D 346 22.96 -0.23 41.59
C PHE D 346 23.50 0.67 40.49
N TYR D 347 24.83 0.80 40.46
CA TYR D 347 25.53 1.43 39.36
C TYR D 347 26.48 0.45 38.70
N LEU D 348 26.51 0.47 37.36
CA LEU D 348 27.45 -0.32 36.59
C LEU D 348 28.17 0.57 35.60
N ASP D 349 29.48 0.41 35.51
CA ASP D 349 30.24 1.14 34.50
C ASP D 349 29.97 0.57 33.12
N PHE D 350 30.14 1.42 32.12
CA PHE D 350 30.05 1.03 30.72
C PHE D 350 31.23 0.11 30.39
N ALA D 351 30.93 -1.16 30.10
CA ALA D 351 31.96 -2.20 30.06
C ALA D 351 32.74 -2.19 28.75
N PHE D 352 33.29 -1.04 28.39
CA PHE D 352 34.02 -0.90 27.12
C PHE D 352 35.13 -1.93 26.98
N GLN D 353 36.12 -1.88 27.87
CA GLN D 353 37.29 -2.73 27.73
C GLN D 353 36.92 -4.19 27.61
N GLU D 354 36.06 -4.67 28.49
CA GLU D 354 35.65 -6.07 28.47
C GLU D 354 35.03 -6.44 27.13
N VAL D 355 34.19 -5.57 26.59
CA VAL D 355 33.51 -5.89 25.33
C VAL D 355 34.53 -5.96 24.19
N VAL D 356 35.44 -4.99 24.11
CA VAL D 356 36.42 -5.01 23.03
C VAL D 356 37.32 -6.22 23.16
N GLU D 357 37.69 -6.60 24.39
CA GLU D 357 38.52 -7.79 24.57
C GLU D 357 37.77 -9.04 24.16
N GLU D 358 36.56 -9.23 24.69
CA GLU D 358 35.76 -10.41 24.37
C GLU D 358 35.64 -10.59 22.86
N TRP D 359 35.56 -9.49 22.12
CA TRP D 359 35.40 -9.53 20.67
C TRP D 359 36.70 -9.91 19.98
N GLN D 360 37.82 -9.33 20.41
CA GLN D 360 39.12 -9.72 19.88
C GLN D 360 39.36 -11.21 20.05
N LYS D 361 39.10 -11.74 21.25
CA LYS D 361 39.28 -13.18 21.48
C LYS D 361 38.45 -13.99 20.50
N MET D 362 37.24 -13.53 20.17
CA MET D 362 36.47 -14.21 19.14
C MET D 362 37.02 -13.98 17.75
N GLY D 363 38.13 -13.25 17.62
CA GLY D 363 38.72 -12.97 16.34
C GLY D 363 38.13 -11.77 15.61
N GLY D 364 37.56 -10.82 16.34
CA GLY D 364 36.92 -9.67 15.73
C GLY D 364 37.80 -8.43 15.74
N GLN D 365 37.43 -7.49 14.87
CA GLN D 365 38.07 -6.19 14.76
C GLN D 365 37.18 -5.11 15.36
N PRO D 366 37.75 -4.08 15.99
CA PRO D 366 36.90 -3.15 16.75
C PRO D 366 35.92 -2.37 15.91
N TRP D 367 36.31 -1.97 14.68
CA TRP D 367 35.38 -1.22 13.85
C TRP D 367 34.14 -2.05 13.51
N GLU D 368 34.19 -3.36 13.69
CA GLU D 368 33.04 -4.22 13.43
C GLU D 368 31.97 -4.11 14.50
N LEU D 369 32.16 -3.25 15.51
CA LEU D 369 31.21 -3.10 16.59
C LEU D 369 30.34 -1.85 16.44
N ILE D 370 30.60 -1.00 15.45
CA ILE D 370 29.88 0.25 15.28
C ILE D 370 28.99 0.14 14.05
N GLU D 371 27.79 0.72 14.16
CA GLU D 371 26.86 0.76 13.03
C GLU D 371 27.52 1.42 11.83
N ALA D 372 27.51 0.72 10.69
CA ALA D 372 28.29 1.16 9.54
C ALA D 372 27.74 2.46 8.94
N VAL D 373 26.42 2.62 8.91
CA VAL D 373 25.84 3.77 8.21
C VAL D 373 25.98 5.04 9.03
N ASP D 374 25.69 4.98 10.33
CA ASP D 374 25.69 6.21 11.12
C ASP D 374 27.03 6.45 11.82
N GLY D 375 27.87 5.44 11.94
CA GLY D 375 29.18 5.63 12.57
C GLY D 375 29.11 6.12 13.99
N PHE D 376 28.08 5.69 14.73
CA PHE D 376 27.76 6.28 16.02
C PHE D 376 27.29 5.23 17.01
N HIS D 377 26.31 4.40 16.60
CA HIS D 377 25.74 3.49 17.57
C HIS D 377 26.55 2.20 17.64
N PRO D 378 26.60 1.56 18.80
CA PRO D 378 26.99 0.15 18.83
C PRO D 378 26.00 -0.66 18.00
N ASN D 379 26.51 -1.66 17.30
CA ASN D 379 25.67 -2.45 16.43
C ASN D 379 25.20 -3.70 17.15
N GLU D 380 24.53 -4.59 16.43
CA GLU D 380 23.88 -5.75 17.04
C GLU D 380 24.86 -6.58 17.85
N VAL D 381 26.07 -6.80 17.35
CA VAL D 381 27.02 -7.64 18.06
C VAL D 381 27.51 -6.95 19.32
N ALA D 382 27.85 -5.66 19.22
CA ALA D 382 28.23 -4.90 20.39
C ALA D 382 27.17 -5.01 21.48
N LEU D 383 25.89 -4.83 21.11
CA LEU D 383 24.83 -4.81 22.10
C LEU D 383 24.73 -6.13 22.85
N LEU D 384 24.89 -7.25 22.14
CA LEU D 384 24.78 -8.55 22.79
C LEU D 384 26.00 -8.85 23.66
N LEU D 385 27.16 -8.28 23.33
CA LEU D 385 28.33 -8.43 24.20
C LEU D 385 28.14 -7.63 25.49
N PHE D 386 27.66 -6.39 25.38
CA PHE D 386 27.35 -5.63 26.58
C PHE D 386 26.34 -6.39 27.44
N ALA D 387 25.31 -6.96 26.84
CA ALA D 387 24.35 -7.72 27.63
C ALA D 387 25.05 -8.89 28.32
N ASP D 388 25.97 -9.55 27.62
CA ASP D 388 26.70 -10.66 28.22
C ASP D 388 27.55 -10.20 29.40
N GLN D 389 28.23 -9.06 29.26
CA GLN D 389 29.02 -8.54 30.37
C GLN D 389 28.14 -8.17 31.55
N LEU D 390 27.02 -7.50 31.29
CA LEU D 390 26.14 -7.12 32.38
C LEU D 390 25.62 -8.36 33.10
N TRP D 391 25.12 -9.33 32.33
CA TRP D 391 24.58 -10.55 32.93
C TRP D 391 25.59 -11.19 33.86
N GLU D 392 26.80 -11.44 33.36
CA GLU D 392 27.77 -12.17 34.17
C GLU D 392 28.19 -11.37 35.39
N LYS D 393 28.34 -10.05 35.25
CA LYS D 393 28.76 -9.23 36.38
C LYS D 393 27.70 -9.15 37.45
N VAL D 394 26.43 -8.94 37.05
CA VAL D 394 25.35 -8.95 38.04
C VAL D 394 25.24 -10.32 38.67
N GLN D 395 25.30 -11.37 37.85
CA GLN D 395 25.26 -12.73 38.37
C GLN D 395 26.33 -12.93 39.44
N ARG D 396 27.49 -12.29 39.25
CA ARG D 396 28.63 -12.52 40.15
C ARG D 396 28.54 -11.66 41.40
N GLN D 397 28.08 -10.41 41.28
CA GLN D 397 28.08 -9.47 42.39
C GLN D 397 26.75 -9.42 43.13
N TRP D 398 25.63 -9.50 42.41
CA TRP D 398 24.29 -9.30 42.99
C TRP D 398 23.36 -10.37 42.45
N PRO D 399 23.61 -11.64 42.81
CA PRO D 399 22.84 -12.71 42.18
C PRO D 399 21.35 -12.60 42.41
N ASP D 400 20.94 -11.96 43.51
CA ASP D 400 19.52 -11.83 43.81
C ASP D 400 18.80 -10.96 42.78
N VAL D 401 19.52 -10.05 42.11
CA VAL D 401 18.88 -9.24 41.10
C VAL D 401 18.25 -10.11 40.02
N LEU D 402 18.94 -11.19 39.65
CA LEU D 402 18.51 -12.03 38.55
C LEU D 402 17.56 -13.14 39.00
N GLY D 403 17.57 -13.48 40.28
CA GLY D 403 16.69 -14.50 40.80
C GLY D 403 17.29 -15.88 40.70
N LYS D 404 16.60 -16.83 41.32
CA LYS D 404 17.01 -18.23 41.26
C LYS D 404 16.54 -18.85 39.95
N GLU D 405 17.31 -19.80 39.46
CA GLU D 405 16.80 -20.69 38.42
C GLU D 405 15.57 -21.41 38.95
N ASN D 406 14.58 -21.57 38.08
CA ASN D 406 13.35 -22.24 38.47
C ASN D 406 13.52 -23.74 38.24
N PRO D 407 13.49 -24.58 39.28
CA PRO D 407 13.69 -26.02 39.06
C PRO D 407 12.60 -26.68 38.23
N PHE D 408 11.44 -26.05 38.09
CA PHE D 408 10.35 -26.63 37.33
C PHE D 408 10.34 -26.20 35.86
N ASN D 409 11.40 -25.54 35.39
CA ASN D 409 11.43 -25.16 33.97
C ASN D 409 11.13 -26.33 33.06
N PRO D 410 11.70 -27.53 33.25
CA PRO D 410 11.33 -28.66 32.39
C PRO D 410 9.85 -29.00 32.44
N GLN D 411 9.23 -29.01 33.63
CA GLN D 411 7.81 -29.28 33.69
C GLN D 411 7.00 -28.26 32.91
N ILE D 412 7.36 -26.97 33.04
CA ILE D 412 6.66 -25.95 32.28
C ILE D 412 6.73 -26.27 30.79
N GLU D 413 7.94 -26.46 30.29
CA GLU D 413 8.11 -26.81 28.88
C GLU D 413 7.28 -28.03 28.52
N GLU D 414 7.28 -29.06 29.38
CA GLU D 414 6.57 -30.29 29.08
C GLU D 414 5.08 -30.05 28.92
N VAL D 415 4.50 -29.22 29.80
CA VAL D 415 3.06 -29.02 29.80
C VAL D 415 2.66 -27.96 28.77
N PHE D 416 3.44 -26.88 28.66
CA PHE D 416 3.06 -25.73 27.86
C PHE D 416 3.97 -25.50 26.66
N GLY D 417 5.01 -26.31 26.51
CA GLY D 417 5.87 -26.23 25.36
C GLY D 417 6.45 -24.84 25.16
N ASP D 418 5.99 -24.20 24.11
CA ASP D 418 6.45 -22.88 23.72
C ASP D 418 5.79 -21.76 24.50
N GLN D 419 4.78 -22.08 25.31
CA GLN D 419 4.07 -21.08 26.11
C GLN D 419 3.48 -19.99 25.24
N GLY D 420 3.22 -20.30 23.97
CA GLY D 420 2.59 -19.39 23.05
C GLY D 420 3.56 -18.64 22.16
N GLY D 421 4.87 -18.78 22.39
CA GLY D 421 5.80 -18.01 21.62
C GLY D 421 5.65 -16.52 21.88
N HIS D 422 6.25 -15.75 20.98
CA HIS D 422 6.31 -14.30 21.12
C HIS D 422 5.52 -13.58 20.04
C1 NAG E . -32.08 0.36 18.23
C2 NAG E . -32.65 0.33 19.63
C3 NAG E . -34.04 -0.29 19.60
C4 NAG E . -34.87 0.31 18.47
C5 NAG E . -34.09 0.37 17.15
C6 NAG E . -34.81 1.07 16.03
C7 NAG E . -31.42 -0.08 21.73
C8 NAG E . -30.44 -0.99 22.44
N2 NAG E . -31.75 -0.44 20.47
O3 NAG E . -34.69 -0.05 20.84
O4 NAG E . -36.08 -0.43 18.28
O5 NAG E . -32.90 1.10 17.40
O6 NAG E . -34.11 0.98 14.80
O7 NAG E . -31.86 0.92 22.24
H1 NAG E . -32.01 -0.55 17.89
H2 NAG E . -32.71 1.24 19.96
H3 NAG E . -33.97 -1.26 19.47
H4 NAG E . -35.12 1.21 18.71
H5 NAG E . -33.86 -0.54 16.87
H61 NAG E . -34.90 2.01 16.26
H62 NAG E . -35.69 0.68 15.92
H81 NAG E . -30.27 -0.64 23.33
H82 NAG E . -29.61 -1.02 21.93
H83 NAG E . -30.81 -1.88 22.49
HN2 NAG E . -31.36 -1.20 20.13
HO3 NAG E . -35.53 0.19 20.70
HO4 NAG E . -36.74 0.13 18.08
C1 FUC E . -34.47 -0.25 14.11
C2 FUC E . -33.89 -0.07 12.70
C3 FUC E . -32.35 -0.14 12.74
C4 FUC E . -31.86 -1.45 13.41
C5 FUC E . -32.53 -1.59 14.79
C6 FUC E . -32.21 -2.93 15.44
O2 FUC E . -34.30 1.16 12.12
O3 FUC E . -31.80 -0.08 11.42
O4 FUC E . -32.14 -2.61 12.58
O5 FUC E . -33.98 -1.43 14.73
H1 FUC E . -35.56 -0.36 14.08
H2 FUC E . -34.26 -0.88 12.06
H3 FUC E . -31.98 0.70 13.34
H4 FUC E . -30.78 -1.36 13.58
H5 FUC E . -32.13 -0.78 15.40
H61 FUC E . -32.70 -3.00 16.42
H62 FUC E . -31.13 -3.03 15.58
H63 FUC E . -32.55 -3.76 14.82
HO2 FUC E . -33.74 1.84 12.53
HO3 FUC E . -32.46 -0.48 10.84
HO4 FUC E . -32.09 -2.28 11.67
C1 PA1 F . -18.46 11.14 -21.24
C2 PA1 F . -18.77 10.66 -19.83
N2 PA1 F . -19.80 9.57 -19.90
C3 PA1 F . -19.26 11.75 -18.96
O3 PA1 F . -19.29 11.26 -17.59
C4 PA1 F . -18.38 12.97 -18.98
O4 PA1 F . -19.08 14.06 -18.37
C5 PA1 F . -17.94 13.38 -20.39
O5 PA1 F . -17.46 12.26 -21.22
C6 PA1 F . -16.77 14.32 -20.31
O6 PA1 F . -15.73 13.63 -19.66
H1 PA1 F . -18.09 10.40 -21.75
H2 PA1 F . -17.96 10.29 -19.44
HN21 PA1 F . -20.43 9.81 -20.48
H3 PA1 F . -20.15 12.00 -19.23
H4 PA1 F . -17.58 12.79 -18.46
HO4 PA1 F . -18.64 14.35 -17.71
H5 PA1 F . -18.67 13.83 -20.85
H61 PA1 F . -16.49 14.58 -21.19
H62 PA1 F . -17.02 15.10 -19.80
C1 GCS F . -15.14 14.38 -18.60
C2 GCS F . -14.42 13.59 -17.51
C3 GCS F . -13.55 14.46 -16.70
C4 GCS F . -12.55 15.11 -17.60
C5 GCS F . -13.26 16.00 -18.60
C6 GCS F . -12.29 16.65 -19.55
N2 GCS F . -15.41 12.98 -16.58
O3 GCS F . -12.88 13.69 -15.67
O4 GCS F . -11.67 15.90 -16.80
O5 GCS F . -14.22 15.25 -19.41
O6 GCS F . -13.02 17.23 -20.59
H1 GCS F . -15.82 14.94 -18.18
H2 GCS F . -13.88 12.89 -17.92
H3 GCS F . -14.09 15.16 -16.29
H4 GCS F . -12.05 14.43 -18.07
H5 GCS F . -13.74 16.70 -18.11
H61 GCS F . -11.69 15.97 -19.91
H62 GCS F . -11.78 17.33 -19.09
HN21 GCS F . -15.21 13.20 -15.74
HO3 GCS F . -12.35 14.20 -15.24
C1 KDO F . -11.94 18.71 -22.04
O1A KDO F . -11.57 19.43 -21.07
O1B KDO F . -11.31 18.74 -23.12
C2 KDO F . -13.16 17.80 -21.90
C3 KDO F . -14.40 18.66 -21.99
C4 KDO F . -15.62 17.89 -22.26
O4 KDO F . -16.72 18.83 -22.45
C5 KDO F . -15.53 17.07 -23.50
O5 KDO F . -15.69 17.96 -24.62
C6 KDO F . -14.23 16.28 -23.69
O6 KDO F . -13.03 16.73 -22.96
C7 KDO F . -13.88 16.33 -25.16
O7 KDO F . -14.99 15.87 -25.90
C8 KDO F . -12.67 15.44 -25.46
O8 KDO F . -12.31 15.59 -26.80
H31 KDO F . -14.28 19.30 -22.70
H32 KDO F . -14.51 19.14 -21.14
H4 KDO F . -15.81 17.31 -21.51
HO4 KDO F . -16.82 18.98 -23.28
H5 KDO F . -16.26 16.44 -23.50
HO5 KDO F . -16.37 17.71 -25.07
H6 KDO F . -14.40 15.36 -23.45
H7 KDO F . -13.68 17.24 -25.41
HO7 KDO F . -14.76 15.77 -26.71
H81 KDO F . -12.90 14.51 -25.28
H82 KDO F . -11.93 15.70 -24.90
HO8 KDO F . -11.53 15.27 -26.93
C1 NAG G . 11.33 -13.40 -24.25
C2 NAG G . 11.86 -14.74 -23.75
C3 NAG G . 13.32 -14.62 -23.31
C4 NAG G . 14.16 -13.88 -24.33
C5 NAG G . 13.45 -12.60 -24.76
C6 NAG G . 14.15 -11.88 -25.88
C7 NAG G . 10.37 -16.38 -22.69
C8 NAG G . 9.57 -16.69 -21.47
N2 NAG G . 11.04 -15.22 -22.66
O3 NAG G . 13.85 -15.92 -23.11
O4 NAG G . 15.40 -13.53 -23.74
O5 NAG G . 12.14 -12.91 -25.25
O6 NAG G . 14.26 -12.79 -26.98
O7 NAG G . 10.41 -17.12 -23.66
H1 NAG G . 11.33 -12.76 -23.50
H2 NAG G . 11.81 -15.38 -24.49
H3 NAG G . 13.35 -14.14 -22.46
H4 NAG G . 14.31 -14.44 -25.12
H5 NAG G . 13.38 -11.99 -23.99
H61 NAG G . 15.04 -11.61 -25.59
H62 NAG G . 13.64 -11.11 -26.15
H81 NAG G . 9.13 -17.56 -21.59
H82 NAG G . 8.90 -16.00 -21.32
H83 NAG G . 10.16 -16.75 -20.69
HN2 NAG G . 10.96 -14.70 -21.91
HO3 NAG G . 14.68 -15.96 -23.43
C1 NAG G . 16.59 -14.10 -24.38
C2 NAG G . 17.72 -13.56 -23.52
C3 NAG G . 19.05 -13.94 -24.16
C4 NAG G . 19.13 -15.46 -24.30
C5 NAG G . 17.84 -16.13 -24.78
C6 NAG G . 17.78 -17.57 -24.30
C7 NAG G . 17.73 -11.24 -24.37
C8 NAG G . 17.55 -9.79 -24.00
N2 NAG G . 17.61 -12.11 -23.37
O3 NAG G . 20.10 -13.48 -23.34
O4 NAG G . 20.17 -15.76 -25.26
O5 NAG G . 16.64 -15.53 -24.29
O6 NAG G . 16.95 -18.38 -25.12
O7 NAG G . 17.96 -11.59 -25.52
H1 NAG G . 16.68 -13.80 -25.30
H2 NAG G . 17.68 -13.97 -22.64
H3 NAG G . 19.11 -13.52 -25.05
H4 NAG G . 19.39 -15.83 -23.45
H5 NAG G . 17.82 -16.13 -25.77
H61 NAG G . 17.43 -17.58 -23.39
H62 NAG G . 18.68 -17.94 -24.30
H81 NAG G . 16.66 -9.66 -23.63
H82 NAG G . 17.66 -9.25 -24.80
H83 NAG G . 18.22 -9.55 -23.34
HN2 NAG G . 17.42 -11.79 -22.54
HO3 NAG G . 20.22 -14.05 -22.67
HO4 NAG G . 20.56 -16.51 -25.03
HO6 NAG G . 16.98 -19.23 -24.83
C1 FUC G . 15.47 -12.48 -27.67
C2 FUC G . 15.53 -13.50 -28.80
C3 FUC G . 14.37 -13.30 -29.76
C4 FUC G . 14.25 -11.79 -30.17
C5 FUC G . 14.21 -10.91 -28.92
C6 FUC G . 14.19 -9.40 -29.17
O2 FUC G . 15.54 -14.83 -28.31
O3 FUC G . 14.62 -14.06 -30.94
O4 FUC G . 15.35 -11.42 -30.97
O5 FUC G . 15.37 -11.16 -28.12
H1 FUC G . 16.34 -12.53 -27.01
H2 FUC G . 16.47 -13.36 -29.35
H3 FUC G . 13.44 -13.61 -29.29
H4 FUC G . 13.31 -11.65 -30.72
H5 FUC G . 13.33 -11.21 -28.35
H61 FUC G . 15.07 -9.10 -29.74
H62 FUC G . 14.16 -8.86 -28.22
H63 FUC G . 13.29 -9.13 -29.76
HO2 FUC G . 16.42 -15.18 -28.49
HO3 FUC G . 13.75 -14.25 -31.32
HO4 FUC G . 15.85 -12.24 -31.13
C1 NAG H . -39.61 18.02 -22.11
C2 NAG H . -39.99 19.44 -21.72
C3 NAG H . -40.04 20.36 -22.94
C4 NAG H . -38.77 20.22 -23.78
C5 NAG H . -38.48 18.76 -24.07
C6 NAG H . -37.17 18.56 -24.78
C7 NAG H . -41.40 19.78 -19.73
C8 NAG H . -42.80 19.74 -19.19
N2 NAG H . -41.26 19.45 -21.02
O3 NAG H . -40.17 21.70 -22.50
O4 NAG H . -38.93 20.90 -25.02
O5 NAG H . -38.40 18.03 -22.85
O6 NAG H . -36.07 19.04 -24.03
O7 NAG H . -40.44 20.10 -19.04
H1 NAG H . -40.32 17.64 -22.67
H2 NAG H . -39.30 19.78 -21.11
H3 NAG H . -40.81 20.11 -23.49
H4 NAG H . -38.02 20.62 -23.29
H5 NAG H . -39.20 18.39 -24.62
H61 NAG H . -37.19 19.02 -25.64
H62 NAG H . -37.04 17.60 -24.95
H81 NAG H . -43.15 18.84 -19.27
H82 NAG H . -43.36 20.37 -19.68
H83 NAG H . -42.79 20.00 -18.24
HN2 NAG H . -42.02 19.23 -21.49
HO3 NAG H . -39.44 21.94 -22.06
HO6 NAG H . -36.25 18.96 -23.16
C1 NAG H . -38.19 22.13 -25.08
C2 NAG H . -38.08 22.49 -26.54
C3 NAG H . -37.33 23.82 -26.73
C4 NAG H . -37.54 24.83 -25.60
C5 NAG H . -38.15 24.33 -24.27
C6 NAG H . -39.11 25.33 -23.68
C7 NAG H . -37.96 20.83 -28.34
C8 NAG H . -37.13 19.77 -28.99
N2 NAG H . -37.42 21.44 -27.28
O3 NAG H . -37.79 24.40 -27.94
O4 NAG H . -36.28 25.40 -25.28
O5 NAG H . -38.89 23.11 -24.43
O6 NAG H . -39.13 25.28 -22.27
O7 NAG H . -39.08 21.12 -28.76
H1 NAG H . -37.31 22.03 -24.69
H2 NAG H . -38.99 22.61 -26.90
H3 NAG H . -36.38 23.63 -26.80
H4 NAG H . -38.12 25.54 -25.94
H5 NAG H . -37.43 24.17 -23.64
H61 NAG H . -40.01 25.14 -24.01
H62 NAG H . -38.85 26.22 -23.97
H81 NAG H . -36.94 19.06 -28.35
H82 NAG H . -36.29 20.16 -29.30
H83 NAG H . -37.61 19.38 -29.75
HN2 NAG H . -36.58 21.19 -27.02
HO3 NAG H . -37.18 24.95 -28.25
HO4 NAG H . -36.25 25.62 -24.42
HO6 NAG H . -39.93 25.53 -21.96
C1 NAG I . 31.93 0.68 -18.45
C2 NAG I . 32.57 0.61 -19.84
C3 NAG I . 34.04 0.20 -19.71
C4 NAG I . 34.77 1.12 -18.75
C5 NAG I . 34.03 1.10 -17.41
C6 NAG I . 34.66 1.98 -16.35
C7 NAG I . 31.41 -0.01 -21.91
C8 NAG I . 30.66 -1.08 -22.64
N2 NAG I . 31.85 -0.32 -20.69
O3 NAG I . 34.66 0.25 -21.00
O4 NAG I . 36.11 0.70 -18.56
O5 NAG I . 32.68 1.56 -17.61
O6 NAG I . 33.97 1.88 -15.11
O7 NAG I . 31.59 1.10 -22.40
H1 NAG I . 31.91 -0.21 -18.05
H2 NAG I . 32.54 1.49 -20.24
H3 NAG I . 34.09 -0.71 -19.39
H4 NAG I . 34.76 2.02 -19.10
H5 NAG I . 34.00 0.18 -17.08
H61 NAG I . 34.64 2.90 -16.66
H62 NAG I . 35.59 1.71 -16.22
H81 NAG I . 29.87 -1.34 -22.12
H82 NAG I . 31.25 -1.86 -22.75
H83 NAG I . 30.38 -0.75 -23.51
HN2 NAG I . 31.68 -1.16 -20.37
HO3 NAG I . 35.05 1.05 -21.10
HO4 NAG I . 36.63 1.41 -18.52
C1 FUC I . 34.45 0.77 -14.30
C2 FUC I . 33.90 0.98 -12.89
C3 FUC I . 32.38 0.88 -12.89
C4 FUC I . 31.95 -0.49 -13.44
C5 FUC I . 32.60 -0.74 -14.82
C6 FUC I . 32.39 -2.16 -15.35
O2 FUC I . 34.33 2.23 -12.32
O3 FUC I . 31.86 1.01 -11.56
O4 FUC I . 32.32 -1.52 -12.53
O5 FUC I . 34.03 -0.50 -14.81
H1 FUC I . 35.54 0.74 -14.30
H2 FUC I . 34.30 0.18 -12.24
H3 FUC I . 31.97 1.67 -13.54
H4 FUC I . 30.86 -0.48 -13.58
H5 FUC I . 32.14 -0.02 -15.52
H61 FUC I . 31.32 -2.37 -15.46
H62 FUC I . 32.82 -2.89 -14.65
H63 FUC I . 32.87 -2.28 -16.32
HO2 FUC I . 33.64 2.87 -12.54
HO3 FUC I . 32.23 0.26 -11.07
HO4 FUC I . 31.84 -2.31 -12.82
C1 PA1 J . 17.52 14.32 19.73
C2 PA1 J . 17.88 13.72 18.39
N2 PA1 J . 18.98 12.71 18.56
C3 PA1 J . 18.34 14.76 17.44
O3 PA1 J . 18.40 14.16 16.12
C4 PA1 J . 17.40 15.94 17.33
O4 PA1 J . 18.12 17.01 16.70
C5 PA1 J . 16.86 16.43 18.68
O5 PA1 J . 16.42 15.33 19.56
C6 PA1 J . 15.68 17.33 18.44
O6 PA1 J . 14.71 16.67 17.66
H1 PA1 J . 17.20 13.62 20.32
H2 PA1 J . 17.10 13.28 18.01
HN21 PA1 J . 19.70 13.10 18.91
H3 PA1 J . 19.21 15.08 17.69
H4 PA1 J . 16.66 15.69 16.76
HO4 PA1 J . 17.80 17.75 16.96
H5 PA1 J . 17.56 16.93 19.13
H61 PA1 J . 15.30 17.59 19.29
H62 PA1 J . 15.98 18.13 17.96
C1 GCS J . 13.89 17.37 16.71
C2 GCS J . 13.27 16.44 15.68
C3 GCS J . 12.34 17.17 14.80
C4 GCS J . 11.17 17.55 15.63
C5 GCS J . 11.61 18.46 16.77
C6 GCS J . 10.55 18.47 17.81
N2 GCS J . 14.34 15.84 14.84
O3 GCS J . 11.92 16.30 13.71
O4 GCS J . 10.21 18.27 14.83
O5 GCS J . 12.84 18.07 17.51
O6 GCS J . 10.95 19.48 18.68
H1 GCS J . 14.43 18.03 16.26
H2 GCS J . 12.79 15.74 16.14
H3 GCS J . 12.77 17.96 14.45
H4 GCS J . 10.75 16.76 15.99
H5 GCS J . 11.73 19.36 16.42
H61 GCS J . 10.52 17.61 18.27
H62 GCS J . 9.69 18.68 17.42
HN21 GCS J . 14.49 16.35 14.13
HO3 GCS J . 11.54 16.77 13.11
C1 KDO J . 9.70 20.79 19.11
O1A KDO J . 8.74 20.12 19.59
O1B KDO J . 9.47 21.63 18.20
C2 KDO J . 11.13 20.55 19.59
C3 KDO J . 12.13 21.66 19.34
C4 KDO J . 13.54 21.21 19.56
O4 KDO J . 14.35 22.38 19.84
C5 KDO J . 13.73 20.23 20.69
O5 KDO J . 13.83 20.99 21.91
C6 KDO J . 12.62 19.19 20.83
O6 KDO J . 11.29 19.82 20.88
C7 KDO J . 12.75 18.41 22.10
O7 KDO J . 13.27 19.26 23.10
C8 KDO J . 13.67 17.20 21.92
O8 KDO J . 13.67 16.48 23.13
H31 KDO J . 11.95 22.39 19.94
H32 KDO J . 12.04 21.95 18.42
H4 KDO J . 13.85 20.79 18.73
HO4 KDO J . 14.50 22.42 20.67
H5 KDO J . 14.57 19.76 20.55
HO5 KDO J . 14.10 20.48 22.53
H6 KDO J . 12.66 18.59 20.08
H7 KDO J . 11.87 18.11 22.38
HO7 KDO J . 13.48 18.80 23.78
H81 KDO J . 14.57 17.50 21.73
H82 KDO J . 13.34 16.65 21.20
HO8 KDO J . 14.05 15.73 23.01
C1 NAG K . -10.25 -12.19 25.80
C2 NAG K . -10.73 -13.56 25.38
C3 NAG K . -12.15 -13.47 24.82
C4 NAG K . -13.07 -12.71 25.76
C5 NAG K . -12.41 -11.38 26.17
C6 NAG K . -13.20 -10.66 27.22
C7 NAG K . -9.01 -15.16 24.65
C8 NAG K . -8.15 -15.61 23.50
N2 NAG K . -9.84 -14.14 24.40
O3 NAG K . -12.66 -14.78 24.61
O4 NAG K . -14.28 -12.40 25.08
O5 NAG K . -11.13 -11.64 26.75
O6 NAG K . -13.30 -11.47 28.39
O7 NAG K . -8.96 -15.69 25.75
H1 NAG K . -10.21 -11.60 25.01
H2 NAG K . -10.75 -14.14 26.17
H3 NAG K . -12.12 -13.01 23.96
H4 NAG K . -13.26 -13.24 26.55
H5 NAG K . -12.32 -10.82 25.39
H61 NAG K . -14.10 -10.46 26.89
H62 NAG K . -12.76 -9.82 27.44
H81 NAG K . -8.73 -15.90 22.77
H82 NAG K . -7.60 -16.36 23.79
H83 NAG K . -7.59 -14.87 23.22
HN2 NAG K . -9.83 -13.78 23.55
HO3 NAG K . -13.49 -14.73 24.27
C1 NAG K . -15.49 -12.65 25.80
C2 NAG K . -16.58 -12.09 24.89
C3 NAG K . -17.96 -12.32 25.50
C4 NAG K . -18.14 -13.80 25.82
C5 NAG K . -17.01 -14.29 26.71
C6 NAG K . -17.05 -15.77 26.98
C7 NAG K . -16.37 -9.73 25.56
C8 NAG K . -16.09 -8.34 25.09
N2 NAG K . -16.36 -10.68 24.62
O3 NAG K . -18.96 -11.89 24.59
O4 NAG K . -19.39 -14.01 26.47
O5 NAG K . -15.74 -14.02 26.08
O6 NAG K . -18.06 -16.10 27.93
O7 NAG K . -16.61 -9.98 26.74
H1 NAG K . -15.47 -12.14 26.64
H2 NAG K . -16.54 -12.58 24.05
H3 NAG K . -18.03 -11.80 26.34
H4 NAG K . -18.13 -14.31 24.99
H5 NAG K . -17.04 -13.81 27.57
H61 NAG K . -16.18 -16.07 27.31
H62 NAG K . -17.25 -16.24 26.14
H81 NAG K . -16.76 -8.08 24.42
H82 NAG K . -15.21 -8.30 24.68
H83 NAG K . -16.13 -7.72 25.84
HN2 NAG K . -16.17 -10.44 23.76
HO3 NAG K . -19.65 -12.44 24.64
HO4 NAG K . -19.39 -14.81 26.86
HO6 NAG K . -17.74 -16.73 28.48
C1 FUC K . -14.42 -10.98 29.13
C2 FUC K . -14.46 -11.78 30.43
C3 FUC K . -13.23 -11.46 31.25
C4 FUC K . -13.21 -9.96 31.52
C5 FUC K . -13.16 -9.21 30.18
C6 FUC K . -13.25 -7.70 30.27
O2 FUC K . -14.55 -13.18 30.18
O3 FUC K . -13.28 -12.14 32.49
O4 FUC K . -14.38 -9.61 32.23
O5 FUC K . -14.25 -9.60 29.35
H1 FUC K . -15.35 -11.09 28.55
H2 FUC K . -15.35 -11.49 30.99
H3 FUC K . -12.33 -11.75 30.67
H4 FUC K . -12.29 -9.70 32.09
H5 FUC K . -12.22 -9.51 29.67
H61 FUC K . -13.22 -7.25 29.27
H62 FUC K . -12.42 -7.31 30.87
H63 FUC K . -14.19 -7.40 30.75
HO2 FUC K . -13.78 -13.42 29.66
HO3 FUC K . -14.21 -12.14 32.76
HO4 FUC K . -14.23 -8.69 32.53
C1 NAG L . 38.32 22.62 19.71
C2 NAG L . 38.40 24.06 19.24
C3 NAG L . 38.37 25.01 20.42
C4 NAG L . 37.13 24.74 21.27
C5 NAG L . 37.03 23.27 21.65
C6 NAG L . 35.70 22.92 22.28
C7 NAG L . 39.57 24.88 17.23
C8 NAG L . 40.89 25.07 16.54
N2 NAG L . 39.60 24.30 18.44
O3 NAG L . 38.35 26.34 19.95
O4 NAG L . 37.23 25.46 22.49
O5 NAG L . 37.15 22.44 20.49
O6 NAG L . 34.68 23.83 21.88
O7 NAG L . 38.51 25.23 16.70
H1 NAG L . 39.10 22.41 20.26
H2 NAG L . 37.62 24.24 18.68
H3 NAG L . 39.16 24.87 20.97
H4 NAG L . 36.33 25.02 20.79
H5 NAG L . 37.75 23.05 22.27
H61 NAG L . 35.80 22.95 23.25
H62 NAG L . 35.45 22.02 22.01
H81 NAG L . 41.31 24.20 16.42
H82 NAG L . 41.45 25.64 17.10
H83 NAG L . 40.74 25.49 15.69
HN2 NAG L . 40.41 24.07 18.78
HO3 NAG L . 38.63 26.89 20.59
HO6 NAG L . 34.24 23.50 21.19
C1 NAG L . 36.72 26.79 22.40
C2 NAG L . 36.50 27.25 23.81
C3 NAG L . 35.86 28.61 23.79
C4 NAG L . 36.82 29.58 23.13
C5 NAG L . 37.34 29.08 21.77
C6 NAG L . 38.62 29.78 21.37
C7 NAG L . 36.18 25.79 25.75
C8 NAG L . 35.27 24.83 26.45
N2 NAG L . 35.72 26.30 24.60
O3 NAG L . 35.58 29.03 25.12
O4 NAG L . 36.19 30.84 22.94
O5 NAG L . 37.65 27.67 21.77
O6 NAG L . 38.88 29.66 19.98
O7 NAG L . 37.28 26.10 26.20
H1 NAG L . 35.87 26.79 21.92
H2 NAG L . 37.38 27.34 24.24
H3 NAG L . 35.03 28.57 23.28
H4 NAG L . 37.59 29.72 23.72
H5 NAG L . 36.66 29.26 21.09
H61 NAG L . 39.37 29.38 21.86
H62 NAG L . 38.56 30.72 21.60
H81 NAG L . 35.10 24.07 25.87
H82 NAG L . 34.43 25.27 26.68
H83 NAG L . 35.71 24.52 27.28
HN2 NAG L . 34.90 26.05 24.29
HO3 NAG L . 36.25 29.51 25.43
HO4 NAG L . 36.72 31.50 23.20
HO6 NAG L . 39.76 29.70 19.84
C1 PEG M . -27.68 8.92 12.22
O1 PEG M . -26.36 9.34 12.10
C2 PEG M . -27.80 7.97 13.38
O2 PEG M . -28.65 6.92 13.01
C3 PEG M . -29.74 6.69 13.84
C4 PEG M . -29.26 5.91 15.07
O4 PEG M . -27.91 5.59 14.92
H11 PEG M . -28.25 9.69 12.36
H12 PEG M . -27.95 8.48 11.40
HO1 PEG M . -26.27 9.83 11.41
H21 PEG M . -26.92 7.61 13.62
H22 PEG M . -28.17 8.43 14.15
H31 PEG M . -30.11 7.53 14.13
H32 PEG M . -30.42 6.18 13.37
H41 PEG M . -29.39 6.45 15.87
H42 PEG M . -29.78 5.09 15.15
HO4 PEG M . -27.44 6.24 15.18
C1 PEG N . -19.24 23.76 -10.34
O1 PEG N . -19.31 24.15 -9.00
C2 PEG N . -20.49 22.98 -10.70
O2 PEG N . -21.25 23.69 -11.65
C3 PEG N . -21.01 23.35 -12.99
C4 PEG N . -20.03 24.35 -13.60
O4 PEG N . -20.03 24.20 -14.99
H11 PEG N . -18.45 23.19 -10.46
H12 PEG N . -19.16 24.54 -10.90
HO1 PEG N . -18.54 24.15 -8.65
H21 PEG N . -20.24 22.11 -11.05
H22 PEG N . -21.03 22.86 -9.90
H31 PEG N . -21.85 23.38 -13.48
H32 PEG N . -20.63 22.45 -13.04
H41 PEG N . -19.14 24.19 -13.25
H42 PEG N . -20.31 25.25 -13.37
HO4 PEG N . -19.30 24.51 -15.31
C1 PGE O . -26.20 -6.50 14.46
O1 PGE O . -25.25 -7.46 14.92
C2 PGE O . -25.70 -5.93 13.14
O2 PGE O . -26.78 -5.60 12.29
C3 PGE O . -26.59 -6.01 10.95
C4 PGE O . -25.47 -5.20 10.30
O4 PGE O . -21.90 -4.05 9.25
C6 PGE O . -23.03 -4.58 8.58
C5 PGE O . -23.44 -5.86 9.28
O3 PGE O . -24.85 -5.95 9.28
H1 PGE O . -27.19 -6.94 14.29
H12 PGE O . -26.32 -5.67 15.17
HO1 PGE O . -25.46 -8.30 14.50
H2 PGE O . -25.08 -5.04 13.36
H22 PGE O . -25.04 -6.68 12.67
H3 PGE O . -26.33 -7.07 10.89
H32 PGE O . -27.51 -5.86 10.37
H4 PGE O . -25.89 -4.26 9.90
H42 PGE O . -24.74 -4.92 11.09
HO4 PGE O . -22.00 -3.10 9.29
H6 PGE O . -22.80 -4.81 7.52
H62 PGE O . -23.88 -3.88 8.60
H5 PGE O . -23.04 -5.86 10.31
H52 PGE O . -23.00 -6.71 8.74
C1 FTT P . -15.27 11.67 -16.57
C2 FTT P . -16.31 11.08 -15.63
C3 FTT P . -15.61 10.41 -14.46
C4 FTT P . -15.23 11.44 -13.41
C5 FTT P . -14.73 10.75 -12.14
C6 FTT P . -14.95 11.63 -10.92
C7 FTT P . -14.91 10.80 -9.65
C8 FTT P . -13.52 10.19 -9.45
C9 FTT P . -13.58 9.13 -8.36
C10 FTT P . -13.74 7.73 -8.98
C11 FTT P . -12.96 6.70 -8.16
C12 FTT P . -13.90 5.77 -7.38
C13 FTT P . -13.58 5.85 -5.89
C14 FTT P . -14.20 4.63 -5.23
O2 FTT P . -14.96 11.00 -17.59
O3 FTT P . -16.51 9.50 -13.90
H21 FTT P . -16.85 10.43 -16.10
H22 FTT P . -16.88 11.79 -15.30
H3 FTT P . -14.82 9.94 -14.76
H41 FTT P . -16.00 11.98 -13.19
H42 FTT P . -14.52 12.01 -13.77
H51 FTT P . -13.78 10.55 -12.24
H52 FTT P . -15.21 9.91 -12.03
H61 FTT P . -15.82 12.07 -11.00
H62 FTT P . -14.26 12.31 -10.89
H71 FTT P . -15.57 10.07 -9.73
H72 FTT P . -15.13 11.35 -8.90
H81 FTT P . -12.90 10.89 -9.19
H82 FTT P . -13.23 9.78 -10.28
H91 FTT P . -14.35 9.30 -7.78
H92 FTT P . -12.77 9.16 -7.84
H101 FTT P . -13.40 7.74 -9.89
H102 FTT P . -14.68 7.49 -8.99
H111 FTT P . -12.38 7.16 -7.53
H112 FTT P . -12.41 6.17 -8.76
H121 FTT P . -13.78 4.87 -7.70
H122 FTT P . -14.82 6.06 -7.53
H131 FTT P . -13.96 6.66 -5.52
H132 FTT P . -12.62 5.85 -5.76
H141 FTT P . -13.94 3.83 -5.71
H142 FTT P . -15.16 4.71 -5.24
H143 FTT P . -13.90 4.57 -4.31
C1 MYR Q . -13.01 15.19 -8.61
O1 MYR Q . -13.21 16.35 -8.22
O2 MYR Q . -12.67 15.01 -9.81
C2 MYR Q . -13.12 14.00 -7.68
C3 MYR Q . -14.08 14.30 -6.52
C4 MYR Q . -13.89 13.27 -5.42
C5 MYR Q . -15.14 13.03 -4.57
C6 MYR Q . -15.02 13.62 -3.16
C7 MYR Q . -15.60 12.71 -2.08
C8 MYR Q . -15.68 13.46 -0.75
C9 MYR Q . -16.04 12.56 0.43
C10 MYR Q . -16.12 13.40 1.70
C11 MYR Q . -17.12 12.81 2.69
C12 MYR Q . -17.14 13.57 4.01
C13 MYR Q . -17.12 12.58 5.18
C14 MYR Q . -17.85 13.10 6.41
H21 MYR Q . -12.15 13.75 -7.29
H22 MYR Q . -13.50 13.14 -8.24
H31 MYR Q . -15.12 14.28 -6.88
H32 MYR Q . -13.88 15.30 -6.14
H41 MYR Q . -13.08 13.59 -4.76
H42 MYR Q . -13.59 12.32 -5.87
H51 MYR Q . -15.32 11.96 -4.49
H52 MYR Q . -16.01 13.48 -5.07
H61 MYR Q . -15.54 14.58 -3.13
H62 MYR Q . -13.97 13.81 -2.93
H71 MYR Q . -14.98 11.83 -1.97
H72 MYR Q . -16.60 12.38 -2.38
H81 MYR Q . -16.42 14.26 -0.84
H82 MYR Q . -14.71 13.92 -0.56
H91 MYR Q . -15.28 11.78 0.54
H92 MYR Q . -17.00 12.08 0.24
H101 MYR Q . -16.42 14.42 1.45
H102 MYR Q . -15.13 13.45 2.16
H111 MYR Q . -16.86 11.77 2.88
H112 MYR Q . -18.11 12.83 2.25
H121 MYR Q . -18.03 14.18 4.07
H122 MYR Q . -16.27 14.23 4.07
H131 MYR Q . -16.09 12.36 5.45
H132 MYR Q . -17.58 11.64 4.86
H141 MYR Q . -18.25 14.09 6.21
H142 MYR Q . -17.16 13.15 7.25
H143 MYR Q . -18.67 12.42 6.65
CA CA R . 3.88 -6.03 -23.98
CA CA S . 5.38 -9.02 -26.37
CA CA T . 1.50 -20.25 -31.12
S SO4 U . -26.01 -5.73 -10.26
O1 SO4 U . -26.29 -6.52 -9.06
O2 SO4 U . -27.26 -5.38 -10.93
O3 SO4 U . -25.31 -4.51 -9.88
O4 SO4 U . -25.18 -6.51 -11.17
O1 MES V . -18.06 -10.65 -56.36
C2 MES V . -18.06 -9.28 -56.69
C3 MES V . -18.25 -8.45 -55.43
N4 MES V . -19.37 -8.88 -54.61
C5 MES V . -19.49 -10.32 -54.41
C6 MES V . -19.32 -10.95 -55.79
C7 MES V . -19.41 -8.08 -53.39
C8 MES V . -20.80 -8.17 -52.75
S MES V . -21.05 -6.93 -51.67
O1S MES V . -20.98 -5.62 -52.36
O2S MES V . -22.38 -7.08 -51.04
O3S MES V . -20.01 -6.98 -50.61
H21 MES V . -18.87 -9.07 -57.38
H22 MES V . -17.11 -9.01 -57.17
H31 MES V . -17.34 -8.49 -54.83
H32 MES V . -18.40 -7.40 -55.70
HN4 MES V . -20.19 -8.62 -55.12
H51 MES V . -20.46 -10.57 -53.99
H52 MES V . -18.72 -10.68 -53.72
H61 MES V . -19.43 -12.04 -55.71
H62 MES V . -20.12 -10.59 -56.45
H71 MES V . -18.66 -8.43 -52.68
H72 MES V . -19.19 -7.03 -53.63
H81 MES V . -21.56 -8.12 -53.54
H82 MES V . -20.91 -9.13 -52.25
C1 PEG W . -19.36 -8.14 -6.97
O1 PEG W . -20.30 -7.14 -7.27
C2 PEG W . -18.29 -8.15 -8.06
O2 PEG W . -18.89 -7.87 -9.29
C3 PEG W . -18.18 -8.24 -10.43
C4 PEG W . -19.12 -8.99 -11.36
O4 PEG W . -19.45 -8.17 -12.45
H11 PEG W . -18.94 -7.96 -6.11
H12 PEG W . -19.80 -9.00 -6.94
HO1 PEG W . -19.98 -6.38 -7.03
H21 PEG W . -17.61 -7.47 -7.86
H22 PEG W . -17.86 -9.03 -8.10
H31 PEG W . -17.84 -7.45 -10.87
H32 PEG W . -17.44 -8.81 -10.18
H41 PEG W . -18.68 -9.80 -11.68
H42 PEG W . -19.94 -9.23 -10.88
HO4 PEG W . -19.71 -8.66 -13.10
C1 PEG X . -18.83 12.09 -45.72
O1 PEG X . -17.87 11.91 -44.72
C2 PEG X . -18.34 11.40 -47.00
O2 PEG X . -19.43 10.83 -47.66
C3 PEG X . -19.12 9.73 -48.49
C4 PEG X . -20.42 9.11 -48.98
O4 PEG X . -20.38 7.72 -48.85
H11 PEG X . -19.67 11.70 -45.45
H12 PEG X . -18.94 13.04 -45.90
HO1 PEG X . -17.11 12.13 -45.01
H21 PEG X . -17.92 12.05 -47.58
H22 PEG X . -17.71 10.72 -46.77
H31 PEG X . -18.58 10.03 -49.24
H32 PEG X . -18.62 9.08 -47.97
H41 PEG X . -21.16 9.47 -48.47
H42 PEG X . -20.55 9.34 -49.91
HO4 PEG X . -21.11 7.38 -49.14
C1 PEG Y . -7.10 4.48 -12.86
O1 PEG Y . -6.54 4.98 -11.67
C2 PEG Y . -6.17 4.84 -14.02
O2 PEG Y . -6.22 3.90 -15.07
C3 PEG Y . -5.39 4.27 -16.14
C4 PEG Y . -5.27 3.19 -17.21
O4 PEG Y . -4.35 3.63 -18.17
H11 PEG Y . -7.96 4.89 -12.99
H12 PEG Y . -7.19 3.52 -12.79
HO1 PEG Y . -7.12 5.42 -11.24
H21 PEG Y . -6.41 5.71 -14.36
H22 PEG Y . -5.25 4.87 -13.69
H31 PEG Y . -4.50 4.45 -15.79
H32 PEG Y . -5.74 5.06 -16.55
H41 PEG Y . -6.13 3.03 -17.62
H42 PEG Y . -4.94 2.36 -16.80
HO4 PEG Y . -3.98 2.96 -18.53
C1 PEG Z . -2.38 -18.58 -15.15
O1 PEG Z . -2.97 -17.73 -14.21
C2 PEG Z . -0.96 -18.08 -15.47
O2 PEG Z . -0.96 -17.55 -16.76
C3 PEG Z . 0.12 -16.68 -17.04
C4 PEG Z . 1.40 -17.49 -17.25
O4 PEG Z . 2.40 -16.99 -16.40
H11 PEG Z . -2.91 -18.58 -15.97
H12 PEG Z . -2.33 -19.48 -14.80
HO1 PEG Z . -3.80 -17.67 -14.37
H21 PEG Z . -0.70 -17.40 -14.82
H22 PEG Z . -0.34 -18.83 -15.43
H31 PEG Z . 0.24 -16.07 -16.29
H32 PEG Z . -0.08 -16.18 -17.84
H41 PEG Z . 1.68 -17.41 -18.17
H42 PEG Z . 1.23 -18.42 -17.03
HO4 PEG Z . 3.14 -16.99 -16.82
C1 PEG AA . -18.53 -9.97 -50.63
O1 PEG AA . -19.23 -10.69 -49.64
C2 PEG AA . -17.02 -10.05 -50.40
O2 PEG AA . -16.59 -8.99 -49.56
C3 PEG AA . -15.21 -8.77 -49.55
C4 PEG AA . -14.81 -7.67 -48.57
O4 PEG AA . -15.44 -6.46 -48.92
H11 PEG AA . -18.82 -9.05 -50.60
H12 PEG AA . -18.74 -10.35 -51.50
HO1 PEG AA . -20.03 -10.41 -49.60
H21 PEG AA . -16.80 -10.89 -49.98
H22 PEG AA . -16.56 -10.00 -51.25
H31 PEG AA . -14.91 -8.52 -50.44
H32 PEG AA . -14.76 -9.59 -49.30
H41 PEG AA . -13.85 -7.54 -48.59
H42 PEG AA . -15.08 -7.93 -47.67
HO4 PEG AA . -14.85 -5.86 -49.03
C1 PEG BA . -3.64 5.43 -28.19
O1 PEG BA . -4.20 6.68 -27.89
C2 PEG BA . -2.15 5.42 -27.82
O2 PEG BA . -1.46 4.59 -28.72
C3 PEG BA . -0.11 4.40 -28.43
C4 PEG BA . 0.68 4.19 -29.73
O4 PEG BA . -0.18 3.79 -30.76
H11 PEG BA . -3.74 5.25 -29.13
H12 PEG BA . -4.10 4.74 -27.67
HO1 PEG BA . -5.05 6.62 -27.95
H21 PEG BA . -1.80 6.32 -27.87
H22 PEG BA . -2.04 5.08 -26.91
H31 PEG BA . 0.00 3.62 -27.86
H32 PEG BA . 0.24 5.17 -27.96
H41 PEG BA . 1.36 3.53 -29.59
H42 PEG BA . 1.11 5.04 -29.97
HO4 PEG BA . 0.27 3.37 -31.35
C1 PEG CA . 2.80 3.54 -22.27
O1 PEG CA . 2.11 4.52 -21.54
C2 PEG CA . 3.53 2.61 -21.32
O2 PEG CA . 4.68 2.10 -21.94
C3 PEG CA . 5.74 1.85 -21.06
C4 PEG CA . 7.04 1.67 -21.83
O4 PEG CA . 8.04 1.25 -20.95
H11 PEG CA . 3.43 3.96 -22.87
H12 PEG CA . 2.15 3.02 -22.79
HO1 PEG CA . 1.55 4.15 -21.02
H21 PEG CA . 3.79 3.11 -20.52
H22 PEG CA . 2.95 1.87 -21.06
H31 PEG CA . 5.55 1.04 -20.55
H32 PEG CA . 5.84 2.60 -20.44
H41 PEG CA . 7.29 2.50 -22.24
H42 PEG CA . 6.91 0.99 -22.52
HO4 PEG CA . 8.76 1.11 -21.38
C1 PEG DA . 13.03 -36.16 -34.86
O1 PEG DA . 12.13 -36.69 -33.93
C2 PEG DA . 12.27 -35.48 -36.00
O2 PEG DA . 12.55 -36.13 -37.20
C3 PEG DA . 11.46 -36.80 -37.77
C4 PEG DA . 11.74 -36.93 -39.26
O4 PEG DA . 13.01 -37.48 -39.46
H11 PEG DA . 13.58 -36.87 -35.21
H12 PEG DA . 13.59 -35.50 -34.42
HO1 PEG DA . 11.54 -37.16 -34.33
H21 PEG DA . 11.32 -35.53 -35.83
H22 PEG DA . 12.54 -34.55 -36.07
H31 PEG DA . 10.65 -36.29 -37.63
H32 PEG DA . 11.37 -37.68 -37.38
H41 PEG DA . 11.70 -36.05 -39.67
H42 PEG DA . 11.07 -37.51 -39.66
HO4 PEG DA . 13.35 -37.17 -40.17
C1 PEG EA . -21.95 -8.05 -28.31
O1 PEG EA . -21.45 -9.05 -27.46
C2 PEG EA . -22.20 -6.77 -27.51
O2 PEG EA . -23.50 -6.31 -27.69
C3 PEG EA . -23.99 -5.24 -26.90
C4 PEG EA . -23.26 -4.94 -25.59
O4 PEG EA . -22.02 -4.33 -25.79
H11 PEG EA . -22.79 -8.35 -28.71
H12 PEG EA . -21.31 -7.87 -29.02
HO1 PEG EA . -21.97 -9.13 -26.79
H21 PEG EA . -22.06 -6.96 -26.56
H22 PEG EA . -21.58 -6.09 -27.79
H31 PEG EA . -24.93 -5.43 -26.69
H32 PEG EA . -23.97 -4.44 -27.45
H41 PEG EA . -23.12 -5.78 -25.11
H42 PEG EA . -23.82 -4.36 -25.05
HO4 PEG EA . -21.81 -3.86 -25.12
C1 PEG FA . -34.63 2.98 -29.99
O1 PEG FA . -34.33 3.82 -28.92
C2 PEG FA . -33.47 2.03 -30.19
O2 PEG FA . -33.47 1.45 -31.48
C3 PEG FA . -32.27 1.56 -32.20
C4 PEG FA . -31.34 0.40 -31.86
O4 PEG FA . -31.39 -0.67 -32.76
H11 PEG FA . -34.77 3.51 -30.80
H12 PEG FA . -35.44 2.47 -29.79
HO1 PEG FA . -35.03 3.94 -28.44
H21 PEG FA . -32.63 2.52 -30.07
H22 PEG FA . -33.52 1.31 -29.53
H31 PEG FA . -31.83 2.39 -31.98
H32 PEG FA . -32.45 1.55 -33.16
H41 PEG FA . -31.58 0.07 -30.98
H42 PEG FA . -30.44 0.73 -31.83
HO4 PEG FA . -30.69 -1.14 -32.68
C1 PGE GA . 3.62 -3.50 -36.14
O1 PGE GA . 2.50 -2.67 -36.37
C2 PGE GA . 4.85 -2.87 -36.76
O2 PGE GA . 5.13 -3.51 -37.98
C3 PGE GA . 5.21 -2.62 -39.06
C4 PGE GA . 5.48 -3.39 -40.34
O4 PGE GA . 1.27 -2.36 -41.97
C6 PGE GA . 2.27 -3.35 -42.19
C5 PGE GA . 3.63 -2.81 -41.78
O3 PGE GA . 4.25 -3.77 -40.94
H1 PGE GA . 3.82 -3.65 -35.05
H12 PGE GA . 3.49 -4.51 -36.58
HO1 PGE GA . 1.87 -3.16 -36.92
H2 PGE GA . 4.65 -1.80 -36.91
H22 PGE GA . 5.69 -2.95 -36.05
H3 PGE GA . 4.26 -2.05 -39.18
H32 PGE GA . 6.02 -1.88 -38.91
H4 PGE GA . 6.06 -2.76 -41.04
H42 PGE GA . 6.09 -4.28 -40.10
HO4 PGE GA . 0.69 -2.68 -41.28
H6 PGE GA . 2.33 -3.63 -43.26
H62 PGE GA . 2.07 -4.26 -41.61
H5 PGE GA . 3.50 -1.84 -41.26
H52 PGE GA . 4.24 -2.63 -42.68
C1 PGE HA . 3.65 -12.66 -39.36
O1 PGE HA . 3.76 -13.06 -37.99
C2 PGE HA . 4.59 -13.51 -40.20
O2 PGE HA . 3.88 -14.03 -41.30
C3 PGE HA . 4.22 -15.36 -41.64
C4 PGE HA . 3.63 -16.29 -40.60
O4 PGE HA . 3.63 -19.09 -43.03
C6 PGE HA . 2.27 -18.79 -42.77
C5 PGE HA . 2.20 -18.00 -41.47
O3 PGE HA . 3.52 -17.59 -41.15
H1 PGE HA . 2.63 -12.80 -39.74
H12 PGE HA . 3.93 -11.61 -39.50
HO1 PGE HA . 4.70 -13.00 -37.74
H2 PGE HA . 5.43 -12.88 -40.55
H22 PGE HA . 5.02 -14.31 -39.58
H3 PGE HA . 3.83 -15.63 -42.64
H32 PGE HA . 5.32 -15.49 -41.66
H4 PGE HA . 4.28 -16.31 -39.71
H42 PGE HA . 2.64 -15.91 -40.29
HO4 PGE HA . 4.03 -19.43 -42.22
H6 PGE HA . 1.66 -19.70 -42.64
H62 PGE HA . 1.81 -18.19 -43.56
H5 PGE HA . 1.77 -18.63 -40.68
H52 PGE HA . 1.54 -17.13 -41.61
C1 PGE IA . -13.96 -34.47 -31.25
O1 PGE IA . -14.38 -34.68 -32.59
C2 PGE IA . -13.43 -35.78 -30.68
O2 PGE IA . -12.82 -36.53 -31.72
C3 PGE IA . -11.40 -36.45 -31.75
C4 PGE IA . -10.84 -36.88 -33.09
O4 PGE IA . -9.05 -35.64 -37.28
C6 PGE IA . -9.30 -35.11 -35.98
C5 PGE IA . -9.81 -36.24 -35.10
O3 PGE IA . -10.33 -35.80 -33.85
H1 PGE IA . -13.16 -33.72 -31.18
H12 PGE IA . -14.80 -34.14 -30.61
HO1 PGE IA . -14.79 -33.86 -32.90
H2 PGE IA . -12.71 -35.55 -29.88
H22 PGE IA . -14.26 -36.33 -30.23
H3 PGE IA . -11.07 -35.42 -31.54
H32 PGE IA . -10.97 -37.09 -30.96
H4 PGE IA . -10.03 -37.62 -32.91
H42 PGE IA . -11.64 -37.41 -33.65
HO4 PGE IA . -8.10 -35.80 -37.35
H6 PGE IA . -10.07 -34.32 -36.01
H62 PGE IA . -8.40 -34.69 -35.53
H5 PGE IA . -8.98 -36.94 -34.93
H52 PGE IA . -10.59 -36.80 -35.66
OH2 1PE JA . -31.92 8.78 -46.11
C12 1PE JA . -32.27 7.43 -46.04
C22 1PE JA . -32.50 7.03 -44.58
OH3 1PE JA . -31.27 7.12 -43.90
C13 1PE JA . -30.54 8.00 -41.79
C23 1PE JA . -31.30 6.88 -42.52
OH4 1PE JA . -29.46 8.45 -42.58
C14 1PE JA . -27.74 10.12 -42.73
C24 1PE JA . -29.23 9.84 -42.52
OH5 1PE JA . -27.47 10.00 -44.09
C15 1PE JA . -25.84 9.76 -45.77
C25 1PE JA . -26.21 10.48 -44.49
OH6 1PE JA . -26.81 10.08 -46.74
C16 1PE JA . -28.34 9.44 -48.47
C26 1PE JA . -27.06 9.08 -47.70
OH7 1PE JA . -29.40 8.65 -48.02
HO2 1PE JA . -31.35 8.89 -46.73
H121 1PE JA . -33.09 7.28 -46.54
H122 1PE JA . -31.56 6.88 -46.41
H221 1PE JA . -33.14 7.64 -44.17
H222 1PE JA . -32.84 6.13 -44.53
H131 1PE JA . -31.14 8.74 -41.63
H132 1PE JA . -30.21 7.66 -40.95
H231 1PE JA . -32.21 6.86 -42.21
H232 1PE JA . -30.87 6.03 -42.33
H141 1PE JA . -27.53 11.02 -42.43
H142 1PE JA . -27.21 9.48 -42.24
H241 1PE JA . -29.74 10.27 -43.23
H242 1PE JA . -29.50 10.18 -41.67
H151 1PE JA . -24.97 10.07 -46.08
H152 1PE JA . -25.82 8.81 -45.63
H251 1PE JA . -26.25 11.44 -44.63
H252 1PE JA . -25.56 10.28 -43.79
H161 1PE JA . -28.55 10.38 -48.33
H162 1PE JA . -28.19 9.28 -49.41
H261 1PE JA . -26.32 9.03 -48.32
H262 1PE JA . -27.18 8.23 -47.25
HO7 1PE JA . -30.13 9.09 -48.06
OH2 1PE KA . -32.00 -4.24 -22.80
C12 1PE KA . -32.02 -5.04 -21.65
C22 1PE KA . -31.08 -4.40 -20.65
OH3 1PE KA . -31.08 -3.02 -20.88
C13 1PE KA . -30.29 -0.82 -20.31
C23 1PE KA . -30.16 -2.33 -20.09
OH4 1PE KA . -30.02 -0.48 -21.64
C14 1PE KA . -29.04 1.73 -21.59
C24 1PE KA . -30.26 0.87 -21.94
OH5 1PE KA . -28.01 1.59 -22.54
C15 1PE KA . -25.82 2.50 -22.00
C25 1PE KA . -27.16 2.70 -22.72
OH6 1PE KA . -24.82 3.32 -22.57
C16 1PE KA . -22.66 4.34 -22.48
C26 1PE KA . -23.52 3.14 -22.05
OH7 1PE KA . -21.47 4.38 -21.74
HO2 1PE KA . -32.65 -4.45 -23.30
H121 1PE KA . -32.92 -5.08 -21.29
H122 1PE KA . -31.72 -5.94 -21.86
H221 1PE KA . -31.38 -4.58 -19.74
H222 1PE KA . -30.18 -4.74 -20.77
H131 1PE KA . -31.20 -0.54 -20.09
H132 1PE KA . -29.67 -0.36 -19.73
H231 1PE KA . -29.27 -2.61 -20.32
H232 1PE KA . -30.32 -2.53 -19.16
H141 1PE KA . -28.70 1.47 -20.72
H142 1PE KA . -29.31 2.67 -21.57
H241 1PE KA . -30.46 0.95 -22.88
H242 1PE KA . -31.02 1.18 -21.42
H151 1PE KA . -25.92 2.72 -21.06
H152 1PE KA . -25.55 1.56 -22.08
H251 1PE KA . -26.99 2.83 -23.66
H252 1PE KA . -27.59 3.50 -22.36
H161 1PE KA . -22.44 4.27 -23.43
H162 1PE KA . -23.15 5.17 -22.33
H261 1PE KA . -23.13 2.33 -22.40
H262 1PE KA . -23.56 3.10 -21.09
HO7 1PE KA . -20.83 4.08 -22.20
P PO4 LA . -19.80 11.64 -23.32
O1 PO4 LA . -21.00 12.48 -23.67
O2 PO4 LA . -19.62 11.65 -21.83
O3 PO4 LA . -18.58 12.21 -24.00
O4 PO4 LA . -20.02 10.22 -23.78
P PO4 MA . -10.05 16.23 -16.90
O2 PO4 MA . -9.56 16.56 -18.28
O3 PO4 MA . -9.67 17.32 -15.93
O4 PO4 MA . -9.60 14.86 -16.45
C1 FTT NA . -19.57 8.32 -19.59
C2 FTT NA . -20.86 7.53 -19.39
C3 FTT NA . -20.55 6.08 -19.01
C4 FTT NA . -20.30 5.93 -17.50
C5 FTT NA . -21.48 6.36 -16.62
C6 FTT NA . -21.17 6.19 -15.13
C7 FTT NA . -22.37 6.62 -14.29
C8 FTT NA . -22.13 6.32 -12.80
C9 FTT NA . -23.36 6.66 -11.96
C10 FTT NA . -22.99 6.46 -10.49
C11 FTT NA . -24.14 6.78 -9.53
C12 FTT NA . -23.71 6.37 -8.12
C13 FTT NA . -24.91 6.30 -7.18
C14 FTT NA . -25.39 7.72 -6.86
O2 FTT NA . -18.53 7.97 -18.97
O3 FTT NA . -21.62 5.26 -19.42
H21 FTT NA . -21.38 7.54 -20.21
H22 FTT NA . -21.37 7.94 -18.67
H3 FTT NA . -19.74 5.80 -19.48
H41 FTT NA . -19.52 6.45 -17.26
H42 FTT NA . -20.11 4.99 -17.32
H51 FTT NA . -22.26 5.84 -16.84
H52 FTT NA . -21.67 7.30 -16.80
H61 FTT NA . -20.39 6.74 -14.90
H62 FTT NA . -20.96 5.26 -14.96
H71 FTT NA . -23.15 6.13 -14.59
H72 FTT NA . -22.52 7.57 -14.40
H81 FTT NA . -21.37 6.86 -12.49
H82 FTT NA . -21.91 5.39 -12.70
H91 FTT NA . -24.10 6.08 -12.20
H92 FTT NA . -23.61 7.58 -12.10
H101 FTT NA . -22.24 7.03 -10.27
H102 FTT NA . -22.74 5.53 -10.36
H111 FTT NA . -24.94 6.29 -9.79
H112 FTT NA . -24.33 7.74 -9.56
H121 FTT NA . -23.08 7.03 -7.78
H122 FTT NA . -23.29 5.50 -8.16
H131 FTT NA . -24.65 5.85 -6.36
H132 FTT NA . -25.63 5.81 -7.60
H141 FTT NA . -26.23 7.67 -6.37
H142 FTT NA . -25.51 8.22 -7.68
H143 FTT NA . -24.72 8.16 -6.31
HO3 FTT NA . -21.31 4.54 -19.75
C1 FTT OA . -20.39 10.92 -16.89
C2 FTT OA . -20.16 10.15 -15.59
C3 FTT OA . -21.16 10.63 -14.52
C4 FTT OA . -20.60 10.44 -13.11
C5 FTT OA . -21.79 10.21 -12.18
C6 FTT OA . -21.44 9.97 -10.71
C7 FTT OA . -20.08 10.52 -10.26
C8 FTT OA . -19.84 10.06 -8.82
C9 FTT OA . -18.48 10.53 -8.31
C10 FTT OA . -18.14 9.82 -6.99
C11 FTT OA . -16.75 10.25 -6.52
C12 FTT OA . -16.13 9.15 -5.67
C13 FTT OA . -16.93 8.98 -4.37
C14 FTT OA . -15.97 8.88 -3.18
O2 FTT OA . -21.43 10.68 -17.56
O3 FTT OA . -21.43 11.98 -14.73
H21 FTT OA . -19.26 10.31 -15.27
H22 FTT OA . -20.28 9.21 -15.74
H3 FTT OA . -21.98 10.12 -14.61
H41 FTT OA . -20.11 11.24 -12.83
H42 FTT OA . -20.01 9.66 -13.08
H51 FTT OA . -22.29 9.44 -12.51
H52 FTT OA . -22.37 10.99 -12.24
H61 FTT OA . -21.44 9.01 -10.56
H62 FTT OA . -22.13 10.37 -10.16
H71 FTT OA . -20.10 11.49 -10.29
H72 FTT OA . -19.38 10.18 -10.84
H81 FTT OA . -19.88 9.09 -8.79
H82 FTT OA . -20.54 10.42 -8.25
H91 FTT OA . -18.51 11.49 -8.16
H92 FTT OA . -17.80 10.33 -8.97
H101 FTT OA . -18.14 8.86 -7.14
H102 FTT OA . -18.80 10.06 -6.33
H111 FTT OA . -16.83 11.06 -5.99
H112 FTT OA . -16.19 10.43 -7.28
H121 FTT OA . -15.22 9.39 -5.45
H122 FTT OA . -16.13 8.32 -6.16
H131 FTT OA . -17.46 8.17 -4.43
H132 FTT OA . -17.52 9.74 -4.26
H141 FTT OA . -15.49 8.04 -3.23
H142 FTT OA . -16.49 8.92 -2.36
H143 FTT OA . -15.35 9.62 -3.21
HO3 FTT OA . -20.72 12.44 -14.61
C1 MYR PA . -16.64 8.20 -14.22
O1 MYR PA . -16.37 7.81 -15.39
C2 MYR PA . -17.63 7.46 -13.36
C3 MYR PA . -17.13 7.53 -11.93
C4 MYR PA . -18.21 7.20 -10.92
C5 MYR PA . -17.56 6.91 -9.58
C6 MYR PA . -18.56 6.39 -8.56
C7 MYR PA . -17.87 5.52 -7.53
C8 MYR PA . -18.87 5.00 -6.50
C9 MYR PA . -18.15 4.25 -5.40
C10 MYR PA . -18.77 4.45 -4.02
C11 MYR PA . -17.70 4.50 -2.93
C12 MYR PA . -18.34 4.52 -1.55
C13 MYR PA . -17.41 3.90 -0.52
C14 MYR PA . -18.05 3.91 0.86
H21 MYR PA . -17.71 6.43 -13.68
H22 MYR PA . -18.61 7.93 -13.44
H31 MYR PA . -16.75 8.53 -11.73
H32 MYR PA . -16.29 6.84 -11.81
H41 MYR PA . -18.77 6.33 -11.26
H42 MYR PA . -18.90 8.03 -10.83
H51 MYR PA . -17.10 7.82 -9.20
H52 MYR PA . -16.76 6.18 -9.71
H61 MYR PA . -19.34 5.81 -9.07
H62 MYR PA . -19.04 7.23 -8.06
H71 MYR PA . -17.10 6.09 -7.02
H72 MYR PA . -17.39 4.67 -8.03
H81 MYR PA . -19.59 4.33 -6.99
H82 MYR PA . -19.42 5.84 -6.08
H91 MYR PA . -17.11 4.58 -5.37
H92 MYR PA . -18.15 3.18 -5.64
H101 MYR PA . -19.46 3.63 -3.82
H102 MYR PA . -19.34 5.38 -4.02
H111 MYR PA . -17.10 5.40 -3.06
H112 MYR PA . -17.05 3.64 -3.01
H121 MYR PA . -19.28 3.97 -1.57
H122 MYR PA . -18.56 5.55 -1.26
H131 MYR PA . -16.48 4.46 -0.49
H132 MYR PA . -17.19 2.87 -0.81
H141 MYR PA . -19.04 4.36 0.81
H142 MYR PA . -17.42 4.49 1.55
H143 MYR PA . -18.14 2.89 1.22
O1 MES QA . 24.52 14.28 -12.36
C2 MES QA . 23.72 14.96 -13.33
C3 MES QA . 23.24 13.99 -14.39
N4 MES QA . 24.37 13.26 -14.96
C5 MES QA . 25.40 12.77 -14.06
C6 MES QA . 25.71 13.82 -12.99
C7 MES QA . 23.98 12.17 -15.84
C8 MES QA . 23.06 12.67 -16.96
S MES QA . 22.81 11.41 -18.02
O1S MES QA . 22.97 10.12 -17.32
O2S MES QA . 21.45 11.51 -18.58
O3S MES QA . 23.80 11.51 -19.11
H21 MES QA . 24.30 15.75 -13.79
H22 MES QA . 22.86 15.41 -12.82
H31 MES QA . 22.53 13.27 -13.96
H32 MES QA . 22.71 14.53 -15.18
HN4 MES QA . 24.83 13.94 -15.56
H51 MES QA . 26.31 12.53 -14.62
H52 MES QA . 25.06 11.84 -13.59
H61 MES QA . 26.37 13.38 -12.25
H62 MES QA . 26.23 14.65 -13.46
H71 MES QA . 24.88 11.74 -16.29
H72 MES QA . 23.48 11.40 -15.27
H81 MES QA . 22.11 12.99 -16.53
H82 MES QA . 23.52 13.51 -17.47
C1 FTT RA . 14.31 14.54 15.05
C2 FTT RA . 15.47 13.98 14.24
C3 FTT RA . 14.97 12.92 13.27
C4 FTT RA . 15.38 13.27 11.84
C5 FTT RA . 14.12 13.26 10.98
C6 FTT RA . 14.48 13.32 9.50
C7 FTT RA . 13.34 12.71 8.68
C8 FTT RA . 13.22 11.22 8.99
C9 FTT RA . 13.08 10.40 7.71
C10 FTT RA . 13.29 8.91 8.05
C11 FTT RA . 13.86 8.17 6.84
C12 FTT RA . 12.74 7.42 6.12
C13 FTT RA . 13.23 7.00 4.74
C14 FTT RA . 12.34 7.66 3.70
O2 FTT RA . 14.05 14.00 16.15
O3 FTT RA . 15.53 11.69 13.62
H21 FTT RA . 16.12 13.58 14.85
H22 FTT RA . 15.90 14.70 13.76
H3 FTT RA . 14.00 12.87 13.32
H41 FTT RA . 16.01 12.61 11.50
H42 FTT RA . 15.79 14.15 11.81
H51 FTT RA . 13.57 14.03 11.21
H52 FTT RA . 13.62 12.45 11.16
H61 FTT RA . 15.29 12.82 9.34
H62 FTT RA . 14.61 14.25 9.24
H71 FTT RA . 13.53 12.82 7.73
H72 FTT RA . 12.51 13.17 8.90
H81 FTT RA . 12.43 11.08 9.54
H82 FTT RA . 14.00 10.93 9.48
H91 FTT RA . 13.76 10.68 7.07
H92 FTT RA . 12.20 10.53 7.34
H101 FTT RA . 12.44 8.53 8.30
H102 FTT RA . 13.91 8.84 8.79
H111 FTT RA . 14.54 7.54 7.13
H112 FTT RA . 14.26 8.81 6.22
H121 FTT RA . 11.97 7.99 6.04
H122 FTT RA . 12.51 6.63 6.64
H131 FTT RA . 13.19 6.05 4.66
H132 FTT RA . 14.15 7.30 4.62
H141 FTT RA . 12.72 7.53 2.81
H142 FTT RA . 12.27 8.61 3.87
H143 FTT RA . 11.45 7.26 3.73
C1 MYR SA . 12.69 16.24 5.35
O1 MYR SA . 12.03 15.92 6.36
O2 MYR SA . 13.31 17.33 5.36
C2 MYR SA . 12.71 15.34 4.14
C3 MYR SA . 14.12 15.21 3.58
C4 MYR SA . 14.13 14.35 2.32
C5 MYR SA . 14.83 15.04 1.15
C6 MYR SA . 14.88 14.11 -0.06
C7 MYR SA . 15.63 14.74 -1.23
C8 MYR SA . 15.32 14.02 -2.54
C9 MYR SA . 16.22 14.53 -3.66
C10 MYR SA . 16.13 13.71 -4.94
C11 MYR SA . 16.67 14.54 -6.10
C12 MYR SA . 17.04 13.70 -7.32
C13 MYR SA . 17.80 14.56 -8.34
C14 MYR SA . 18.51 13.71 -9.38
H21 MYR SA . 12.06 15.75 3.37
H22 MYR SA . 12.33 14.35 4.40
H31 MYR SA . 14.77 14.75 4.34
H32 MYR SA . 14.52 16.19 3.36
H41 MYR SA . 13.10 14.12 2.04
H42 MYR SA . 14.64 13.40 2.53
H51 MYR SA . 15.84 15.32 1.44
H52 MYR SA . 14.29 15.95 0.89
H61 MYR SA . 13.86 13.86 -0.37
H62 MYR SA . 15.37 13.17 0.22
H71 MYR SA . 16.70 14.69 -1.04
H72 MYR SA . 15.34 15.79 -1.31
H81 MYR SA . 14.28 14.19 -2.82
H82 MYR SA . 15.47 12.95 -2.42
H91 MYR SA . 17.26 14.52 -3.31
H92 MYR SA . 15.97 15.57 -3.89
H101 MYR SA . 15.09 13.44 -5.14
H102 MYR SA . 16.71 12.79 -4.84
H111 MYR SA . 17.56 15.08 -5.76
H112 MYR SA . 15.93 15.28 -6.38
H121 MYR SA . 16.12 13.31 -7.78
H122 MYR SA . 17.65 12.86 -7.02
H131 MYR SA . 18.53 15.17 -7.82
H132 MYR SA . 17.10 15.23 -8.84
H141 MYR SA . 18.33 12.66 -9.19
H142 MYR SA . 19.58 13.91 -9.34
H143 MYR SA . 18.14 13.96 -10.38
CA CA TA . -3.46 -4.26 24.64
CA CA UA . -4.76 -6.98 27.29
CA CA VA . -0.10 -17.34 33.30
S SO4 WA . 26.28 -3.13 10.69
O1 SO4 WA . 25.88 -4.03 11.77
O2 SO4 WA . 25.22 -2.14 10.47
O3 SO4 WA . 27.53 -2.46 11.05
O4 SO4 WA . 26.51 -3.91 9.47
O1 MES XA . 26.88 -7.04 -7.83
C2 MES XA . 25.57 -6.63 -8.23
C3 MES XA . 25.49 -5.15 -8.57
N4 MES XA . 26.52 -4.85 -9.56
C5 MES XA . 27.87 -5.34 -9.27
C6 MES XA . 27.90 -6.02 -7.93
C7 MES XA . 26.01 -5.08 -10.91
C8 MES XA . 27.06 -4.80 -12.00
S MES XA . 26.62 -5.70 -13.34
O1S MES XA . 25.15 -5.80 -13.40
O2S MES XA . 27.14 -5.04 -14.55
O3S MES XA . 27.21 -7.04 -13.22
H21 MES XA . 24.89 -6.82 -7.39
H22 MES XA . 25.22 -7.22 -9.08
H31 MES XA . 24.50 -4.91 -8.98
H32 MES XA . 25.65 -4.55 -7.67
HN4 MES XA . 26.62 -3.84 -9.52
H51 MES XA . 28.57 -4.50 -9.27
H52 MES XA . 28.18 -6.04 -10.06
H61 MES XA . 28.87 -6.48 -7.78
H62 MES XA . 27.75 -5.28 -7.14
H71 MES XA . 25.69 -6.13 -10.99
H72 MES XA . 25.13 -4.46 -11.08
H81 MES XA . 27.06 -3.73 -12.25
H82 MES XA . 28.05 -5.08 -11.66
C1 PEG YA . 33.61 7.62 29.14
O1 PEG YA . 34.94 8.06 29.12
C2 PEG YA . 33.10 7.56 30.58
O2 PEG YA . 32.61 6.28 30.88
C3 PEG YA . 31.54 6.31 31.78
C4 PEG YA . 30.88 4.94 31.98
O4 PEG YA . 31.55 4.18 32.96
H11 PEG YA . 33.07 8.25 28.63
H12 PEG YA . 33.55 6.75 28.74
HO1 PEG YA . 35.01 8.75 28.63
H21 PEG YA . 33.83 7.77 31.18
H22 PEG YA . 32.39 8.21 30.69
H31 PEG YA . 31.84 6.63 32.64
H32 PEG YA . 30.86 6.93 31.45
H41 PEG YA . 29.97 5.07 32.26
H42 PEG YA . 30.89 4.46 31.15
HO4 PEG YA . 31.69 3.40 32.65
C1 PEG ZA . 18.93 -6.65 11.42
O1 PEG ZA . 20.05 -6.15 12.12
C2 PEG ZA . 18.80 -5.92 10.10
O2 PEG ZA . 19.27 -6.75 9.07
C3 PEG ZA . 19.02 -6.28 7.78
C4 PEG ZA . 19.85 -5.03 7.49
O4 PEG ZA . 21.16 -5.18 7.95
H11 PEG ZA . 18.13 -6.51 11.96
H12 PEG ZA . 19.05 -7.61 11.26
HO1 PEG ZA . 19.80 -5.57 12.67
H21 PEG ZA . 17.87 -5.70 9.93
H22 PEG ZA . 19.33 -5.11 10.12
H31 PEG ZA . 18.07 -6.07 7.70
H32 PEG ZA . 19.25 -6.97 7.13
H41 PEG ZA . 19.43 -4.28 7.95
H42 PEG ZA . 19.85 -4.86 6.54
HO4 PEG ZA . 21.59 -4.46 7.78
C1 PEG AB . 11.12 -9.06 4.98
O1 PEG AB . 10.14 -8.57 5.86
C2 PEG AB . 12.50 -8.60 5.44
O2 PEG AB . 12.62 -8.85 6.82
C3 PEG AB . 13.50 -8.01 7.50
C4 PEG AB . 14.89 -8.05 6.83
O4 PEG AB . 15.87 -7.67 7.77
H11 PEG AB . 10.95 -8.72 4.09
H12 PEG AB . 11.08 -10.02 4.97
HO1 PEG AB . 9.41 -8.46 5.44
H21 PEG AB . 13.18 -9.09 4.96
H22 PEG AB . 12.59 -7.65 5.28
H31 PEG AB . 13.58 -8.30 8.42
H32 PEG AB . 13.16 -7.10 7.48
H41 PEG AB . 14.90 -7.44 6.08
H42 PEG AB . 15.07 -8.95 6.53
HO4 PEG AB . 16.61 -7.56 7.37
C1 PEG BB . -7.60 -27.19 32.58
O1 PEG BB . -7.61 -26.48 33.79
C2 PEG BB . -6.78 -26.41 31.55
O2 PEG BB . -5.47 -26.88 31.60
C3 PEG BB . -4.66 -26.45 30.55
C4 PEG BB . -3.32 -27.14 30.68
O4 PEG BB . -3.03 -27.83 29.48
H11 PEG BB . -7.20 -28.06 32.71
H12 PEG BB . -8.50 -27.29 32.25
HO1 PEG BB . -8.27 -25.94 33.80
H21 PEG BB . -7.15 -26.54 30.67
H22 PEG BB . -6.79 -25.46 31.78
H31 PEG BB . -5.08 -26.67 29.71
H32 PEG BB . -4.54 -25.49 30.61
H41 PEG BB . -2.62 -26.49 30.84
H42 PEG BB . -3.34 -27.78 31.41
HO4 PEG BB . -2.77 -28.62 29.67
C1 PGE CB . -1.47 0.81 42.71
O1 PGE CB . -0.93 1.62 41.69
C2 PGE CB . -2.98 0.88 42.67
O2 PGE CB . -3.46 0.23 41.50
C3 PGE CB . -4.83 0.49 41.25
C4 PGE CB . -5.28 -0.31 40.04
O4 PGE CB . -3.24 -0.22 36.50
C6 PGE CB . -4.56 0.32 36.47
C5 PGE CB . -5.32 -0.21 37.68
O3 PGE CB . -4.69 0.23 38.87
H1 PGE CB . -1.17 -0.25 42.59
H12 PGE CB . -1.14 1.14 43.70
HO1 PGE CB . -0.34 1.08 41.15
H2 PGE CB . -3.39 0.40 43.58
H22 PGE CB . -3.29 1.93 42.70
H3 PGE CB . -5.45 0.21 42.12
H32 PGE CB . -4.99 1.56 41.05
H4 PGE CB . -4.98 -1.37 40.18
H42 PGE CB . -6.38 -0.28 39.98
HO4 PGE CB . -3.29 -1.17 36.43
H6 PGE CB . -5.10 0.00 35.56
H62 PGE CB . -4.57 1.41 36.52
H5 PGE CB . -5.34 -1.32 37.63
H52 PGE CB . -6.36 0.15 37.63
C1 PGE DB . -2.56 -9.33 41.04
O1 PGE DB . -3.46 -9.05 39.97
C2 PGE DB . -3.31 -9.51 42.34
O2 PGE DB . -3.86 -10.82 42.39
C3 PGE DB . -3.27 -11.67 43.36
C4 PGE DB . -2.10 -12.39 42.73
O4 PGE DB . 1.52 -13.61 42.82
C6 PGE DB . 0.51 -14.31 43.55
C5 PGE DB . -0.78 -14.33 42.76
O3 PGE DB . -1.76 -13.58 43.44
H1 PGE DB . -1.98 -10.25 40.85
H12 PGE DB . -1.84 -8.51 41.17
HO1 PGE DB . -3.66 -9.89 39.53
H2 PGE DB . -2.61 -9.34 43.18
H22 PGE DB . -4.10 -8.75 42.41
H3 PGE DB . -2.93 -11.10 44.24
H32 PGE DB . -4.01 -12.42 43.73
H4 PGE DB . -2.36 -12.63 41.69
H42 PGE DB . -1.24 -11.71 42.70
HO4 PGE DB . 2.36 -13.79 43.24
H6 PGE DB . 0.32 -13.82 44.53
H62 PGE DB . 0.80 -15.35 43.76
H5 PGE DB . -1.11 -15.37 42.62
H52 PGE DB . -0.59 -13.91 41.75
C1 PGE EB . 22.47 0.25 25.17
O1 PGE EB . 21.44 -0.19 26.07
C2 PGE EB . 23.80 0.24 25.90
O2 PGE EB . 24.26 -1.09 26.08
C3 PGE EB . 24.88 -1.24 27.33
C4 PGE EB . 23.80 -1.50 28.36
O4 PGE EB . 22.27 -5.35 27.67
C6 PGE EB . 22.23 -4.75 28.97
C5 PGE EB . 22.28 -3.25 28.81
O3 PGE EB . 23.60 -2.89 28.44
H1 PGE EB . 22.56 -0.40 24.29
H12 PGE EB . 22.28 1.28 24.82
HO1 PGE EB . 20.88 0.56 26.26
H2 PGE EB . 24.53 0.82 25.33
H22 PGE EB . 23.68 0.74 26.88
H3 PGE EB . 25.58 -2.09 27.32
H32 PGE EB . 25.44 -0.33 27.61
H4 PGE EB . 24.12 -1.09 29.33
H42 PGE EB . 22.88 -0.97 28.05
HO4 PGE EB . 21.38 -5.28 27.29
H6 PGE EB . 23.10 -5.06 29.58
H62 PGE EB . 21.32 -5.02 29.51
H5 PGE EB . 21.99 -2.77 29.76
H52 PGE EB . 21.55 -2.94 28.04
OH2 1PE FB . 27.70 16.18 46.65
C12 1PE FB . 26.42 15.65 46.40
C22 1PE FB . 25.63 16.63 45.53
OH3 1PE FB . 25.31 16.07 44.28
C13 1PE FB . 25.81 16.07 41.94
C23 1PE FB . 25.48 16.90 43.18
OH4 1PE FB . 27.17 16.22 41.61
C14 1PE FB . 29.26 15.40 40.75
C24 1PE FB . 27.73 15.21 40.81
OH5 1PE FB . 29.88 14.22 40.33
C15 1PE FB . 31.46 13.60 42.04
C25 1PE FB . 30.11 13.32 41.37
OH6 1PE FB . 31.27 13.74 43.43
C16 1PE FB . 30.92 15.25 45.25
C26 1PE FB . 31.69 14.97 43.96
OH7 1PE FB . 30.32 16.50 45.15
HO2 1PE FB . 28.26 15.55 46.72
H121 1PE FB . 26.51 14.81 45.94
H122 1PE FB . 25.97 15.52 47.24
H221 1PE FB . 24.82 16.88 45.99
H222 1PE FB . 26.18 17.43 45.39
H131 1PE FB . 25.64 15.13 42.13
H132 1PE FB . 25.27 16.36 41.19
H231 1PE FB . 24.66 17.39 43.02
H232 1PE FB . 26.21 17.52 43.35
H141 1PE FB . 29.46 16.12 40.12
H142 1PE FB . 29.58 15.66 41.63
H241 1PE FB . 27.54 14.34 41.19
H242 1PE FB . 27.36 15.28 39.92
H151 1PE FB . 32.06 12.87 41.87
H152 1PE FB . 31.83 14.42 41.68
H251 1PE FB . 29.41 13.40 42.03
H252 1PE FB . 30.11 12.41 41.01
H161 1PE FB . 30.25 14.57 45.38
H162 1PE FB . 31.55 15.24 46.00
H261 1PE FB . 32.64 14.93 44.15
H262 1PE FB . 31.52 15.68 43.32
HO7 1PE FB . 29.68 16.55 45.70
OH2 1PE GB . 20.83 7.86 21.06
C12 1PE GB . 22.12 8.11 21.55
C22 1PE GB . 22.95 6.83 21.59
OH3 1PE GB . 24.23 7.17 22.04
C13 1PE GB . 26.59 6.88 22.17
C23 1PE GB . 25.28 6.36 21.59
OH4 1PE GB . 27.54 5.85 22.09
C14 1PE GB . 29.28 5.01 20.75
C24 1PE GB . 28.77 6.21 21.52
OH5 1PE GB . 30.29 4.39 21.50
C15 1PE GB . 30.14 2.21 20.55
C25 1PE GB . 29.97 3.06 21.80
OH6 1PE GB . 31.17 1.30 20.82
C16 1PE GB . 31.57 -0.87 21.67
C26 1PE GB . 30.87 -0.05 20.60
OH7 1PE GB . 32.44 -0.04 22.41
HO2 1PE GB . 20.49 8.58 20.75
H121 1PE GB . 22.56 8.75 20.97
H122 1PE GB . 22.05 8.48 22.44
H221 1PE GB . 22.55 6.19 22.20
H222 1PE GB . 23.00 6.45 20.70
H131 1PE GB . 26.89 7.64 21.64
H132 1PE GB . 26.47 7.14 23.09
H231 1PE GB . 25.31 6.39 20.61
H232 1PE GB . 25.13 5.45 21.88
H141 1PE GB . 29.65 5.30 19.89
H142 1PE GB . 28.56 4.38 20.58
H241 1PE GB . 28.66 6.96 20.93
H242 1PE GB . 29.39 6.44 22.23
H151 1PE GB . 29.33 1.73 20.36
H152 1PE GB . 30.39 2.78 19.80
H251 1PE GB . 30.54 2.74 22.51
H252 1PE GB . 29.04 3.01 22.09
H161 1PE GB . 30.92 -1.27 22.27
H162 1PE GB . 32.10 -1.58 21.25
H261 1PE GB . 31.17 -0.32 19.72
H262 1PE GB . 29.91 -0.18 20.68
HO7 1PE GB . 33.24 -0.22 22.20
P PO4 HB . 18.78 14.96 21.69
O1 PO4 HB . 17.59 15.57 22.40
O2 PO4 HB . 20.01 15.72 22.09
O3 PO4 HB . 18.62 15.06 20.19
O4 PO4 HB . 18.93 13.51 22.09
P PO4 IB . 8.57 18.01 14.95
O2 PO4 IB . 7.90 18.69 16.11
O3 PO4 IB . 7.89 18.44 13.67
O4 PO4 IB . 8.50 16.51 15.12
C1 FTT JB . 18.89 11.41 18.31
C2 FTT JB . 20.17 10.58 18.51
C3 FTT JB . 19.93 9.11 18.16
C4 FTT JB . 19.67 8.91 16.66
C5 FTT JB . 20.85 9.34 15.78
C6 FTT JB . 20.54 8.99 14.32
C7 FTT JB . 21.72 9.36 13.43
C8 FTT JB . 21.56 8.79 12.02
C9 FTT JB . 22.59 9.41 11.06
C10 FTT JB . 22.49 8.73 9.69
C11 FTT JB . 23.48 9.32 8.69
C12 FTT JB . 23.18 8.68 7.33
C13 FTT JB . 24.32 8.86 6.33
C14 FTT JB . 24.31 10.28 5.78
O2 FTT JB . 17.84 10.85 17.91
O3 FTT JB . 21.05 8.35 18.55
H21 FTT JB . 20.46 10.65 19.43
H22 FTT JB . 20.87 10.94 17.94
H3 FTT JB . 19.16 8.80 18.65
H41 FTT JB . 18.90 9.43 16.41
H42 FTT JB . 19.48 7.98 16.50
H51 FTT JB . 21.65 8.87 16.06
H52 FTT JB . 20.99 10.29 15.86
H61 FTT JB . 19.75 9.47 14.03
H62 FTT JB . 20.37 8.04 14.24
H71 FTT JB . 22.54 9.02 13.82
H72 FTT JB . 21.79 10.33 13.38
H81 FTT JB . 20.67 8.98 11.70
H82 FTT JB . 21.70 7.83 12.05
H91 FTT JB . 23.48 9.30 11.41
H92 FTT JB . 22.39 10.36 10.96
H101 FTT JB . 21.59 8.84 9.35
H102 FTT JB . 22.67 7.78 9.80
H111 FTT JB . 24.39 9.10 8.95
H112 FTT JB . 23.37 10.27 8.64
H121 FTT JB . 22.38 9.11 6.96
H122 FTT JB . 23.00 7.74 7.44
H131 FTT JB . 24.22 8.22 5.61
H132 FTT JB . 25.16 8.70 6.79
H141 FTT JB . 25.12 10.44 5.26
H142 FTT JB . 24.27 10.92 6.51
H143 FTT JB . 23.54 10.40 5.20
HO3 FTT JB . 21.75 8.75 18.30
C1 FTT KB . 19.57 13.82 15.54
C2 FTT KB . 19.47 13.02 14.25
C3 FTT KB . 20.56 13.50 13.32
C4 FTT KB . 20.58 12.54 12.13
C5 FTT KB . 20.64 13.27 10.80
C6 FTT KB . 19.36 12.98 9.99
C7 FTT KB . 19.76 12.55 8.58
C8 FTT KB . 18.77 13.12 7.56
C9 FTT KB . 17.94 11.99 6.95
C10 FTT KB . 17.80 12.22 5.45
C11 FTT KB . 16.52 11.54 4.98
C12 FTT KB . 16.69 10.99 3.56
C13 FTT KB . 15.65 9.91 3.30
C14 FTT KB . 14.64 10.41 2.28
O2 FTT KB . 20.66 13.79 16.18
O3 FTT KB . 20.27 14.82 12.95
H21 FTT KB . 18.60 13.17 13.85
H22 FTT KB . 19.58 12.08 14.44
H3 FTT KB . 21.42 13.46 13.78
H41 FTT KB . 19.78 11.99 12.16
H42 FTT KB . 21.35 11.96 12.21
H51 FTT KB . 21.40 12.95 10.29
H52 FTT KB . 20.72 14.22 10.94
H61 FTT KB . 18.82 13.78 9.95
H62 FTT KB . 18.86 12.27 10.42
H71 FTT KB . 19.75 11.59 8.53
H72 FTT KB . 20.64 12.88 8.38
H81 FTT KB . 19.25 13.58 6.86
H82 FTT KB . 18.17 13.74 8.01
H91 FTT KB . 17.06 11.97 7.36
H92 FTT KB . 18.38 11.14 7.10
H101 FTT KB . 18.56 11.83 4.98
H102 FTT KB . 17.76 13.17 5.26
H111 FTT KB . 15.80 12.19 4.99
H112 FTT KB . 16.30 10.81 5.58
H121 FTT KB . 17.58 10.62 3.47
H122 FTT KB . 16.57 11.71 2.93
H131 FTT KB . 15.19 9.70 4.13
H132 FTT KB . 16.08 9.11 2.97
H141 FTT KB . 14.10 11.11 2.66
H142 FTT KB . 14.06 9.68 2.00
H143 FTT KB . 15.12 10.75 1.50
HO3 FTT KB . 20.26 15.31 13.65
C1 MYR LB . 16.09 10.46 13.48
O1 MYR LB . 15.92 9.73 14.49
C2 MYR LB . 15.94 9.85 12.10
C3 MYR LB . 17.27 9.51 11.44
C4 MYR LB . 17.01 9.35 9.94
C5 MYR LB . 17.94 8.38 9.22
C6 MYR LB . 17.50 8.26 7.77
C7 MYR LB . 18.28 7.24 6.93
C8 MYR LB . 17.48 6.89 5.69
C9 MYR LB . 18.31 6.25 4.57
C10 MYR LB . 17.58 6.39 3.24
C11 MYR LB . 18.27 5.60 2.13
C12 MYR LB . 17.59 5.79 0.77
C13 MYR LB . 18.44 5.17 -0.34
C14 MYR LB . 17.73 5.21 -1.69
H21 MYR LB . 15.39 10.56 11.48
H22 MYR LB . 15.33 8.95 12.18
H31 MYR LB . 17.66 8.59 11.85
H32 MYR LB . 17.99 10.31 11.61
H41 MYR LB . 17.09 10.34 9.48
H42 MYR LB . 15.98 9.02 9.80
H51 MYR LB . 17.92 7.41 9.71
H52 MYR LB . 18.97 8.76 9.27
H61 MYR LB . 17.59 9.24 7.29
H62 MYR LB . 16.44 7.99 7.75
H71 MYR LB . 18.46 6.34 7.52
H72 MYR LB . 19.24 7.66 6.65
H81 MYR LB . 17.01 7.80 5.30
H82 MYR LB . 16.67 6.20 5.96
H91 MYR LB . 18.47 5.20 4.80
H92 MYR LB . 19.29 6.73 4.52
H101 MYR LB . 17.55 7.45 2.96
H102 MYR LB . 16.56 6.04 3.35
H111 MYR LB . 18.26 4.54 2.38
H112 MYR LB . 19.31 5.93 2.05
H121 MYR LB . 17.45 6.85 0.57
H122 MYR LB . 16.61 5.32 0.79
H131 MYR LB . 18.67 4.14 -0.08
H132 MYR LB . 19.38 5.71 -0.41
H141 MYR LB . 16.75 5.68 -1.57
H142 MYR LB . 17.60 4.20 -2.06
H143 MYR LB . 18.33 5.79 -2.39
#